data_4ECL
#
_entry.id   4ECL
#
_cell.length_a   78.682
_cell.length_b   82.341
_cell.length_c   117.468
_cell.angle_alpha   90.00
_cell.angle_beta   90.14
_cell.angle_gamma   90.00
#
_symmetry.space_group_name_H-M   'P 1 21 1'
#
loop_
_entity.id
_entity.type
_entity.pdbx_description
1 polymer 'Serine racemase'
2 non-polymer 'CHLORIDE ION'
3 non-polymer 'SULFATE ION'
4 water water
#
_entity_poly.entity_id   1
_entity_poly.type   'polypeptide(L)'
_entity_poly.pdbx_seq_one_letter_code
;TADTDRAYLEINLNNLEHNVNTLQKA(MSE)SPKCEL(MSE)AVVKAEAYGHG(MSE)YEVTTYLEQIGVSSFAVATIDE
GIRLRKYGISSEILILGYTSPSRAKELCKYELTQTLIDYRYSLLLNKQGYDIKAHIKIDTG(MSE)HRLGFSTEDKDKIL
AAFSLKHIKVAGIFTHLCAADSLEENDVAFTNKQIGSFYKVLDWLKSSGLNIPKVHIQSSYGLLNYPELECDYIRVGVAL
YGVLSSTNDKTKLELDLRPVLSLKAKVVLIRKIKQGESVGYSRAFTATRDSLIAILPIGYADGFPRNLSCGNSYVLIGGR
QAPIVGKIC(MSE)DQLAVDVTDIPNVKTGSIATLIGKDGKEEITAP(MSE)VAESAESITNELLSR(MSE)GHRLNIIR
RA
;
_entity_poly.pdbx_strand_id   A,B,C,D
#
loop_
_chem_comp.id
_chem_comp.type
_chem_comp.name
_chem_comp.formula
CL non-polymer 'CHLORIDE ION' 'Cl -1'
SO4 non-polymer 'SULFATE ION' 'O4 S -2'
#
# COMPACT_ATOMS: atom_id res chain seq x y z
N ALA A 2 5.66 48.20 -10.11
CA ALA A 2 6.33 47.05 -9.52
C ALA A 2 5.99 45.78 -10.31
N ASP A 3 4.71 45.51 -10.43
CA ASP A 3 4.24 44.42 -11.27
C ASP A 3 4.31 44.87 -12.72
N THR A 4 4.41 46.18 -12.93
CA THR A 4 4.52 46.73 -14.28
C THR A 4 5.97 47.03 -14.68
N ASP A 5 6.92 46.72 -13.81
CA ASP A 5 8.31 47.10 -14.07
C ASP A 5 8.95 46.45 -15.31
N ARG A 6 8.56 45.21 -15.63
CA ARG A 6 9.24 44.43 -16.66
C ARG A 6 8.35 44.02 -17.84
N ALA A 7 7.51 43.02 -17.63
CA ALA A 7 6.59 42.57 -18.67
C ALA A 7 5.35 42.06 -17.98
N TYR A 8 4.20 42.34 -18.57
CA TYR A 8 2.96 42.02 -17.89
C TYR A 8 1.80 41.90 -18.84
N LEU A 9 0.75 41.23 -18.38
CA LEU A 9 -0.51 41.15 -19.09
C LEU A 9 -1.47 42.13 -18.44
N GLU A 10 -2.26 42.79 -19.27
CA GLU A 10 -3.26 43.73 -18.80
C GLU A 10 -4.61 43.17 -19.21
N ILE A 11 -5.48 42.97 -18.22
CA ILE A 11 -6.77 42.33 -18.44
C ILE A 11 -7.90 43.37 -18.38
N ASN A 12 -8.53 43.63 -19.52
CA ASN A 12 -9.58 44.64 -19.57
C ASN A 12 -10.91 44.06 -19.09
N LEU A 13 -11.18 44.25 -17.80
CA LEU A 13 -12.38 43.67 -17.19
C LEU A 13 -13.68 44.25 -17.75
N ASN A 14 -13.64 45.51 -18.14
CA ASN A 14 -14.78 46.11 -18.79
C ASN A 14 -15.11 45.40 -20.09
N ASN A 15 -14.07 45.10 -20.85
CA ASN A 15 -14.26 44.39 -22.12
C ASN A 15 -14.79 42.98 -21.90
N LEU A 16 -14.33 42.34 -20.83
CA LEU A 16 -14.77 40.98 -20.48
C LEU A 16 -16.25 40.96 -20.14
N GLU A 17 -16.68 41.96 -19.35
CA GLU A 17 -18.07 42.12 -18.95
C GLU A 17 -18.94 42.40 -20.18
N HIS A 18 -18.42 43.20 -21.11
CA HIS A 18 -19.14 43.45 -22.35
C HIS A 18 -19.35 42.15 -23.09
N ASN A 19 -18.31 41.32 -23.15
CA ASN A 19 -18.42 40.04 -23.83
C ASN A 19 -19.46 39.12 -23.21
N VAL A 20 -19.46 39.03 -21.88
CA VAL A 20 -20.43 38.20 -21.17
C VAL A 20 -21.87 38.61 -21.51
N ASN A 21 -22.12 39.91 -21.50
CA ASN A 21 -23.43 40.41 -21.88
C ASN A 21 -23.78 40.15 -23.35
N THR A 22 -22.82 40.36 -24.24
CA THR A 22 -23.06 40.18 -25.66
C THR A 22 -23.39 38.73 -25.96
N LEU A 23 -22.67 37.84 -25.29
CA LEU A 23 -22.86 36.41 -25.50
C LEU A 23 -24.20 35.94 -24.93
N GLN A 24 -24.54 36.37 -23.72
CA GLN A 24 -25.80 35.97 -23.12
C GLN A 24 -26.99 36.42 -23.97
N LYS A 25 -26.83 37.57 -24.62
CA LYS A 25 -27.88 38.12 -25.48
C LYS A 25 -28.17 37.23 -26.67
N ALA A 26 -27.14 36.59 -27.20
CA ALA A 26 -27.32 35.70 -28.34
C ALA A 26 -27.86 34.33 -27.92
N MSE A 27 -28.01 34.12 -26.62
CA MSE A 27 -28.46 32.83 -26.08
C MSE A 27 -29.95 32.80 -25.80
O MSE A 27 -30.55 33.85 -25.57
CB MSE A 27 -27.75 32.53 -24.76
CG MSE A 27 -26.30 32.25 -24.90
SE MSE A 27 -25.58 31.67 -23.18
CE MSE A 27 -23.74 32.01 -23.67
N SER A 28 -30.54 31.61 -25.78
CA SER A 28 -31.90 31.43 -25.29
C SER A 28 -31.95 31.82 -23.82
N PRO A 29 -33.09 32.35 -23.38
CA PRO A 29 -33.22 32.86 -22.01
C PRO A 29 -32.80 31.85 -20.94
N LYS A 30 -33.11 30.58 -21.17
CA LYS A 30 -32.86 29.54 -20.16
C LYS A 30 -31.50 28.85 -20.35
N CYS A 31 -30.81 29.20 -21.44
CA CYS A 31 -29.49 28.67 -21.69
C CYS A 31 -28.45 29.46 -20.91
N GLU A 32 -27.59 28.75 -20.21
CA GLU A 32 -26.63 29.37 -19.31
C GLU A 32 -25.21 29.43 -19.90
N LEU A 33 -24.52 30.53 -19.66
CA LEU A 33 -23.15 30.67 -20.10
C LEU A 33 -22.24 29.83 -19.20
N MSE A 34 -21.51 28.88 -19.81
CA MSE A 34 -20.49 28.14 -19.07
C MSE A 34 -19.10 28.65 -19.46
O MSE A 34 -18.62 28.37 -20.56
CB MSE A 34 -20.59 26.63 -19.30
CG MSE A 34 -19.61 25.85 -18.43
SE MSE A 34 -19.68 23.92 -18.65
CE MSE A 34 -21.21 23.52 -17.49
N ALA A 35 -18.50 29.40 -18.56
CA ALA A 35 -17.26 30.06 -18.90
C ALA A 35 -16.13 29.04 -18.79
N VAL A 36 -15.43 28.85 -19.90
CA VAL A 36 -14.33 27.91 -19.93
C VAL A 36 -13.05 28.62 -19.46
N VAL A 37 -12.59 28.28 -18.25
CA VAL A 37 -11.47 29.01 -17.65
C VAL A 37 -10.20 28.16 -17.45
N LYS A 38 -10.12 27.06 -18.19
CA LYS A 38 -8.97 26.16 -18.13
C LYS A 38 -7.71 26.86 -18.66
N ALA A 39 -6.55 26.29 -18.35
CA ALA A 39 -5.24 26.86 -18.70
C ALA A 39 -5.08 28.31 -18.32
N GLU A 40 -5.22 28.62 -17.03
CA GLU A 40 -5.13 29.98 -16.54
C GLU A 40 -6.07 30.91 -17.29
N ALA A 41 -7.30 30.43 -17.53
CA ALA A 41 -8.30 31.15 -18.30
C ALA A 41 -7.72 31.59 -19.64
N TYR A 42 -7.26 30.62 -20.40
CA TYR A 42 -6.63 30.87 -21.70
C TYR A 42 -5.54 31.92 -21.58
N GLY A 43 -4.81 31.85 -20.47
CA GLY A 43 -3.66 32.73 -20.24
C GLY A 43 -3.98 34.06 -19.61
N HIS A 44 -5.26 34.35 -19.42
CA HIS A 44 -5.71 35.64 -18.91
C HIS A 44 -5.54 35.76 -17.40
N GLY A 45 -5.23 34.65 -16.75
CA GLY A 45 -5.18 34.63 -15.30
C GLY A 45 -6.46 34.08 -14.73
N MSE A 46 -6.41 32.85 -14.21
CA MSE A 46 -7.61 32.19 -13.74
C MSE A 46 -8.20 32.87 -12.51
O MSE A 46 -9.41 32.98 -12.38
CB MSE A 46 -7.38 30.70 -13.47
CG MSE A 46 -8.66 29.87 -13.60
SE MSE A 46 -8.42 27.99 -13.20
CE MSE A 46 -7.05 27.56 -14.51
N TYR A 47 -7.33 33.34 -11.62
CA TYR A 47 -7.80 33.99 -10.40
C TYR A 47 -8.53 35.29 -10.74
N GLU A 48 -7.88 36.11 -11.56
CA GLU A 48 -8.42 37.41 -11.92
C GLU A 48 -9.73 37.25 -12.66
N VAL A 49 -9.73 36.39 -13.68
CA VAL A 49 -10.89 36.29 -14.54
C VAL A 49 -12.10 35.66 -13.86
N THR A 50 -11.90 34.52 -13.21
CA THR A 50 -13.01 33.77 -12.64
C THR A 50 -13.70 34.49 -11.48
N THR A 51 -12.94 35.11 -10.60
CA THR A 51 -13.57 35.88 -9.51
C THR A 51 -14.44 37.01 -10.09
N TYR A 52 -13.95 37.68 -11.13
CA TYR A 52 -14.71 38.75 -11.76
C TYR A 52 -15.96 38.20 -12.47
N LEU A 53 -15.81 37.09 -13.17
CA LEU A 53 -16.94 36.46 -13.83
C LEU A 53 -18.05 36.12 -12.86
N GLU A 54 -17.68 35.52 -11.73
CA GLU A 54 -18.67 35.22 -10.69
C GLU A 54 -19.26 36.51 -10.13
N GLN A 55 -18.44 37.56 -10.03
CA GLN A 55 -18.94 38.83 -9.52
C GLN A 55 -20.05 39.37 -10.42
N ILE A 56 -19.85 39.25 -11.73
CA ILE A 56 -20.82 39.82 -12.65
C ILE A 56 -21.98 38.88 -12.98
N GLY A 57 -22.02 37.72 -12.32
CA GLY A 57 -23.19 36.86 -12.37
C GLY A 57 -23.07 35.57 -13.17
N VAL A 58 -21.91 35.30 -13.75
CA VAL A 58 -21.68 33.98 -14.35
C VAL A 58 -21.75 32.96 -13.23
N SER A 59 -22.52 31.89 -13.44
CA SER A 59 -22.72 30.91 -12.38
C SER A 59 -22.39 29.47 -12.80
N SER A 60 -21.52 29.33 -13.80
CA SER A 60 -21.10 28.03 -14.28
C SER A 60 -19.71 28.11 -14.95
N PHE A 61 -18.79 27.23 -14.52
CA PHE A 61 -17.41 27.23 -15.02
C PHE A 61 -16.95 25.82 -15.45
N ALA A 62 -16.10 25.78 -16.47
CA ALA A 62 -15.47 24.54 -16.93
C ALA A 62 -13.95 24.65 -16.79
N VAL A 63 -13.32 23.60 -16.28
CA VAL A 63 -11.86 23.54 -16.19
C VAL A 63 -11.39 22.24 -16.81
N ALA A 64 -10.10 22.12 -17.07
CA ALA A 64 -9.59 20.90 -17.67
C ALA A 64 -9.32 19.80 -16.65
N THR A 65 -8.94 20.19 -15.44
CA THR A 65 -8.47 19.22 -14.46
C THR A 65 -9.01 19.51 -13.07
N ILE A 66 -9.01 18.50 -12.22
CA ILE A 66 -9.47 18.66 -10.83
C ILE A 66 -8.62 19.69 -10.07
N ASP A 67 -7.34 19.78 -10.40
CA ASP A 67 -6.46 20.75 -9.71
C ASP A 67 -6.83 22.20 -10.05
N GLU A 68 -7.24 22.44 -11.28
CA GLU A 68 -7.83 23.72 -11.62
C GLU A 68 -9.12 23.97 -10.85
N GLY A 69 -9.97 22.96 -10.78
CA GLY A 69 -11.22 23.06 -10.04
C GLY A 69 -11.04 23.37 -8.56
N ILE A 70 -10.11 22.65 -7.93
CA ILE A 70 -9.80 22.88 -6.52
C ILE A 70 -9.25 24.31 -6.31
N ARG A 71 -8.40 24.77 -7.22
CA ARG A 71 -7.89 26.15 -7.16
C ARG A 71 -9.02 27.18 -7.18
N LEU A 72 -10.01 26.96 -8.04
CA LEU A 72 -11.17 27.85 -8.11
C LEU A 72 -11.87 27.95 -6.77
N ARG A 73 -12.08 26.80 -6.15
CA ARG A 73 -12.71 26.73 -4.84
C ARG A 73 -11.90 27.53 -3.81
N LYS A 74 -10.58 27.44 -3.92
CA LYS A 74 -9.70 28.18 -3.01
C LYS A 74 -9.74 29.67 -3.31
N TYR A 75 -10.07 30.05 -4.55
CA TYR A 75 -10.21 31.46 -4.89
C TYR A 75 -11.54 32.02 -4.39
N GLY A 76 -12.38 31.16 -3.83
CA GLY A 76 -13.68 31.59 -3.33
C GLY A 76 -14.82 31.39 -4.32
N ILE A 77 -14.55 30.65 -5.40
CA ILE A 77 -15.59 30.38 -6.40
C ILE A 77 -16.62 29.44 -5.81
N SER A 78 -17.88 29.82 -5.85
CA SER A 78 -18.93 29.05 -5.21
C SER A 78 -19.87 28.42 -6.23
N SER A 79 -19.79 28.88 -7.48
CA SER A 79 -20.63 28.34 -8.54
C SER A 79 -20.26 26.92 -8.95
N GLU A 80 -21.10 26.29 -9.76
CA GLU A 80 -20.79 24.96 -10.25
C GLU A 80 -19.56 24.99 -11.16
N ILE A 81 -18.78 23.93 -11.08
CA ILE A 81 -17.57 23.78 -11.88
C ILE A 81 -17.57 22.39 -12.51
N LEU A 82 -17.32 22.33 -13.82
CA LEU A 82 -17.23 21.08 -14.54
C LEU A 82 -15.78 20.80 -14.94
N ILE A 83 -15.26 19.64 -14.53
CA ILE A 83 -13.96 19.18 -14.99
C ILE A 83 -14.15 18.41 -16.28
N LEU A 84 -13.62 18.96 -17.36
CA LEU A 84 -13.85 18.44 -18.71
C LEU A 84 -13.09 17.17 -19.05
N GLY A 85 -12.00 16.91 -18.34
CA GLY A 85 -11.15 15.78 -18.65
C GLY A 85 -11.10 14.71 -17.57
N TYR A 86 -10.21 13.75 -17.74
CA TYR A 86 -10.09 12.64 -16.79
C TYR A 86 -9.75 13.13 -15.40
N THR A 87 -10.34 12.52 -14.38
CA THR A 87 -9.86 12.69 -13.01
C THR A 87 -9.66 11.32 -12.40
N SER A 88 -8.46 11.04 -11.89
CA SER A 88 -8.18 9.79 -11.21
C SER A 88 -9.23 9.48 -10.15
N PRO A 89 -9.86 8.30 -10.24
CA PRO A 89 -10.87 7.93 -9.25
C PRO A 89 -10.31 7.91 -7.83
N SER A 90 -8.99 7.86 -7.70
CA SER A 90 -8.35 7.85 -6.39
C SER A 90 -8.53 9.19 -5.71
N ARG A 91 -9.00 10.18 -6.46
CA ARG A 91 -9.21 11.50 -5.89
C ARG A 91 -10.70 11.79 -5.78
N ALA A 92 -11.51 10.73 -5.71
CA ALA A 92 -12.96 10.88 -5.65
C ALA A 92 -13.40 11.62 -4.39
N LYS A 93 -12.58 11.53 -3.34
CA LYS A 93 -12.87 12.21 -2.09
C LYS A 93 -12.79 13.73 -2.26
N GLU A 94 -11.81 14.19 -3.04
CA GLU A 94 -11.66 15.61 -3.31
C GLU A 94 -12.78 16.13 -4.20
N LEU A 95 -13.21 15.31 -5.15
CA LEU A 95 -14.33 15.66 -6.02
C LEU A 95 -15.54 15.92 -5.16
N CYS A 96 -15.72 15.06 -4.16
CA CYS A 96 -16.89 15.13 -3.29
C CYS A 96 -16.80 16.35 -2.38
N LYS A 97 -15.64 16.53 -1.73
CA LYS A 97 -15.43 17.60 -0.76
C LYS A 97 -15.46 18.98 -1.39
N TYR A 98 -14.90 19.09 -2.59
CA TYR A 98 -14.88 20.38 -3.28
C TYR A 98 -16.07 20.57 -4.22
N GLU A 99 -17.02 19.64 -4.15
CA GLU A 99 -18.27 19.73 -4.91
C GLU A 99 -18.02 20.01 -6.38
N LEU A 100 -17.03 19.33 -6.94
CA LEU A 100 -16.73 19.47 -8.36
C LEU A 100 -17.57 18.49 -9.18
N THR A 101 -18.02 18.92 -10.34
CA THR A 101 -18.76 18.05 -11.25
C THR A 101 -17.77 17.40 -12.20
N GLN A 102 -17.83 16.07 -12.32
CA GLN A 102 -16.86 15.32 -13.10
C GLN A 102 -17.41 14.84 -14.45
N THR A 103 -16.61 14.96 -15.51
CA THR A 103 -17.01 14.39 -16.80
C THR A 103 -16.82 12.86 -16.80
N LEU A 104 -17.88 12.13 -17.18
CA LEU A 104 -17.77 10.69 -17.37
C LEU A 104 -17.21 10.40 -18.76
N ILE A 105 -15.94 10.04 -18.81
CA ILE A 105 -15.25 9.95 -20.09
C ILE A 105 -15.50 8.66 -20.84
N ASP A 106 -15.86 7.60 -20.09
CA ASP A 106 -16.37 6.35 -20.66
C ASP A 106 -16.98 5.40 -19.58
N TYR A 107 -17.54 4.28 -20.02
CA TYR A 107 -18.23 3.38 -19.10
C TYR A 107 -17.34 2.81 -17.98
N ARG A 108 -16.26 2.13 -18.36
CA ARG A 108 -15.26 1.63 -17.41
C ARG A 108 -14.85 2.69 -16.38
N TYR A 109 -14.63 3.91 -16.83
CA TYR A 109 -14.27 4.99 -15.92
C TYR A 109 -15.41 5.24 -14.94
N SER A 110 -16.63 5.32 -15.49
CA SER A 110 -17.81 5.59 -14.69
C SER A 110 -17.99 4.59 -13.57
N LEU A 111 -17.74 3.31 -13.88
CA LEU A 111 -17.90 2.25 -12.90
C LEU A 111 -16.88 2.39 -11.79
N LEU A 112 -15.62 2.62 -12.19
CA LEU A 112 -14.50 2.74 -11.27
C LEU A 112 -14.64 3.93 -10.32
N LEU A 113 -15.12 5.05 -10.84
CA LEU A 113 -15.37 6.22 -10.01
C LEU A 113 -16.49 5.96 -9.00
N ASN A 114 -17.52 5.25 -9.45
CA ASN A 114 -18.66 4.89 -8.60
C ASN A 114 -18.22 4.00 -7.43
N LYS A 115 -17.29 3.10 -7.71
CA LYS A 115 -16.83 2.13 -6.72
C LYS A 115 -16.04 2.76 -5.59
N GLN A 116 -15.61 4.01 -5.78
CA GLN A 116 -14.86 4.71 -4.73
C GLN A 116 -15.77 5.03 -3.54
N GLY A 117 -17.09 5.00 -3.77
CA GLY A 117 -18.06 5.14 -2.70
C GLY A 117 -18.44 6.57 -2.32
N TYR A 118 -17.90 7.54 -3.05
CA TYR A 118 -18.21 8.95 -2.79
C TYR A 118 -19.33 9.49 -3.68
N ASP A 119 -20.24 10.25 -3.09
CA ASP A 119 -21.31 10.90 -3.83
C ASP A 119 -20.76 12.06 -4.67
N ILE A 120 -20.89 11.93 -5.98
CA ILE A 120 -20.24 12.82 -6.93
C ILE A 120 -21.23 13.27 -8.00
N LYS A 121 -21.24 14.57 -8.32
CA LYS A 121 -22.05 15.06 -9.42
C LYS A 121 -21.30 14.88 -10.74
N ALA A 122 -22.02 14.59 -11.82
CA ALA A 122 -21.32 14.30 -13.07
C ALA A 122 -22.07 14.75 -14.32
N HIS A 123 -21.33 14.92 -15.40
CA HIS A 123 -21.94 15.06 -16.72
C HIS A 123 -21.36 13.95 -17.57
N ILE A 124 -22.23 13.20 -18.26
CA ILE A 124 -21.71 12.15 -19.13
C ILE A 124 -21.36 12.74 -20.49
N LYS A 125 -20.21 12.33 -21.02
CA LYS A 125 -19.78 12.83 -22.31
C LYS A 125 -20.09 11.80 -23.37
N ILE A 126 -20.59 12.26 -24.51
CA ILE A 126 -20.88 11.34 -25.60
C ILE A 126 -19.93 11.64 -26.74
N ASP A 127 -19.24 10.62 -27.23
CA ASP A 127 -18.39 10.83 -28.40
C ASP A 127 -19.29 10.78 -29.64
N THR A 128 -19.36 11.88 -30.37
CA THR A 128 -20.19 11.89 -31.57
C THR A 128 -19.38 11.98 -32.87
N GLY A 129 -18.06 11.79 -32.78
CA GLY A 129 -17.25 11.79 -33.98
C GLY A 129 -15.82 12.29 -33.75
N MSE A 130 -15.61 12.96 -32.63
CA MSE A 130 -14.29 13.46 -32.28
C MSE A 130 -13.35 12.31 -31.97
O MSE A 130 -12.14 12.39 -32.24
CB MSE A 130 -14.40 14.40 -31.08
CG MSE A 130 -13.10 14.68 -30.36
SE MSE A 130 -13.05 16.54 -29.79
CE MSE A 130 -13.35 17.31 -31.56
N HIS A 131 -13.90 11.23 -31.43
CA HIS A 131 -13.15 10.02 -31.15
C HIS A 131 -11.98 10.23 -30.19
N ARG A 132 -12.18 11.10 -29.21
CA ARG A 132 -11.25 11.22 -28.11
C ARG A 132 -11.94 10.69 -26.85
N LEU A 133 -12.46 11.58 -26.03
CA LEU A 133 -13.18 11.13 -24.83
C LEU A 133 -14.66 10.95 -25.14
N GLY A 134 -15.33 10.14 -24.31
CA GLY A 134 -16.78 10.00 -24.40
C GLY A 134 -17.24 8.59 -24.69
N PHE A 135 -18.47 8.30 -24.24
CA PHE A 135 -19.18 7.05 -24.55
C PHE A 135 -19.50 7.03 -26.04
N SER A 136 -19.36 5.87 -26.69
CA SER A 136 -19.70 5.76 -28.11
C SER A 136 -21.20 5.79 -28.32
N THR A 137 -21.63 6.23 -29.50
CA THR A 137 -23.06 6.31 -29.78
C THR A 137 -23.65 4.92 -29.98
N GLU A 138 -22.80 3.94 -30.28
CA GLU A 138 -23.25 2.56 -30.44
C GLU A 138 -23.72 2.06 -29.09
N ASP A 139 -22.85 2.17 -28.11
CA ASP A 139 -23.01 1.52 -26.81
C ASP A 139 -24.12 2.15 -25.97
N LYS A 140 -25.32 2.19 -26.53
CA LYS A 140 -26.49 2.82 -25.90
C LYS A 140 -26.73 2.30 -24.50
N ASP A 141 -26.48 1.02 -24.29
CA ASP A 141 -26.80 0.42 -23.02
C ASP A 141 -25.84 0.87 -21.92
N LYS A 142 -24.56 1.01 -22.27
CA LYS A 142 -23.58 1.50 -21.31
C LYS A 142 -23.93 2.92 -20.83
N ILE A 143 -24.41 3.75 -21.76
CA ILE A 143 -24.83 5.11 -21.42
C ILE A 143 -25.98 5.10 -20.41
N LEU A 144 -27.00 4.30 -20.70
CA LEU A 144 -28.15 4.21 -19.82
C LEU A 144 -27.75 3.64 -18.46
N ALA A 145 -26.85 2.67 -18.48
CA ALA A 145 -26.34 2.08 -17.24
C ALA A 145 -25.64 3.11 -16.36
N ALA A 146 -24.97 4.08 -17.00
CA ALA A 146 -24.26 5.11 -16.26
C ALA A 146 -25.25 5.98 -15.50
N PHE A 147 -26.51 5.96 -15.93
CA PHE A 147 -27.56 6.71 -15.24
C PHE A 147 -28.14 5.95 -14.05
N SER A 148 -27.62 4.76 -13.79
CA SER A 148 -28.05 3.95 -12.67
C SER A 148 -26.92 3.60 -11.71
N LEU A 149 -25.90 4.45 -11.66
CA LEU A 149 -24.83 4.26 -10.68
C LEU A 149 -25.16 4.93 -9.36
N LYS A 150 -24.99 4.17 -8.27
CA LYS A 150 -25.41 4.56 -6.92
C LYS A 150 -24.82 5.88 -6.40
N HIS A 151 -23.56 6.14 -6.71
CA HIS A 151 -22.89 7.30 -6.14
C HIS A 151 -22.68 8.42 -7.14
N ILE A 152 -23.03 8.18 -8.39
CA ILE A 152 -22.87 9.19 -9.44
C ILE A 152 -24.22 9.79 -9.81
N LYS A 153 -24.39 11.09 -9.58
CA LYS A 153 -25.60 11.78 -10.00
C LYS A 153 -25.38 12.48 -11.33
N VAL A 154 -25.97 11.96 -12.40
CA VAL A 154 -25.73 12.54 -13.71
C VAL A 154 -26.60 13.78 -13.90
N ALA A 155 -25.96 14.94 -13.96
CA ALA A 155 -26.66 16.22 -13.99
C ALA A 155 -26.61 16.84 -15.38
N GLY A 156 -25.87 16.21 -16.28
CA GLY A 156 -25.80 16.67 -17.65
C GLY A 156 -25.25 15.65 -18.60
N ILE A 157 -25.38 15.95 -19.88
CA ILE A 157 -24.88 15.07 -20.93
C ILE A 157 -24.43 15.98 -22.06
N PHE A 158 -23.27 15.70 -22.64
CA PHE A 158 -22.72 16.63 -23.60
C PHE A 158 -21.82 15.99 -24.64
N THR A 159 -21.52 16.76 -25.69
CA THR A 159 -20.57 16.36 -26.71
C THR A 159 -19.80 17.57 -27.25
N HIS A 160 -18.72 17.33 -28.00
CA HIS A 160 -17.94 18.39 -28.60
C HIS A 160 -18.03 18.28 -30.12
N LEU A 161 -18.25 19.41 -30.79
CA LEU A 161 -18.25 19.45 -32.25
C LEU A 161 -16.84 19.61 -32.79
N CYS A 162 -16.52 18.85 -33.84
CA CYS A 162 -15.20 18.89 -34.43
C CYS A 162 -14.87 20.15 -35.21
N ALA A 163 -15.84 20.66 -35.96
CA ALA A 163 -15.56 21.67 -36.97
C ALA A 163 -16.69 22.68 -37.12
N ALA A 164 -17.21 23.15 -35.99
CA ALA A 164 -18.30 24.11 -36.02
C ALA A 164 -17.79 25.45 -36.52
N ASP A 165 -16.47 25.60 -36.56
CA ASP A 165 -15.82 26.85 -36.95
C ASP A 165 -15.64 26.95 -38.45
N SER A 166 -16.10 25.94 -39.18
CA SER A 166 -15.89 25.90 -40.63
C SER A 166 -17.19 25.77 -41.40
N LEU A 167 -17.37 26.64 -42.39
CA LEU A 167 -18.59 26.60 -43.18
C LEU A 167 -18.34 25.95 -44.54
N GLU A 168 -17.31 25.12 -44.61
CA GLU A 168 -17.09 24.32 -45.81
C GLU A 168 -18.07 23.16 -45.83
N GLU A 169 -18.45 22.74 -47.04
CA GLU A 169 -19.43 21.69 -47.29
C GLU A 169 -19.23 20.45 -46.41
N ASN A 170 -18.09 19.78 -46.58
CA ASN A 170 -17.80 18.56 -45.83
C ASN A 170 -17.89 18.77 -44.32
N ASP A 171 -17.40 19.91 -43.85
CA ASP A 171 -17.34 20.21 -42.42
C ASP A 171 -18.73 20.43 -41.83
N VAL A 172 -19.56 21.17 -42.54
CA VAL A 172 -20.93 21.41 -42.12
C VAL A 172 -21.67 20.08 -42.03
N ALA A 173 -21.42 19.21 -43.00
CA ALA A 173 -22.05 17.89 -43.04
C ALA A 173 -21.67 17.04 -41.82
N PHE A 174 -20.39 17.05 -41.47
CA PHE A 174 -19.91 16.31 -40.32
C PHE A 174 -20.52 16.87 -39.04
N THR A 175 -20.65 18.19 -38.97
CA THR A 175 -21.20 18.82 -37.78
C THR A 175 -22.68 18.45 -37.64
N ASN A 176 -23.39 18.43 -38.75
CA ASN A 176 -24.79 18.08 -38.72
C ASN A 176 -25.00 16.62 -38.33
N LYS A 177 -24.09 15.75 -38.75
CA LYS A 177 -24.26 14.35 -38.37
C LYS A 177 -23.86 14.16 -36.90
N GLN A 178 -22.93 14.98 -36.41
CA GLN A 178 -22.58 14.92 -34.99
C GLN A 178 -23.79 15.27 -34.14
N ILE A 179 -24.48 16.33 -34.54
CA ILE A 179 -25.68 16.79 -33.85
C ILE A 179 -26.80 15.74 -33.95
N GLY A 180 -27.00 15.22 -35.15
CA GLY A 180 -28.01 14.19 -35.36
C GLY A 180 -27.76 12.96 -34.51
N SER A 181 -26.51 12.52 -34.45
CA SER A 181 -26.15 11.35 -33.66
C SER A 181 -26.44 11.61 -32.20
N PHE A 182 -26.18 12.83 -31.76
CA PHE A 182 -26.34 13.16 -30.36
C PHE A 182 -27.80 13.06 -29.91
N TYR A 183 -28.71 13.60 -30.71
CA TYR A 183 -30.12 13.58 -30.33
C TYR A 183 -30.75 12.21 -30.53
N LYS A 184 -30.17 11.43 -31.45
CA LYS A 184 -30.57 10.03 -31.57
C LYS A 184 -30.35 9.32 -30.23
N VAL A 185 -29.19 9.57 -29.61
CA VAL A 185 -28.92 9.03 -28.28
C VAL A 185 -29.96 9.49 -27.27
N LEU A 186 -30.23 10.79 -27.27
CA LEU A 186 -31.23 11.36 -26.37
C LEU A 186 -32.62 10.74 -26.55
N ASP A 187 -33.03 10.57 -27.81
CA ASP A 187 -34.34 9.98 -28.10
C ASP A 187 -34.37 8.56 -27.56
N TRP A 188 -33.31 7.81 -27.84
CA TRP A 188 -33.21 6.44 -27.38
C TRP A 188 -33.26 6.37 -25.85
N LEU A 189 -32.51 7.24 -25.18
CA LEU A 189 -32.58 7.32 -23.73
C LEU A 189 -34.00 7.60 -23.23
N LYS A 190 -34.67 8.57 -23.87
CA LYS A 190 -36.03 8.92 -23.50
C LYS A 190 -36.96 7.71 -23.57
N SER A 191 -36.84 6.98 -24.67
CA SER A 191 -37.64 5.80 -24.91
C SER A 191 -37.44 4.76 -23.81
N SER A 192 -36.27 4.78 -23.19
CA SER A 192 -35.94 3.87 -22.09
C SER A 192 -36.45 4.37 -20.74
N GLY A 193 -37.36 5.33 -20.77
CA GLY A 193 -37.93 5.87 -19.55
C GLY A 193 -37.04 6.86 -18.81
N LEU A 194 -36.02 7.37 -19.49
CA LEU A 194 -35.10 8.31 -18.86
C LEU A 194 -35.50 9.75 -19.13
N ASN A 195 -35.59 10.56 -18.07
CA ASN A 195 -35.74 12.02 -18.20
C ASN A 195 -34.37 12.67 -18.39
N ILE A 196 -34.17 13.30 -19.54
CA ILE A 196 -32.88 13.88 -19.91
C ILE A 196 -32.45 15.01 -18.98
N PRO A 197 -31.18 14.99 -18.54
CA PRO A 197 -30.62 16.10 -17.76
C PRO A 197 -30.26 17.31 -18.64
N LYS A 198 -29.47 18.25 -18.09
CA LYS A 198 -29.03 19.40 -18.86
C LYS A 198 -28.16 19.01 -20.04
N VAL A 199 -28.35 19.69 -21.16
CA VAL A 199 -27.64 19.37 -22.39
C VAL A 199 -26.69 20.49 -22.81
N HIS A 200 -25.50 20.14 -23.28
CA HIS A 200 -24.67 21.10 -23.96
C HIS A 200 -23.84 20.49 -25.09
N ILE A 201 -23.74 21.21 -26.19
CA ILE A 201 -23.16 20.71 -27.43
C ILE A 201 -22.18 21.76 -27.97
N GLN A 202 -22.46 23.03 -27.67
CA GLN A 202 -21.74 24.13 -28.29
C GLN A 202 -20.56 24.70 -27.49
N SER A 203 -19.49 24.95 -28.22
CA SER A 203 -18.45 25.84 -27.73
C SER A 203 -18.64 27.17 -28.46
N SER A 204 -17.62 28.03 -28.48
CA SER A 204 -17.75 29.37 -29.08
C SER A 204 -18.32 29.37 -30.50
N TYR A 205 -17.73 28.58 -31.40
CA TYR A 205 -18.20 28.58 -32.78
C TYR A 205 -19.55 27.84 -32.94
N GLY A 206 -19.89 27.02 -31.95
CA GLY A 206 -21.18 26.34 -31.95
C GLY A 206 -22.30 27.36 -31.81
N LEU A 207 -22.08 28.31 -30.90
CA LEU A 207 -22.97 29.45 -30.74
C LEU A 207 -22.98 30.32 -32.01
N LEU A 208 -21.79 30.71 -32.46
CA LEU A 208 -21.66 31.63 -33.60
C LEU A 208 -22.17 31.07 -34.91
N ASN A 209 -21.96 29.77 -35.13
CA ASN A 209 -22.30 29.15 -36.40
C ASN A 209 -23.52 28.20 -36.38
N TYR A 210 -23.92 27.79 -35.18
CA TYR A 210 -25.10 26.94 -35.01
C TYR A 210 -26.02 27.51 -33.92
N PRO A 211 -26.42 28.78 -34.09
CA PRO A 211 -27.13 29.45 -33.00
C PRO A 211 -28.53 28.88 -32.80
N GLU A 212 -29.03 28.21 -33.83
CA GLU A 212 -30.36 27.63 -33.77
C GLU A 212 -30.47 26.46 -32.78
N LEU A 213 -29.34 25.87 -32.37
CA LEU A 213 -29.39 24.82 -31.37
C LEU A 213 -29.98 25.32 -30.06
N GLU A 214 -30.70 24.45 -29.35
CA GLU A 214 -31.31 24.81 -28.06
C GLU A 214 -30.81 23.90 -26.93
N CYS A 215 -29.83 24.38 -26.17
CA CYS A 215 -29.24 23.62 -25.09
C CYS A 215 -29.32 24.35 -23.76
N ASP A 216 -28.85 23.72 -22.69
CA ASP A 216 -28.91 24.32 -21.36
C ASP A 216 -27.65 25.10 -20.99
N TYR A 217 -26.55 24.75 -21.66
CA TYR A 217 -25.31 25.51 -21.52
C TYR A 217 -24.67 25.73 -22.87
N ILE A 218 -23.92 26.83 -22.96
CA ILE A 218 -22.93 26.98 -24.00
C ILE A 218 -21.59 27.23 -23.31
N ARG A 219 -20.60 26.41 -23.67
CA ARG A 219 -19.25 26.48 -23.10
C ARG A 219 -18.44 27.48 -23.91
N VAL A 220 -18.29 28.69 -23.39
CA VAL A 220 -17.60 29.71 -24.17
C VAL A 220 -16.14 29.88 -23.77
N GLY A 221 -15.26 29.73 -24.76
CA GLY A 221 -13.83 29.89 -24.55
C GLY A 221 -13.34 31.17 -25.22
N VAL A 222 -12.79 31.04 -26.42
CA VAL A 222 -12.18 32.19 -27.10
C VAL A 222 -13.11 33.40 -27.24
N ALA A 223 -14.40 33.16 -27.50
CA ALA A 223 -15.34 34.28 -27.67
C ALA A 223 -15.42 35.11 -26.40
N LEU A 224 -15.38 34.43 -25.26
CA LEU A 224 -15.46 35.13 -23.98
C LEU A 224 -14.29 36.12 -23.84
N TYR A 225 -13.16 35.77 -24.44
CA TYR A 225 -11.95 36.59 -24.32
C TYR A 225 -11.81 37.59 -25.48
N GLY A 226 -12.79 37.60 -26.35
CA GLY A 226 -12.91 38.65 -27.35
C GLY A 226 -11.95 38.46 -28.50
N VAL A 227 -11.51 37.24 -28.69
CA VAL A 227 -10.62 36.91 -29.77
C VAL A 227 -11.24 35.75 -30.55
N LEU A 228 -11.09 35.74 -31.87
CA LEU A 228 -11.51 34.56 -32.61
C LEU A 228 -10.29 33.79 -33.13
N SER A 229 -10.30 32.47 -32.89
CA SER A 229 -9.18 31.56 -33.14
C SER A 229 -8.31 31.87 -34.37
N SER A 230 -8.93 32.47 -35.39
CA SER A 230 -8.24 32.94 -36.57
C SER A 230 -8.90 34.23 -37.08
N THR A 231 -8.46 34.66 -38.26
CA THR A 231 -8.98 35.85 -38.91
C THR A 231 -8.97 35.65 -40.42
N ASN A 232 -10.08 35.94 -41.11
CA ASN A 232 -11.32 36.38 -40.50
C ASN A 232 -12.50 35.59 -41.05
N ASP A 233 -12.98 34.59 -40.30
CA ASP A 233 -14.14 33.83 -40.74
C ASP A 233 -15.42 34.66 -40.62
N LYS A 234 -16.29 34.54 -41.62
CA LYS A 234 -17.63 35.09 -41.51
C LYS A 234 -18.54 34.07 -40.81
N THR A 235 -18.72 34.24 -39.50
CA THR A 235 -19.62 33.39 -38.75
C THR A 235 -21.07 33.78 -39.05
N LYS A 236 -22.01 32.89 -38.73
CA LYS A 236 -23.41 33.16 -38.97
C LYS A 236 -23.87 34.36 -38.14
N LEU A 237 -23.63 34.32 -36.84
CA LEU A 237 -23.85 35.51 -36.04
C LEU A 237 -22.56 36.31 -36.08
N GLU A 238 -22.68 37.63 -36.14
CA GLU A 238 -21.51 38.48 -35.99
C GLU A 238 -21.71 39.31 -34.74
N LEU A 239 -21.10 38.85 -33.65
CA LEU A 239 -21.23 39.54 -32.37
C LEU A 239 -20.16 40.60 -32.20
N ASP A 240 -20.46 41.57 -31.35
CA ASP A 240 -19.53 42.65 -31.04
C ASP A 240 -18.71 42.21 -29.83
N LEU A 241 -17.62 41.50 -30.09
CA LEU A 241 -16.76 41.01 -29.01
C LEU A 241 -15.48 41.86 -28.93
N ARG A 242 -15.04 42.15 -27.71
CA ARG A 242 -13.91 43.06 -27.55
C ARG A 242 -12.74 42.36 -26.83
N PRO A 243 -11.50 42.58 -27.31
CA PRO A 243 -10.32 41.88 -26.76
C PRO A 243 -10.09 42.23 -25.29
N VAL A 244 -9.86 41.20 -24.49
CA VAL A 244 -9.67 41.36 -23.05
C VAL A 244 -8.20 41.51 -22.66
N LEU A 245 -7.32 40.79 -23.37
CA LEU A 245 -5.91 40.72 -22.98
C LEU A 245 -5.00 41.67 -23.74
N SER A 246 -4.12 42.34 -23.00
CA SER A 246 -2.98 43.03 -23.62
C SER A 246 -1.68 42.48 -23.06
N LEU A 247 -0.65 42.47 -23.89
CA LEU A 247 0.71 42.08 -23.46
C LEU A 247 1.69 43.25 -23.60
N LYS A 248 2.35 43.60 -22.49
CA LYS A 248 3.14 44.83 -22.42
C LYS A 248 4.54 44.57 -21.88
N ALA A 249 5.48 45.45 -22.22
CA ALA A 249 6.84 45.36 -21.67
C ALA A 249 7.53 46.72 -21.74
N LYS A 250 8.31 47.05 -20.72
CA LYS A 250 9.01 48.33 -20.65
C LYS A 250 10.45 48.28 -21.12
N VAL A 251 10.81 49.21 -22.01
CA VAL A 251 12.17 49.35 -22.53
C VAL A 251 13.20 49.49 -21.40
N VAL A 252 14.27 48.70 -21.48
CA VAL A 252 15.29 48.73 -20.43
C VAL A 252 16.58 49.35 -20.93
N LEU A 253 16.69 49.52 -22.24
CA LEU A 253 17.88 50.11 -22.84
C LEU A 253 17.64 50.55 -24.27
N ILE A 254 18.29 51.64 -24.67
CA ILE A 254 18.31 52.08 -26.05
C ILE A 254 19.75 52.10 -26.50
N ARG A 255 20.00 51.57 -27.69
CA ARG A 255 21.35 51.45 -28.19
C ARG A 255 21.42 51.95 -29.61
N LYS A 256 22.46 52.72 -29.91
CA LYS A 256 22.75 53.11 -31.28
C LYS A 256 23.41 51.95 -32.01
N ILE A 257 22.91 51.62 -33.18
CA ILE A 257 23.52 50.58 -34.00
C ILE A 257 24.06 51.19 -35.29
N LYS A 258 25.37 51.15 -35.46
CA LYS A 258 25.95 51.64 -36.70
C LYS A 258 25.52 50.79 -37.88
N GLN A 259 25.35 51.44 -39.02
CA GLN A 259 25.07 50.76 -40.28
C GLN A 259 26.13 49.70 -40.53
N GLY A 260 25.69 48.47 -40.75
CA GLY A 260 26.62 47.37 -40.95
C GLY A 260 26.68 46.44 -39.76
N GLU A 261 26.27 46.94 -38.60
CA GLU A 261 26.30 46.13 -37.37
C GLU A 261 25.04 45.29 -37.20
N SER A 262 25.16 44.19 -36.47
CA SER A 262 24.01 43.34 -36.20
C SER A 262 23.53 43.44 -34.75
N VAL A 263 22.52 42.65 -34.42
CA VAL A 263 22.11 42.46 -33.05
C VAL A 263 22.12 40.97 -32.74
N GLY A 264 22.87 40.57 -31.72
CA GLY A 264 23.03 39.17 -31.39
C GLY A 264 23.76 38.41 -32.48
N TYR A 265 24.55 39.14 -33.26
CA TYR A 265 25.28 38.65 -34.45
C TYR A 265 24.52 37.72 -35.43
N SER A 266 23.29 37.35 -35.10
CA SER A 266 22.50 36.57 -36.04
C SER A 266 22.46 37.32 -37.37
N ARG A 267 22.93 36.64 -38.41
CA ARG A 267 22.84 37.14 -39.78
C ARG A 267 21.39 37.49 -40.16
N ALA A 268 20.49 37.25 -39.21
CA ALA A 268 19.09 37.61 -39.28
C ALA A 268 18.86 39.12 -39.38
N PHE A 269 19.84 39.90 -38.95
CA PHE A 269 19.72 41.34 -38.96
C PHE A 269 21.05 42.06 -39.15
N THR A 270 21.10 42.87 -40.21
CA THR A 270 22.22 43.76 -40.43
C THR A 270 21.64 45.12 -40.76
N ALA A 271 21.95 46.12 -39.93
CA ALA A 271 21.35 47.44 -40.10
C ALA A 271 21.76 48.05 -41.43
N THR A 272 20.77 48.57 -42.15
CA THR A 272 20.99 49.15 -43.47
C THR A 272 21.24 50.64 -43.30
N ARG A 273 21.22 51.08 -42.05
CA ARG A 273 21.42 52.48 -41.71
C ARG A 273 21.81 52.58 -40.24
N ASP A 274 22.24 53.77 -39.82
CA ASP A 274 22.50 53.99 -38.40
C ASP A 274 21.18 53.92 -37.66
N SER A 275 21.11 53.06 -36.66
CA SER A 275 19.84 52.73 -36.06
C SER A 275 19.78 52.93 -34.55
N LEU A 276 18.55 53.01 -34.04
CA LEU A 276 18.30 52.98 -32.60
C LEU A 276 17.57 51.69 -32.28
N ILE A 277 18.05 50.98 -31.26
CA ILE A 277 17.45 49.72 -30.84
C ILE A 277 16.95 49.81 -29.41
N ALA A 278 15.71 49.38 -29.19
CA ALA A 278 15.20 49.30 -27.83
C ALA A 278 15.23 47.86 -27.37
N ILE A 279 15.69 47.64 -26.15
CA ILE A 279 15.71 46.30 -25.60
C ILE A 279 14.53 46.11 -24.67
N LEU A 280 13.75 45.07 -24.93
CA LEU A 280 12.59 44.71 -24.11
C LEU A 280 12.90 43.45 -23.29
N PRO A 281 12.55 43.48 -22.00
CA PRO A 281 12.84 42.38 -21.08
C PRO A 281 11.74 41.35 -21.14
N ILE A 282 11.43 40.89 -22.36
CA ILE A 282 10.51 39.79 -22.54
C ILE A 282 11.04 38.86 -23.62
N GLY A 283 10.95 37.55 -23.37
CA GLY A 283 11.45 36.58 -24.31
C GLY A 283 10.52 35.40 -24.49
N TYR A 284 11.03 34.32 -25.08
CA TYR A 284 10.15 33.17 -25.37
C TYR A 284 9.75 32.42 -24.10
N ALA A 285 10.57 32.44 -23.07
CA ALA A 285 10.17 31.84 -21.79
C ALA A 285 8.95 32.53 -21.20
N ASP A 286 8.69 33.76 -21.61
CA ASP A 286 7.51 34.47 -21.14
C ASP A 286 6.31 34.13 -22.04
N GLY A 287 6.54 33.26 -23.02
CA GLY A 287 5.46 32.82 -23.89
C GLY A 287 5.31 33.67 -25.14
N PHE A 288 6.28 34.53 -25.41
CA PHE A 288 6.25 35.25 -26.66
C PHE A 288 7.08 34.42 -27.66
N PRO A 289 6.41 33.75 -28.59
CA PRO A 289 6.99 32.70 -29.44
C PRO A 289 8.26 33.11 -30.19
N ARG A 290 9.30 32.29 -30.08
CA ARG A 290 10.56 32.56 -30.75
C ARG A 290 10.44 32.68 -32.27
N ASN A 291 9.45 32.03 -32.87
CA ASN A 291 9.29 32.11 -34.33
C ASN A 291 8.76 33.47 -34.82
N LEU A 292 8.47 34.36 -33.87
CA LEU A 292 8.21 35.76 -34.23
C LEU A 292 9.51 36.55 -34.52
N SER A 293 10.65 35.87 -34.40
CA SER A 293 11.96 36.49 -34.61
C SER A 293 12.11 37.16 -35.98
N CYS A 294 13.05 38.11 -36.05
CA CYS A 294 13.51 38.72 -37.31
C CYS A 294 12.43 39.36 -38.20
N GLY A 295 11.65 40.27 -37.63
CA GLY A 295 10.66 40.99 -38.41
C GLY A 295 9.33 40.25 -38.59
N ASN A 296 9.25 39.07 -38.00
CA ASN A 296 8.00 38.30 -38.08
C ASN A 296 6.90 38.86 -37.18
N SER A 297 7.23 39.94 -36.47
CA SER A 297 6.23 40.77 -35.82
C SER A 297 6.86 42.13 -35.48
N TYR A 298 6.03 43.05 -35.00
CA TYR A 298 6.51 44.34 -34.56
C TYR A 298 5.85 44.61 -33.22
N VAL A 299 6.31 45.63 -32.50
CA VAL A 299 5.58 46.03 -31.31
C VAL A 299 5.11 47.46 -31.49
N LEU A 300 4.24 47.92 -30.59
CA LEU A 300 3.81 49.30 -30.64
C LEU A 300 4.50 50.11 -29.52
N ILE A 301 5.18 51.16 -29.93
CA ILE A 301 5.80 52.09 -29.00
C ILE A 301 5.45 53.51 -29.44
N GLY A 302 4.93 54.29 -28.50
CA GLY A 302 4.48 55.64 -28.80
C GLY A 302 3.52 55.67 -29.98
N GLY A 303 2.69 54.64 -30.08
CA GLY A 303 1.72 54.54 -31.15
C GLY A 303 2.30 54.18 -32.51
N ARG A 304 3.56 53.77 -32.54
CA ARG A 304 4.20 53.47 -33.82
C ARG A 304 4.72 52.02 -33.85
N GLN A 305 4.90 51.49 -35.04
CA GLN A 305 5.35 50.11 -35.17
C GLN A 305 6.87 50.01 -35.08
N ALA A 306 7.35 49.12 -34.21
CA ALA A 306 8.78 48.89 -34.05
C ALA A 306 9.05 47.42 -34.34
N PRO A 307 9.63 47.14 -35.51
CA PRO A 307 9.86 45.75 -35.92
C PRO A 307 10.85 45.04 -35.00
N ILE A 308 10.60 43.79 -34.70
CA ILE A 308 11.52 43.00 -33.90
C ILE A 308 12.78 42.75 -34.73
N VAL A 309 13.94 42.99 -34.12
CA VAL A 309 15.21 42.80 -34.82
C VAL A 309 16.02 41.66 -34.20
N GLY A 310 16.55 40.79 -35.06
CA GLY A 310 17.33 39.65 -34.61
C GLY A 310 16.46 38.56 -34.01
N LYS A 311 17.09 37.56 -33.42
CA LYS A 311 16.37 36.44 -32.83
C LYS A 311 15.79 36.86 -31.47
N ILE A 312 14.67 36.24 -31.11
CA ILE A 312 14.08 36.44 -29.80
C ILE A 312 14.78 35.53 -28.80
N CYS A 313 15.20 36.08 -27.67
CA CYS A 313 15.90 35.28 -26.69
C CYS A 313 14.96 34.75 -25.64
N MSE A 314 15.51 34.04 -24.67
CA MSE A 314 14.71 33.41 -23.65
C MSE A 314 14.04 34.42 -22.74
O MSE A 314 12.89 34.24 -22.34
CB MSE A 314 15.58 32.43 -22.84
CG MSE A 314 14.89 31.83 -21.64
SE MSE A 314 15.88 30.25 -21.12
CE MSE A 314 15.48 30.20 -19.31
N ASP A 315 14.73 35.51 -22.44
CA ASP A 315 14.18 36.53 -21.54
C ASP A 315 14.18 37.97 -22.07
N GLN A 316 14.60 38.17 -23.32
CA GLN A 316 14.67 39.53 -23.86
C GLN A 316 14.61 39.49 -25.37
N LEU A 317 14.31 40.64 -25.96
CA LEU A 317 14.36 40.82 -27.42
C LEU A 317 14.65 42.28 -27.77
N ALA A 318 14.81 42.55 -29.07
CA ALA A 318 15.18 43.88 -29.52
C ALA A 318 14.23 44.40 -30.61
N VAL A 319 13.89 45.68 -30.54
CA VAL A 319 13.07 46.29 -31.59
C VAL A 319 13.68 47.55 -32.15
N ASP A 320 13.27 47.90 -33.36
CA ASP A 320 13.85 49.01 -34.09
C ASP A 320 13.05 50.28 -33.81
N VAL A 321 13.67 51.26 -33.16
CA VAL A 321 12.97 52.51 -32.86
C VAL A 321 13.60 53.71 -33.57
N THR A 322 14.32 53.42 -34.65
CA THR A 322 14.99 54.44 -35.44
C THR A 322 14.06 55.60 -35.83
N ASP A 323 12.80 55.29 -36.10
CA ASP A 323 11.84 56.31 -36.53
C ASP A 323 10.81 56.66 -35.46
N ILE A 324 11.16 56.44 -34.19
CA ILE A 324 10.25 56.79 -33.09
C ILE A 324 11.01 57.58 -32.02
N PRO A 325 10.97 58.91 -32.10
CA PRO A 325 11.80 59.68 -31.16
C PRO A 325 11.32 59.57 -29.71
N ASN A 326 10.04 59.34 -29.50
CA ASN A 326 9.49 59.28 -28.15
C ASN A 326 9.70 57.91 -27.48
N VAL A 327 10.94 57.44 -27.45
CA VAL A 327 11.26 56.17 -26.80
C VAL A 327 12.34 56.33 -25.75
N LYS A 328 12.02 55.99 -24.50
CA LYS A 328 12.99 56.07 -23.43
C LYS A 328 12.99 54.81 -22.58
N THR A 329 14.01 54.67 -21.74
CA THR A 329 13.99 53.65 -20.70
C THR A 329 12.70 53.85 -19.91
N GLY A 330 11.87 52.81 -19.87
CA GLY A 330 10.61 52.90 -19.17
C GLY A 330 9.42 53.03 -20.10
N SER A 331 9.67 53.29 -21.39
CA SER A 331 8.59 53.36 -22.36
C SER A 331 7.91 52.01 -22.47
N ILE A 332 6.58 52.05 -22.53
CA ILE A 332 5.77 50.87 -22.63
C ILE A 332 5.67 50.41 -24.07
N ALA A 333 6.10 49.18 -24.33
CA ALA A 333 5.87 48.54 -25.61
C ALA A 333 4.64 47.63 -25.51
N THR A 334 3.77 47.72 -26.51
CA THR A 334 2.57 46.89 -26.56
C THR A 334 2.81 45.78 -27.58
N LEU A 335 2.91 44.54 -27.11
CA LEU A 335 3.15 43.41 -28.01
C LEU A 335 1.84 42.80 -28.47
N ILE A 336 0.82 42.95 -27.64
CA ILE A 336 -0.53 42.56 -28.00
C ILE A 336 -1.41 43.62 -27.39
N GLY A 337 -2.26 44.25 -28.20
CA GLY A 337 -3.14 45.31 -27.70
C GLY A 337 -3.12 46.59 -28.52
N LYS A 338 -3.63 47.67 -27.92
CA LYS A 338 -3.77 48.96 -28.61
C LYS A 338 -2.83 50.01 -28.06
N ASP A 339 -2.39 50.90 -28.95
CA ASP A 339 -1.54 52.01 -28.59
C ASP A 339 -1.73 53.09 -29.64
N GLY A 340 -2.13 54.28 -29.20
CA GLY A 340 -2.46 55.35 -30.12
C GLY A 340 -3.62 54.91 -30.99
N LYS A 341 -3.47 55.04 -32.30
CA LYS A 341 -4.52 54.63 -33.23
C LYS A 341 -4.13 53.30 -33.87
N GLU A 342 -3.12 52.66 -33.30
CA GLU A 342 -2.60 51.39 -33.79
C GLU A 342 -3.09 50.20 -32.94
N GLU A 343 -3.23 49.03 -33.55
CA GLU A 343 -3.57 47.82 -32.79
C GLU A 343 -2.93 46.56 -33.37
N ILE A 344 -2.35 45.75 -32.49
CA ILE A 344 -1.80 44.47 -32.88
C ILE A 344 -2.58 43.41 -32.10
N THR A 345 -3.53 42.75 -32.76
CA THR A 345 -4.42 41.83 -32.07
C THR A 345 -3.81 40.45 -31.85
N ALA A 346 -4.30 39.75 -30.84
CA ALA A 346 -3.88 38.38 -30.59
C ALA A 346 -4.03 37.50 -31.85
N PRO A 347 -5.15 37.60 -32.57
CA PRO A 347 -5.16 36.77 -33.80
C PRO A 347 -4.06 37.12 -34.81
N MSE A 348 -3.74 38.40 -34.98
CA MSE A 348 -2.68 38.79 -35.90
C MSE A 348 -1.33 38.19 -35.48
O MSE A 348 -0.53 37.73 -36.31
CB MSE A 348 -2.56 40.33 -35.97
CG MSE A 348 -3.72 41.04 -36.69
SE MSE A 348 -3.84 42.96 -36.25
CE MSE A 348 -2.26 43.61 -37.19
N VAL A 349 -1.07 38.21 -34.18
CA VAL A 349 0.19 37.72 -33.65
C VAL A 349 0.23 36.21 -33.83
N ALA A 350 -0.91 35.55 -33.62
CA ALA A 350 -0.98 34.11 -33.73
C ALA A 350 -0.77 33.71 -35.18
N GLU A 351 -1.34 34.47 -36.11
CA GLU A 351 -1.11 34.19 -37.52
C GLU A 351 0.39 34.33 -37.87
N SER A 352 1.03 35.36 -37.32
CA SER A 352 2.45 35.60 -37.58
C SER A 352 3.30 34.49 -37.00
N ALA A 353 2.83 33.89 -35.91
CA ALA A 353 3.56 32.82 -35.24
C ALA A 353 3.21 31.47 -35.83
N GLU A 354 2.43 31.48 -36.91
CA GLU A 354 1.94 30.26 -37.56
C GLU A 354 1.24 29.36 -36.56
N SER A 355 0.39 29.97 -35.75
CA SER A 355 -0.26 29.28 -34.66
C SER A 355 -1.74 29.67 -34.66
N ILE A 356 -2.40 29.48 -33.53
CA ILE A 356 -3.77 29.90 -33.38
C ILE A 356 -3.89 30.58 -32.04
N THR A 357 -4.91 31.42 -31.92
CA THR A 357 -5.11 32.23 -30.73
C THR A 357 -5.09 31.40 -29.46
N ASN A 358 -5.75 30.24 -29.51
CA ASN A 358 -5.91 29.39 -28.35
C ASN A 358 -4.53 29.03 -27.78
N GLU A 359 -3.61 28.72 -28.67
CA GLU A 359 -2.27 28.29 -28.26
C GLU A 359 -1.41 29.47 -27.79
N LEU A 360 -1.47 30.57 -28.54
CA LEU A 360 -0.70 31.77 -28.19
C LEU A 360 -1.06 32.22 -26.78
N LEU A 361 -2.36 32.29 -26.51
CA LEU A 361 -2.85 32.83 -25.26
C LEU A 361 -2.72 31.89 -24.09
N SER A 362 -3.11 30.63 -24.28
CA SER A 362 -3.02 29.65 -23.20
C SER A 362 -1.58 29.39 -22.80
N ARG A 363 -0.64 29.68 -23.71
CA ARG A 363 0.78 29.46 -23.39
C ARG A 363 1.52 30.73 -22.98
N MSE A 364 0.78 31.73 -22.50
CA MSE A 364 1.43 32.92 -21.92
C MSE A 364 2.20 32.44 -20.70
O MSE A 364 1.70 31.62 -19.93
CB MSE A 364 0.38 33.96 -21.55
CG MSE A 364 -0.17 34.75 -22.74
SE MSE A 364 1.17 35.96 -23.50
CE MSE A 364 1.55 35.13 -25.22
N GLY A 365 3.43 32.92 -20.54
CA GLY A 365 4.32 32.40 -19.53
C GLY A 365 3.87 32.75 -18.12
N HIS A 366 4.10 31.83 -17.19
CA HIS A 366 3.72 32.02 -15.79
C HIS A 366 4.48 33.17 -15.13
N ARG A 367 5.62 33.55 -15.71
CA ARG A 367 6.47 34.61 -15.17
C ARG A 367 5.86 36.01 -15.35
N LEU A 368 4.97 36.16 -16.33
CA LEU A 368 4.35 37.46 -16.62
C LEU A 368 3.44 37.90 -15.48
N ASN A 369 3.55 39.17 -15.06
CA ASN A 369 2.63 39.67 -14.05
C ASN A 369 1.29 39.97 -14.68
N ILE A 370 0.22 39.85 -13.90
CA ILE A 370 -1.12 40.10 -14.44
C ILE A 370 -1.80 41.27 -13.72
N ILE A 371 -2.21 42.26 -14.51
CA ILE A 371 -2.84 43.45 -13.97
C ILE A 371 -4.25 43.70 -14.55
N ARG A 372 -5.22 43.96 -13.68
CA ARG A 372 -6.58 44.28 -14.10
C ARG A 372 -6.66 45.71 -14.62
N ARG A 373 -7.47 45.92 -15.65
CA ARG A 373 -7.78 47.26 -16.14
C ARG A 373 -9.24 47.36 -16.60
N ALA B 2 -0.05 10.46 -7.45
CA ALA B 2 -0.73 11.64 -6.92
C ALA B 2 -0.45 12.86 -7.81
N ASP B 3 0.83 13.17 -7.95
CA ASP B 3 1.28 14.14 -8.94
C ASP B 3 1.46 13.40 -10.25
N THR B 4 1.33 12.08 -10.21
CA THR B 4 1.66 11.27 -11.36
C THR B 4 0.43 10.72 -12.07
N ASP B 5 -0.74 11.29 -11.76
CA ASP B 5 -1.99 10.76 -12.31
C ASP B 5 -2.19 11.10 -13.78
N ARG B 6 -1.82 12.31 -14.17
CA ARG B 6 -2.08 12.75 -15.54
C ARG B 6 -0.81 12.87 -16.34
N ALA B 7 -0.22 14.06 -16.30
CA ALA B 7 0.99 14.38 -17.03
C ALA B 7 1.96 14.98 -16.03
N TYR B 8 3.26 14.73 -16.22
CA TYR B 8 4.25 15.21 -15.28
C TYR B 8 5.65 15.23 -15.84
N LEU B 9 6.51 15.97 -15.16
CA LEU B 9 7.91 16.01 -15.49
C LEU B 9 8.65 15.16 -14.48
N GLU B 10 9.61 14.40 -14.97
CA GLU B 10 10.46 13.61 -14.11
C GLU B 10 11.86 14.19 -14.25
N ILE B 11 12.48 14.52 -13.13
CA ILE B 11 13.84 15.03 -13.16
C ILE B 11 14.79 14.05 -12.47
N ASN B 12 15.83 13.66 -13.19
CA ASN B 12 16.75 12.65 -12.71
C ASN B 12 17.91 13.33 -12.01
N LEU B 13 17.81 13.45 -10.69
CA LEU B 13 18.80 14.16 -9.90
C LEU B 13 20.16 13.47 -9.92
N ASN B 14 20.18 12.17 -10.22
CA ASN B 14 21.46 11.48 -10.38
C ASN B 14 22.15 11.96 -11.64
N ASN B 15 21.36 12.20 -12.68
CA ASN B 15 21.89 12.73 -13.93
C ASN B 15 22.39 14.16 -13.79
N LEU B 16 21.65 14.98 -13.04
CA LEU B 16 22.05 16.36 -12.77
C LEU B 16 23.36 16.36 -12.01
N GLU B 17 23.44 15.51 -10.99
CA GLU B 17 24.64 15.39 -10.16
C GLU B 17 25.84 14.97 -11.00
N HIS B 18 25.61 14.00 -11.86
CA HIS B 18 26.61 13.54 -12.81
C HIS B 18 27.09 14.68 -13.72
N ASN B 19 26.13 15.44 -14.25
CA ASN B 19 26.45 16.57 -15.13
C ASN B 19 27.30 17.62 -14.44
N VAL B 20 26.96 17.94 -13.19
CA VAL B 20 27.70 18.92 -12.42
C VAL B 20 29.18 18.50 -12.34
N ASN B 21 29.40 17.24 -12.03
CA ASN B 21 30.75 16.69 -11.91
C ASN B 21 31.51 16.63 -13.23
N THR B 22 30.83 16.21 -14.30
CA THR B 22 31.43 16.25 -15.62
C THR B 22 31.84 17.66 -16.02
N LEU B 23 30.93 18.61 -15.81
CA LEU B 23 31.19 20.00 -16.16
C LEU B 23 32.38 20.55 -15.35
N GLN B 24 32.34 20.34 -14.03
CA GLN B 24 33.42 20.77 -13.15
C GLN B 24 34.75 20.19 -13.57
N LYS B 25 34.79 18.89 -13.88
CA LYS B 25 36.02 18.24 -14.32
C LYS B 25 36.54 18.82 -15.63
N ALA B 26 35.63 19.25 -16.49
CA ALA B 26 36.00 19.77 -17.80
C ALA B 26 36.52 21.20 -17.71
N MSE B 27 36.14 21.90 -16.64
CA MSE B 27 36.55 23.28 -16.41
C MSE B 27 37.97 23.33 -15.87
O MSE B 27 38.43 22.34 -15.28
CB MSE B 27 35.68 23.92 -15.33
CG MSE B 27 34.35 24.46 -15.75
SE MSE B 27 33.49 25.06 -14.12
CE MSE B 27 31.69 24.78 -14.77
N SER B 28 38.63 24.47 -16.01
CA SER B 28 39.89 24.72 -15.33
C SER B 28 39.64 24.62 -13.83
N PRO B 29 40.62 24.10 -13.08
CA PRO B 29 40.49 23.93 -11.62
C PRO B 29 40.06 25.22 -10.89
N LYS B 30 40.44 26.38 -11.42
CA LYS B 30 40.12 27.64 -10.73
C LYS B 30 38.77 28.20 -11.12
N CYS B 31 38.13 27.59 -12.12
CA CYS B 31 36.86 28.10 -12.64
C CYS B 31 35.70 27.43 -11.93
N GLU B 32 34.66 28.22 -11.59
CA GLU B 32 33.51 27.70 -10.86
C GLU B 32 32.27 27.58 -11.73
N LEU B 33 31.40 26.67 -11.36
CA LEU B 33 30.16 26.48 -12.07
C LEU B 33 29.19 27.52 -11.56
N MSE B 34 28.76 28.43 -12.44
CA MSE B 34 27.60 29.26 -12.12
C MSE B 34 26.40 28.66 -12.84
O MSE B 34 26.31 28.72 -14.07
CB MSE B 34 27.83 30.71 -12.49
CG MSE B 34 26.65 31.61 -12.08
SE MSE B 34 26.82 33.47 -12.59
CE MSE B 34 27.15 33.18 -14.38
N ALA B 35 25.51 28.04 -12.08
CA ALA B 35 24.36 27.33 -12.62
C ALA B 35 23.27 28.30 -13.05
N VAL B 36 22.87 28.22 -14.32
CA VAL B 36 21.86 29.12 -14.84
C VAL B 36 20.50 28.46 -14.64
N VAL B 37 19.67 29.07 -13.80
CA VAL B 37 18.44 28.45 -13.35
C VAL B 37 17.23 29.34 -13.65
N LYS B 38 17.41 30.25 -14.61
CA LYS B 38 16.34 31.17 -14.97
C LYS B 38 15.20 30.41 -15.64
N ALA B 39 14.04 31.05 -15.71
CA ALA B 39 12.79 30.46 -16.20
C ALA B 39 12.56 29.04 -15.70
N GLU B 40 12.39 28.93 -14.38
CA GLU B 40 12.02 27.69 -13.75
C GLU B 40 13.07 26.63 -13.99
N ALA B 41 14.32 27.06 -13.91
CA ALA B 41 15.46 26.22 -14.25
C ALA B 41 15.25 25.53 -15.60
N TYR B 42 15.09 26.33 -16.66
CA TYR B 42 14.83 25.84 -18.00
C TYR B 42 13.69 24.80 -17.97
N GLY B 43 12.66 25.08 -17.17
CA GLY B 43 11.49 24.24 -17.10
C GLY B 43 11.64 23.02 -16.20
N HIS B 44 12.83 22.83 -15.63
CA HIS B 44 13.10 21.67 -14.77
C HIS B 44 12.60 21.85 -13.34
N GLY B 45 12.24 23.08 -13.00
CA GLY B 45 11.73 23.36 -11.66
C GLY B 45 12.77 24.07 -10.82
N MSE B 46 12.51 25.33 -10.51
CA MSE B 46 13.54 26.15 -9.89
C MSE B 46 13.83 25.73 -8.45
O MSE B 46 14.98 25.68 -8.06
CB MSE B 46 13.24 27.66 -10.00
CG MSE B 46 14.56 28.50 -10.03
SE MSE B 46 14.18 30.37 -9.95
CE MSE B 46 13.52 30.60 -11.76
N TYR B 47 12.80 25.43 -7.67
CA TYR B 47 13.03 24.95 -6.31
C TYR B 47 13.79 23.64 -6.32
N GLU B 48 13.29 22.69 -7.11
CA GLU B 48 13.87 21.36 -7.15
C GLU B 48 15.36 21.39 -7.51
N VAL B 49 15.68 22.05 -8.61
CA VAL B 49 17.03 22.07 -9.12
C VAL B 49 18.01 22.82 -8.20
N THR B 50 17.66 24.03 -7.80
CA THR B 50 18.62 24.87 -7.10
C THR B 50 18.93 24.37 -5.69
N THR B 51 17.90 23.92 -4.96
CA THR B 51 18.13 23.41 -3.62
C THR B 51 19.04 22.20 -3.68
N TYR B 52 18.85 21.36 -4.69
CA TYR B 52 19.67 20.19 -4.89
C TYR B 52 21.09 20.57 -5.30
N LEU B 53 21.22 21.48 -6.26
CA LEU B 53 22.54 21.98 -6.65
C LEU B 53 23.33 22.54 -5.46
N GLU B 54 22.67 23.34 -4.63
CA GLU B 54 23.36 23.92 -3.47
C GLU B 54 23.75 22.83 -2.49
N GLN B 55 22.92 21.80 -2.43
CA GLN B 55 23.13 20.66 -1.56
C GLN B 55 24.34 19.83 -1.97
N ILE B 56 24.58 19.70 -3.27
CA ILE B 56 25.76 18.95 -3.74
C ILE B 56 27.01 19.80 -4.02
N GLY B 57 27.00 21.07 -3.61
CA GLY B 57 28.20 21.88 -3.67
C GLY B 57 28.23 23.10 -4.60
N VAL B 58 27.32 23.15 -5.57
CA VAL B 58 27.27 24.31 -6.47
C VAL B 58 26.99 25.54 -5.62
N SER B 59 27.80 26.58 -5.77
CA SER B 59 27.68 27.75 -4.91
C SER B 59 27.58 29.08 -5.67
N SER B 60 27.06 29.03 -6.89
CA SER B 60 26.88 30.22 -7.70
C SER B 60 25.75 30.07 -8.73
N PHE B 61 24.81 31.02 -8.73
CA PHE B 61 23.62 30.91 -9.58
C PHE B 61 23.34 32.18 -10.39
N ALA B 62 22.70 32.01 -11.54
CA ALA B 62 22.27 33.15 -12.37
C ALA B 62 20.79 33.02 -12.65
N VAL B 63 20.06 34.12 -12.49
CA VAL B 63 18.65 34.15 -12.82
C VAL B 63 18.42 35.33 -13.77
N ALA B 64 17.25 35.34 -14.43
CA ALA B 64 16.95 36.41 -15.37
C ALA B 64 16.52 37.71 -14.70
N THR B 65 15.80 37.61 -13.60
CA THR B 65 15.15 38.76 -13.00
C THR B 65 15.29 38.79 -11.48
N ILE B 66 15.05 39.96 -10.90
CA ILE B 66 15.15 40.08 -9.44
C ILE B 66 14.13 39.19 -8.71
N ASP B 67 12.92 39.07 -9.26
CA ASP B 67 11.90 38.24 -8.62
C ASP B 67 12.27 36.77 -8.61
N GLU B 68 12.88 36.31 -9.70
CA GLU B 68 13.52 35.00 -9.68
C GLU B 68 14.52 34.87 -8.53
N GLY B 69 15.43 35.85 -8.41
CA GLY B 69 16.44 35.81 -7.38
C GLY B 69 15.85 35.84 -5.97
N ILE B 70 14.79 36.62 -5.81
CA ILE B 70 14.07 36.70 -4.53
C ILE B 70 13.44 35.34 -4.19
N ARG B 71 12.89 34.67 -5.20
CA ARG B 71 12.33 33.33 -5.01
C ARG B 71 13.40 32.39 -4.44
N LEU B 72 14.58 32.41 -5.04
CA LEU B 72 15.69 31.56 -4.57
C LEU B 72 15.99 31.80 -3.10
N ARG B 73 16.09 33.07 -2.71
CA ARG B 73 16.36 33.41 -1.33
C ARG B 73 15.29 32.81 -0.42
N LYS B 74 14.03 33.02 -0.79
CA LYS B 74 12.91 32.44 -0.06
C LYS B 74 13.06 30.92 0.05
N TYR B 75 13.45 30.26 -1.04
CA TYR B 75 13.74 28.82 -1.02
C TYR B 75 14.85 28.42 -0.01
N GLY B 76 15.67 29.38 0.39
CA GLY B 76 16.73 29.12 1.36
C GLY B 76 18.14 29.19 0.78
N ILE B 77 18.24 29.51 -0.50
CA ILE B 77 19.52 29.54 -1.20
C ILE B 77 20.40 30.66 -0.65
N SER B 78 21.57 30.30 -0.13
CA SER B 78 22.46 31.30 0.47
C SER B 78 23.72 31.58 -0.36
N SER B 79 23.86 30.88 -1.49
CA SER B 79 24.95 31.15 -2.43
C SER B 79 24.73 32.48 -3.14
N GLU B 80 25.78 32.99 -3.76
CA GLU B 80 25.64 34.24 -4.52
C GLU B 80 24.75 34.01 -5.74
N ILE B 81 24.03 35.05 -6.14
CA ILE B 81 23.08 34.98 -7.24
C ILE B 81 23.22 36.19 -8.16
N LEU B 82 23.46 35.96 -9.44
CA LEU B 82 23.60 37.06 -10.39
C LEU B 82 22.34 37.27 -11.21
N ILE B 83 21.79 38.48 -11.14
CA ILE B 83 20.63 38.82 -11.95
C ILE B 83 21.14 39.25 -13.32
N LEU B 84 20.78 38.50 -14.36
CA LEU B 84 21.36 38.72 -15.68
C LEU B 84 20.76 39.93 -16.41
N GLY B 85 19.59 40.37 -15.97
CA GLY B 85 18.89 41.45 -16.64
C GLY B 85 18.84 42.76 -15.88
N TYR B 86 18.25 43.77 -16.53
CA TYR B 86 17.97 45.06 -15.91
C TYR B 86 17.04 44.91 -14.71
N THR B 87 17.43 45.47 -13.57
CA THR B 87 16.49 45.65 -12.48
C THR B 87 16.21 47.14 -12.33
N SER B 88 14.95 47.53 -12.27
CA SER B 88 14.60 48.93 -12.01
C SER B 88 15.28 49.43 -10.73
N PRO B 89 15.94 50.59 -10.80
CA PRO B 89 16.61 51.20 -9.64
C PRO B 89 15.66 51.37 -8.46
N SER B 90 14.37 51.48 -8.75
CA SER B 90 13.36 51.64 -7.73
C SER B 90 13.31 50.43 -6.79
N ARG B 91 13.96 49.33 -7.17
CA ARG B 91 14.00 48.16 -6.32
C ARG B 91 15.38 47.91 -5.75
N ALA B 92 16.17 48.97 -5.64
CA ALA B 92 17.54 48.85 -5.14
C ALA B 92 17.57 48.32 -3.72
N LYS B 93 16.61 48.73 -2.90
CA LYS B 93 16.56 48.28 -1.52
C LYS B 93 16.45 46.76 -1.45
N GLU B 94 15.73 46.18 -2.42
CA GLU B 94 15.58 44.73 -2.49
C GLU B 94 16.85 44.03 -2.96
N LEU B 95 17.57 44.66 -3.90
CA LEU B 95 18.85 44.10 -4.31
C LEU B 95 19.75 44.06 -3.09
N CYS B 96 19.60 45.07 -2.24
CA CYS B 96 20.45 45.19 -1.06
C CYS B 96 20.04 44.19 0.01
N LYS B 97 18.75 44.19 0.34
CA LYS B 97 18.17 43.33 1.38
C LYS B 97 18.42 41.85 1.11
N TYR B 98 18.17 41.43 -0.13
CA TYR B 98 18.30 40.03 -0.51
C TYR B 98 19.67 39.65 -1.04
N GLU B 99 20.64 40.55 -0.89
CA GLU B 99 22.02 40.33 -1.32
C GLU B 99 22.12 39.76 -2.73
N LEU B 100 21.34 40.33 -3.64
CA LEU B 100 21.35 39.90 -5.02
C LEU B 100 22.38 40.69 -5.82
N THR B 101 23.19 39.98 -6.60
CA THR B 101 24.20 40.64 -7.43
C THR B 101 23.56 41.12 -8.73
N GLN B 102 23.68 42.42 -9.00
CA GLN B 102 23.03 43.00 -10.16
C GLN B 102 23.99 43.18 -11.34
N THR B 103 23.53 42.80 -12.52
CA THR B 103 24.23 43.14 -13.76
C THR B 103 24.15 44.66 -14.02
N LEU B 104 25.31 45.31 -14.20
CA LEU B 104 25.34 46.70 -14.68
C LEU B 104 25.26 46.71 -16.20
N ILE B 105 24.12 47.16 -16.73
CA ILE B 105 23.87 47.08 -18.18
C ILE B 105 24.45 48.23 -18.99
N ASP B 106 24.75 49.34 -18.31
CA ASP B 106 25.46 50.47 -18.91
C ASP B 106 25.81 51.51 -17.84
N TYR B 107 26.53 52.55 -18.24
CA TYR B 107 27.01 53.55 -17.28
C TYR B 107 25.87 54.35 -16.64
N ARG B 108 24.96 54.85 -17.46
CA ARG B 108 23.78 55.55 -16.98
C ARG B 108 23.06 54.77 -15.89
N TYR B 109 22.73 53.50 -16.19
CA TYR B 109 22.05 52.65 -15.24
C TYR B 109 22.83 52.52 -13.93
N SER B 110 24.14 52.27 -14.03
CA SER B 110 24.96 52.19 -12.83
C SER B 110 24.85 53.49 -12.03
N LEU B 111 24.79 54.61 -12.75
CA LEU B 111 24.71 55.92 -12.12
C LEU B 111 23.39 56.03 -11.37
N LEU B 112 22.30 55.66 -12.04
CA LEU B 112 20.98 55.72 -11.43
C LEU B 112 20.85 54.73 -10.28
N LEU B 113 21.47 53.56 -10.43
CA LEU B 113 21.42 52.56 -9.37
C LEU B 113 22.15 53.09 -8.14
N ASN B 114 23.35 53.58 -8.36
CA ASN B 114 24.14 54.15 -7.28
C ASN B 114 23.40 55.29 -6.57
N LYS B 115 22.72 56.13 -7.35
CA LYS B 115 21.98 57.29 -6.83
C LYS B 115 20.92 56.91 -5.80
N GLN B 116 20.41 55.69 -5.88
CA GLN B 116 19.40 55.19 -4.95
C GLN B 116 19.93 55.12 -3.52
N GLY B 117 21.26 55.06 -3.39
CA GLY B 117 21.89 55.12 -2.09
C GLY B 117 22.03 53.82 -1.32
N TYR B 118 21.78 52.68 -1.96
CA TYR B 118 21.93 51.38 -1.30
C TYR B 118 23.18 50.63 -1.75
N ASP B 119 23.87 49.99 -0.80
CA ASP B 119 25.06 49.22 -1.11
C ASP B 119 24.67 47.94 -1.86
N ILE B 120 25.17 47.79 -3.08
CA ILE B 120 24.77 46.69 -3.94
C ILE B 120 25.99 46.03 -4.55
N LYS B 121 26.03 44.69 -4.52
CA LYS B 121 27.04 43.94 -5.26
C LYS B 121 26.64 43.87 -6.73
N ALA B 122 27.61 44.06 -7.62
CA ALA B 122 27.33 44.05 -9.05
C ALA B 122 28.39 43.34 -9.90
N HIS B 123 28.00 42.91 -11.09
CA HIS B 123 28.93 42.53 -12.13
C HIS B 123 28.70 43.46 -13.30
N ILE B 124 29.76 43.86 -13.96
CA ILE B 124 29.57 44.73 -15.11
C ILE B 124 29.51 43.90 -16.38
N LYS B 125 28.46 44.11 -17.18
CA LYS B 125 28.39 43.43 -18.47
CA LYS B 125 28.38 43.43 -18.47
C LYS B 125 29.05 44.28 -19.54
N ILE B 126 29.90 43.67 -20.34
CA ILE B 126 30.53 44.36 -21.44
C ILE B 126 29.86 43.84 -22.71
N ASP B 127 29.32 44.72 -23.52
CA ASP B 127 28.81 44.34 -24.83
C ASP B 127 29.99 44.18 -25.76
N THR B 128 30.28 42.95 -26.19
CA THR B 128 31.42 42.73 -27.09
C THR B 128 31.00 42.43 -28.52
N GLY B 129 29.74 42.68 -28.85
CA GLY B 129 29.28 42.47 -30.21
C GLY B 129 27.81 42.08 -30.32
N MSE B 130 27.25 41.59 -29.21
CA MSE B 130 25.86 41.18 -29.18
C MSE B 130 24.90 42.35 -29.39
O MSE B 130 23.83 42.18 -29.98
CB MSE B 130 25.53 40.49 -27.86
CG MSE B 130 24.09 40.01 -27.81
SE MSE B 130 23.93 38.22 -27.13
CE MSE B 130 23.77 38.72 -25.26
N HIS B 131 25.31 43.51 -28.88
CA HIS B 131 24.53 44.75 -28.98
C HIS B 131 23.15 44.67 -28.35
N ARG B 132 23.07 44.05 -27.19
CA ARG B 132 21.88 44.13 -26.38
C ARG B 132 22.25 44.93 -25.14
N LEU B 133 22.35 44.26 -23.99
CA LEU B 133 22.80 44.95 -22.78
C LEU B 133 24.33 45.04 -22.74
N GLY B 134 24.85 45.98 -21.96
CA GLY B 134 26.29 46.07 -21.75
C GLY B 134 26.94 47.40 -22.10
N PHE B 135 28.04 47.69 -21.42
CA PHE B 135 28.93 48.80 -21.75
C PHE B 135 29.68 48.45 -23.03
N SER B 136 29.76 49.39 -23.97
CA SER B 136 30.56 49.21 -25.18
C SER B 136 32.05 49.14 -24.89
N THR B 137 32.77 48.35 -25.68
CA THR B 137 34.22 48.21 -25.55
C THR B 137 34.97 49.50 -25.88
N GLU B 138 34.30 50.42 -26.58
CA GLU B 138 34.92 51.70 -26.93
C GLU B 138 34.92 52.65 -25.75
N ASP B 139 33.88 52.57 -24.92
CA ASP B 139 33.69 53.53 -23.83
C ASP B 139 34.45 53.12 -22.57
N LYS B 140 35.76 53.06 -22.69
CA LYS B 140 36.58 52.53 -21.60
C LYS B 140 36.54 53.42 -20.35
N ASP B 141 36.38 54.72 -20.54
CA ASP B 141 36.32 55.64 -19.40
C ASP B 141 35.06 55.43 -18.58
N LYS B 142 33.97 55.11 -19.27
CA LYS B 142 32.74 54.78 -18.58
C LYS B 142 32.83 53.47 -17.81
N ILE B 143 33.46 52.47 -18.41
CA ILE B 143 33.69 51.20 -17.75
C ILE B 143 34.52 51.42 -16.48
N LEU B 144 35.62 52.16 -16.62
CA LEU B 144 36.48 52.45 -15.49
C LEU B 144 35.70 53.25 -14.43
N ALA B 145 34.95 54.25 -14.86
CA ALA B 145 34.16 55.07 -13.94
C ALA B 145 33.18 54.25 -13.10
N ALA B 146 32.69 53.15 -13.67
CA ALA B 146 31.73 52.29 -12.98
C ALA B 146 32.33 51.61 -11.76
N PHE B 147 33.67 51.55 -11.71
CA PHE B 147 34.39 50.97 -10.59
C PHE B 147 34.59 51.91 -9.41
N SER B 148 34.29 53.20 -9.61
CA SER B 148 34.43 54.20 -8.56
C SER B 148 33.09 54.77 -8.12
N LEU B 149 32.03 53.99 -8.18
CA LEU B 149 30.73 54.45 -7.67
C LEU B 149 30.55 54.01 -6.23
N LYS B 150 30.15 54.94 -5.38
CA LYS B 150 30.21 54.78 -3.92
C LYS B 150 29.42 53.58 -3.38
N HIS B 151 28.27 53.31 -3.98
CA HIS B 151 27.38 52.27 -3.48
C HIS B 151 27.41 50.99 -4.30
N ILE B 152 28.22 50.98 -5.36
CA ILE B 152 28.25 49.85 -6.28
C ILE B 152 29.54 49.06 -6.12
N LYS B 153 29.42 47.88 -5.53
CA LYS B 153 30.59 47.05 -5.30
C LYS B 153 30.75 46.09 -6.47
N VAL B 154 31.66 46.41 -7.38
CA VAL B 154 31.82 45.58 -8.55
C VAL B 154 32.65 44.37 -8.22
N ALA B 155 32.02 43.20 -8.27
CA ALA B 155 32.65 41.94 -7.89
C ALA B 155 32.98 41.10 -9.12
N GLY B 156 32.58 41.58 -10.29
CA GLY B 156 32.80 40.80 -11.48
C GLY B 156 32.58 41.56 -12.76
N ILE B 157 33.08 41.00 -13.85
CA ILE B 157 32.99 41.62 -15.16
C ILE B 157 32.78 40.53 -16.20
N PHE B 158 31.79 40.69 -17.07
CA PHE B 158 31.48 39.59 -17.98
C PHE B 158 30.99 40.00 -19.34
N THR B 159 30.92 39.03 -20.24
CA THR B 159 30.29 39.25 -21.53
C THR B 159 29.59 38.00 -21.99
N HIS B 160 28.86 38.10 -23.10
CA HIS B 160 28.14 36.97 -23.65
C HIS B 160 28.53 36.72 -25.11
N LEU B 161 28.92 35.49 -25.42
CA LEU B 161 29.28 35.12 -26.79
C LEU B 161 28.06 34.87 -27.69
N CYS B 162 28.15 35.33 -28.94
CA CYS B 162 27.01 35.23 -29.85
C CYS B 162 26.91 33.90 -30.59
N ALA B 163 28.05 33.37 -31.02
CA ALA B 163 28.04 32.21 -31.89
C ALA B 163 29.08 31.17 -31.52
N ALA B 164 29.20 30.91 -30.22
CA ALA B 164 30.17 29.92 -29.73
C ALA B 164 29.78 28.50 -30.13
N ASP B 165 28.50 28.31 -30.45
CA ASP B 165 27.98 26.99 -30.80
C ASP B 165 28.22 26.63 -32.26
N SER B 166 29.02 27.42 -32.96
CA SER B 166 29.25 27.20 -34.38
C SER B 166 30.73 27.14 -34.70
N LEU B 167 31.13 26.22 -35.57
CA LEU B 167 32.53 26.15 -36.00
C LEU B 167 32.74 26.75 -37.39
N GLU B 168 31.74 27.46 -37.89
CA GLU B 168 31.88 28.23 -39.12
C GLU B 168 32.91 29.34 -38.92
N GLU B 169 33.66 29.65 -39.96
CA GLU B 169 34.75 30.60 -39.84
C GLU B 169 34.26 32.01 -39.51
N ASN B 170 33.04 32.33 -39.92
CA ASN B 170 32.45 33.63 -39.60
C ASN B 170 32.20 33.76 -38.11
N ASP B 171 31.66 32.69 -37.55
CA ASP B 171 31.30 32.62 -36.14
C ASP B 171 32.53 32.45 -35.24
N VAL B 172 33.53 31.71 -35.74
CA VAL B 172 34.79 31.59 -35.03
C VAL B 172 35.49 32.93 -34.92
N ALA B 173 35.68 33.61 -36.05
CA ALA B 173 36.30 34.93 -36.06
C ALA B 173 35.51 35.92 -35.20
N PHE B 174 34.18 35.84 -35.25
CA PHE B 174 33.38 36.73 -34.42
C PHE B 174 33.51 36.39 -32.94
N THR B 175 33.58 35.10 -32.63
CA THR B 175 33.74 34.70 -31.24
C THR B 175 35.10 35.19 -30.71
N ASN B 176 36.14 35.02 -31.52
CA ASN B 176 37.47 35.42 -31.12
C ASN B 176 37.58 36.93 -30.96
N LYS B 177 36.86 37.64 -31.84
CA LYS B 177 36.82 39.09 -31.80
C LYS B 177 36.21 39.57 -30.50
N GLN B 178 35.18 38.88 -30.04
CA GLN B 178 34.55 39.20 -28.77
C GLN B 178 35.51 38.92 -27.62
N ILE B 179 36.09 37.72 -27.65
CA ILE B 179 37.05 37.33 -26.62
C ILE B 179 38.22 38.34 -26.59
N GLY B 180 38.73 38.67 -27.77
CA GLY B 180 39.85 39.58 -27.91
C GLY B 180 39.57 40.98 -27.40
N SER B 181 38.45 41.56 -27.82
CA SER B 181 38.13 42.91 -27.39
C SER B 181 37.77 42.94 -25.90
N PHE B 182 37.27 41.83 -25.39
CA PHE B 182 36.99 41.72 -23.97
C PHE B 182 38.30 41.80 -23.14
N TYR B 183 39.30 41.02 -23.53
CA TYR B 183 40.56 41.07 -22.80
C TYR B 183 41.34 42.35 -23.03
N LYS B 184 41.06 43.04 -24.13
CA LYS B 184 41.66 44.35 -24.35
C LYS B 184 41.07 45.36 -23.37
N VAL B 185 39.80 45.19 -23.03
CA VAL B 185 39.18 46.01 -22.01
C VAL B 185 39.89 45.77 -20.66
N LEU B 186 40.13 44.51 -20.34
CA LEU B 186 40.79 44.18 -19.07
C LEU B 186 42.21 44.74 -19.02
N ASP B 187 42.92 44.66 -20.15
CA ASP B 187 44.29 45.19 -20.25
C ASP B 187 44.28 46.68 -19.97
N TRP B 188 43.34 47.36 -20.63
CA TRP B 188 43.23 48.80 -20.52
C TRP B 188 42.92 49.21 -19.08
N LEU B 189 42.02 48.48 -18.43
CA LEU B 189 41.65 48.78 -17.05
C LEU B 189 42.84 48.63 -16.10
N LYS B 190 43.55 47.50 -16.22
CA LYS B 190 44.77 47.24 -15.46
C LYS B 190 45.79 48.36 -15.66
N SER B 191 45.94 48.79 -16.91
CA SER B 191 46.85 49.89 -17.24
C SER B 191 46.51 51.15 -16.47
N SER B 192 45.26 51.26 -16.04
CA SER B 192 44.83 52.43 -15.27
C SER B 192 44.79 52.11 -13.78
N GLY B 193 45.57 51.12 -13.38
CA GLY B 193 45.74 50.79 -11.96
C GLY B 193 44.72 49.81 -11.38
N LEU B 194 43.60 49.65 -12.07
CA LEU B 194 42.52 48.82 -11.57
C LEU B 194 42.89 47.34 -11.39
N ASN B 195 42.40 46.73 -10.32
CA ASN B 195 42.44 45.27 -10.18
C ASN B 195 41.17 44.63 -10.77
N ILE B 196 41.37 43.65 -11.65
CA ILE B 196 40.26 42.95 -12.28
C ILE B 196 39.53 42.03 -11.30
N PRO B 197 38.19 42.13 -11.25
CA PRO B 197 37.37 41.25 -10.43
C PRO B 197 37.15 39.92 -11.16
N LYS B 198 36.27 39.06 -10.67
CA LYS B 198 36.00 37.76 -11.30
C LYS B 198 35.46 37.91 -12.73
N VAL B 199 36.06 37.15 -13.65
CA VAL B 199 35.74 37.21 -15.07
C VAL B 199 34.86 36.04 -15.52
N HIS B 200 33.81 36.31 -16.31
CA HIS B 200 33.13 35.20 -17.01
C HIS B 200 32.68 35.52 -18.43
N ILE B 201 32.91 34.58 -19.35
CA ILE B 201 32.72 34.81 -20.77
C ILE B 201 31.84 33.71 -21.38
N GLN B 202 32.01 32.49 -20.89
CA GLN B 202 31.43 31.29 -21.49
C GLN B 202 30.04 30.91 -20.99
N SER B 203 29.17 30.55 -21.93
CA SER B 203 28.00 29.71 -21.64
C SER B 203 28.34 28.26 -21.95
N SER B 204 27.34 27.40 -22.09
CA SER B 204 27.59 25.98 -22.38
C SER B 204 28.53 25.76 -23.56
N TYR B 205 28.27 26.41 -24.69
CA TYR B 205 29.09 26.17 -25.87
C TYR B 205 30.43 26.92 -25.78
N GLY B 206 30.48 27.88 -24.87
CA GLY B 206 31.73 28.51 -24.51
C GLY B 206 32.69 27.47 -23.94
N LEU B 207 32.17 26.60 -23.08
CA LEU B 207 32.99 25.53 -22.52
C LEU B 207 33.26 24.47 -23.58
N LEU B 208 32.20 24.08 -24.29
CA LEU B 208 32.28 23.00 -25.26
C LEU B 208 33.20 23.28 -26.45
N ASN B 209 33.11 24.49 -27.00
CA ASN B 209 33.93 24.82 -28.18
C ASN B 209 35.13 25.68 -27.91
N TYR B 210 35.19 26.30 -26.73
CA TYR B 210 36.34 27.12 -26.38
C TYR B 210 36.88 26.76 -24.99
N PRO B 211 37.23 25.47 -24.78
CA PRO B 211 37.67 25.04 -23.45
C PRO B 211 39.04 25.60 -23.05
N GLU B 212 39.78 26.10 -24.02
CA GLU B 212 41.08 26.70 -23.73
C GLU B 212 40.94 28.01 -22.93
N LEU B 213 39.72 28.57 -22.88
CA LEU B 213 39.49 29.77 -22.06
C LEU B 213 39.59 29.45 -20.58
N GLU B 214 40.16 30.37 -19.82
CA GLU B 214 40.26 30.20 -18.37
C GLU B 214 39.66 31.42 -17.68
N CYS B 215 38.47 31.26 -17.14
CA CYS B 215 37.81 32.38 -16.47
C CYS B 215 37.48 31.97 -15.06
N ASP B 216 36.82 32.84 -14.29
CA ASP B 216 36.47 32.51 -12.91
C ASP B 216 35.14 31.75 -12.76
N TYR B 217 34.20 31.95 -13.69
CA TYR B 217 33.02 31.10 -13.77
C TYR B 217 32.75 30.70 -15.21
N ILE B 218 32.00 29.61 -15.36
CA ILE B 218 31.27 29.34 -16.59
C ILE B 218 29.76 29.33 -16.30
N ARG B 219 29.00 30.09 -17.10
CA ARG B 219 27.55 30.16 -16.94
C ARG B 219 26.90 28.99 -17.65
N VAL B 220 26.62 27.92 -16.95
CA VAL B 220 26.07 26.74 -17.63
C VAL B 220 24.55 26.62 -17.53
N GLY B 221 23.93 26.60 -18.71
CA GLY B 221 22.51 26.39 -18.84
C GLY B 221 22.27 25.00 -19.41
N VAL B 222 22.18 24.94 -20.73
N VAL B 222 22.13 24.93 -20.73
CA VAL B 222 21.77 23.74 -21.47
CA VAL B 222 21.72 23.68 -21.38
C VAL B 222 22.57 22.47 -21.15
C VAL B 222 22.56 22.46 -21.00
N ALA B 223 23.88 22.59 -20.96
CA ALA B 223 24.72 21.43 -20.68
C ALA B 223 24.46 20.85 -19.28
N LEU B 224 24.17 21.73 -18.34
CA LEU B 224 23.86 21.34 -16.98
C LEU B 224 22.67 20.40 -16.94
N TYR B 225 21.71 20.64 -17.82
CA TYR B 225 20.49 19.82 -17.87
C TYR B 225 20.67 18.62 -18.79
N GLY B 226 21.87 18.49 -19.33
CA GLY B 226 22.26 17.26 -20.01
C GLY B 226 21.75 17.19 -21.43
N VAL B 227 21.42 18.34 -21.99
CA VAL B 227 20.90 18.37 -23.35
C VAL B 227 21.73 19.28 -24.24
N LEU B 228 21.60 19.08 -25.54
CA LEU B 228 22.22 19.96 -26.53
C LEU B 228 21.18 20.91 -27.14
N SER B 229 21.65 22.02 -27.71
CA SER B 229 20.75 23.00 -28.32
C SER B 229 20.11 22.47 -29.60
N SER B 230 20.89 21.70 -30.35
CA SER B 230 20.43 21.06 -31.57
C SER B 230 20.84 19.59 -31.52
N THR B 231 20.19 18.75 -32.33
CA THR B 231 20.48 17.33 -32.30
C THR B 231 21.81 17.01 -32.97
N ASN B 232 22.67 16.30 -32.24
CA ASN B 232 23.99 15.93 -32.73
C ASN B 232 24.82 17.12 -33.22
N ASP B 233 25.31 17.95 -32.31
CA ASP B 233 26.20 19.04 -32.67
C ASP B 233 27.66 18.59 -32.60
N LYS B 234 28.55 19.31 -33.29
CA LYS B 234 29.93 18.86 -33.40
C LYS B 234 30.91 19.68 -32.54
N THR B 235 30.82 19.53 -31.23
CA THR B 235 31.65 20.31 -30.31
C THR B 235 33.04 19.72 -30.11
N LYS B 236 34.00 20.59 -29.83
CA LYS B 236 35.39 20.19 -29.54
C LYS B 236 35.41 19.17 -28.42
N LEU B 237 34.95 19.59 -27.25
CA LEU B 237 34.74 18.66 -26.17
C LEU B 237 33.55 17.80 -26.54
N GLU B 238 33.56 16.54 -26.12
CA GLU B 238 32.38 15.71 -26.22
C GLU B 238 32.15 15.07 -24.86
N LEU B 239 31.45 15.82 -24.01
CA LEU B 239 31.22 15.41 -22.64
C LEU B 239 30.10 14.39 -22.53
N ASP B 240 30.22 13.53 -21.54
CA ASP B 240 29.22 12.53 -21.21
C ASP B 240 28.16 13.21 -20.36
N LEU B 241 27.21 13.86 -21.01
CA LEU B 241 26.13 14.55 -20.31
C LEU B 241 24.85 13.74 -20.42
N ARG B 242 24.13 13.63 -19.31
CA ARG B 242 22.95 12.79 -19.26
C ARG B 242 21.67 13.61 -19.05
N PRO B 243 20.66 13.39 -19.89
CA PRO B 243 19.45 14.23 -19.86
C PRO B 243 18.77 14.17 -18.48
N VAL B 244 18.48 15.32 -17.91
CA VAL B 244 17.87 15.41 -16.59
C VAL B 244 16.34 15.25 -16.66
N LEU B 245 15.72 15.90 -17.64
CA LEU B 245 14.27 15.95 -17.74
C LEU B 245 13.65 14.84 -18.58
N SER B 246 12.56 14.25 -18.10
CA SER B 246 11.69 13.46 -18.95
C SER B 246 10.25 13.91 -18.74
N LEU B 247 9.42 13.70 -19.77
CA LEU B 247 8.03 14.14 -19.75
C LEU B 247 7.11 12.93 -19.95
N LYS B 248 6.22 12.71 -19.00
CA LYS B 248 5.39 11.51 -18.98
C LYS B 248 3.90 11.85 -18.85
N ALA B 249 3.07 11.02 -19.45
CA ALA B 249 1.61 11.09 -19.28
C ALA B 249 1.02 9.69 -19.21
N LYS B 250 -0.05 9.54 -18.41
CA LYS B 250 -0.76 8.27 -18.22
C LYS B 250 -1.93 8.16 -19.20
N VAL B 251 -2.06 6.99 -19.85
CA VAL B 251 -3.21 6.73 -20.72
C VAL B 251 -4.48 6.82 -19.87
N VAL B 252 -5.43 7.64 -20.29
CA VAL B 252 -6.67 7.80 -19.53
C VAL B 252 -7.88 7.09 -20.16
N LEU B 253 -7.77 6.70 -21.42
CA LEU B 253 -8.89 6.05 -22.12
C LEU B 253 -8.36 5.42 -23.38
N ILE B 254 -8.91 4.27 -23.72
CA ILE B 254 -8.56 3.59 -24.95
C ILE B 254 -9.83 3.36 -25.75
N ARG B 255 -9.75 3.52 -27.06
CA ARG B 255 -10.92 3.30 -27.90
C ARG B 255 -10.52 2.68 -29.22
N LYS B 256 -11.48 1.99 -29.84
CA LYS B 256 -11.29 1.45 -31.17
C LYS B 256 -11.88 2.44 -32.14
N ILE B 257 -11.19 2.67 -33.25
CA ILE B 257 -11.80 3.36 -34.37
C ILE B 257 -11.73 2.47 -35.59
N LYS B 258 -12.76 2.56 -36.42
CA LYS B 258 -12.88 1.73 -37.59
C LYS B 258 -11.98 2.25 -38.70
N GLN B 259 -11.59 1.37 -39.62
CA GLN B 259 -10.89 1.78 -40.83
C GLN B 259 -11.66 2.91 -41.50
N GLY B 260 -10.93 3.91 -41.98
CA GLY B 260 -11.54 5.04 -42.67
C GLY B 260 -11.97 6.17 -41.75
N GLU B 261 -11.97 5.93 -40.45
CA GLU B 261 -12.31 6.99 -39.49
C GLU B 261 -11.09 7.86 -39.12
N SER B 262 -11.34 9.01 -38.50
CA SER B 262 -10.24 9.89 -38.08
C SER B 262 -10.31 10.19 -36.59
N VAL B 263 -9.43 11.08 -36.14
CA VAL B 263 -9.53 11.61 -34.78
C VAL B 263 -9.57 13.14 -34.87
N GLY B 264 -10.61 13.72 -34.28
CA GLY B 264 -10.83 15.14 -34.36
C GLY B 264 -11.16 15.60 -35.77
N TYR B 265 -11.49 14.65 -36.64
CA TYR B 265 -11.84 14.94 -38.04
C TYR B 265 -10.73 15.74 -38.74
N SER B 266 -9.50 15.27 -38.61
CA SER B 266 -8.39 15.95 -39.26
C SER B 266 -8.24 15.48 -40.70
N ARG B 267 -7.94 16.41 -41.60
CA ARG B 267 -7.69 16.09 -42.99
C ARG B 267 -6.44 15.21 -43.10
N ALA B 268 -5.57 15.31 -42.11
CA ALA B 268 -4.27 14.65 -42.13
C ALA B 268 -4.31 13.17 -41.73
N PHE B 269 -5.21 12.79 -40.84
CA PHE B 269 -5.26 11.41 -40.37
C PHE B 269 -6.53 10.67 -40.75
N THR B 270 -6.35 9.56 -41.47
CA THR B 270 -7.42 8.64 -41.74
C THR B 270 -6.85 7.26 -41.46
N ALA B 271 -7.52 6.50 -40.62
CA ALA B 271 -7.05 5.16 -40.27
C ALA B 271 -7.04 4.27 -41.51
N THR B 272 -5.92 3.59 -41.74
CA THR B 272 -5.78 2.69 -42.88
C THR B 272 -6.27 1.30 -42.51
N ARG B 273 -6.49 1.08 -41.22
CA ARG B 273 -7.01 -0.18 -40.72
C ARG B 273 -7.82 0.14 -39.48
N ASP B 274 -8.53 -0.84 -38.92
CA ASP B 274 -9.12 -0.66 -37.61
C ASP B 274 -8.00 -0.41 -36.62
N SER B 275 -8.17 0.58 -35.75
CA SER B 275 -7.08 1.02 -34.90
C SER B 275 -7.49 1.20 -33.45
N LEU B 276 -6.52 1.05 -32.56
CA LEU B 276 -6.76 1.27 -31.15
C LEU B 276 -6.07 2.56 -30.76
N ILE B 277 -6.84 3.49 -30.22
CA ILE B 277 -6.31 4.81 -29.90
C ILE B 277 -6.23 4.98 -28.40
N ALA B 278 -5.10 5.50 -27.91
CA ALA B 278 -5.00 5.86 -26.51
C ALA B 278 -5.04 7.38 -26.34
N ILE B 279 -5.78 7.83 -25.32
CA ILE B 279 -5.87 9.24 -25.02
C ILE B 279 -4.93 9.60 -23.88
N LEU B 280 -4.10 10.63 -24.13
CA LEU B 280 -3.15 11.17 -23.16
C LEU B 280 -3.56 12.59 -22.74
N PRO B 281 -3.65 12.84 -21.43
CA PRO B 281 -4.10 14.12 -20.87
C PRO B 281 -3.01 15.19 -20.90
N ILE B 282 -2.44 15.42 -22.08
CA ILE B 282 -1.43 16.46 -22.25
C ILE B 282 -1.62 17.12 -23.62
N GLY B 283 -1.57 18.45 -23.64
CA GLY B 283 -1.69 19.21 -24.87
C GLY B 283 -0.76 20.42 -24.93
N TYR B 284 -1.06 21.38 -25.81
CA TYR B 284 -0.17 22.53 -25.98
C TYR B 284 -0.16 23.48 -24.79
N ALA B 285 -1.25 23.50 -24.02
CA ALA B 285 -1.29 24.33 -22.82
C ALA B 285 -0.28 23.87 -21.77
N ASP B 286 0.14 22.62 -21.84
CA ASP B 286 1.16 22.11 -20.94
C ASP B 286 2.56 22.29 -21.52
N GLY B 287 2.66 22.87 -22.71
CA GLY B 287 3.96 23.13 -23.30
C GLY B 287 4.44 22.08 -24.27
N PHE B 288 3.58 21.14 -24.61
CA PHE B 288 3.91 20.19 -25.66
C PHE B 288 3.44 20.82 -26.96
N PRO B 289 4.38 21.19 -27.84
CA PRO B 289 4.03 22.06 -28.96
C PRO B 289 2.96 21.50 -29.89
N ARG B 290 2.07 22.40 -30.30
CA ARG B 290 0.95 22.09 -31.16
C ARG B 290 1.41 21.67 -32.55
N ASN B 291 2.43 22.35 -33.06
CA ASN B 291 2.84 22.13 -34.45
C ASN B 291 3.55 20.79 -34.68
N LEU B 292 3.54 19.95 -33.65
CA LEU B 292 3.94 18.56 -33.78
C LEU B 292 2.74 17.72 -34.23
N SER B 293 1.62 18.40 -34.49
CA SER B 293 0.40 17.76 -35.00
C SER B 293 0.68 17.01 -36.30
N SER B 297 6.32 12.19 -35.38
CA SER B 297 6.05 12.43 -33.96
C SER B 297 5.30 11.26 -33.31
N TYR B 298 5.80 10.82 -32.17
CA TYR B 298 5.24 9.65 -31.50
C TYR B 298 5.58 9.72 -30.03
N VAL B 299 4.97 8.86 -29.22
CA VAL B 299 5.38 8.73 -27.83
C VAL B 299 5.90 7.29 -27.68
N LEU B 300 6.53 6.99 -26.56
CA LEU B 300 6.93 5.62 -26.26
C LEU B 300 6.01 5.00 -25.22
N ILE B 301 5.42 3.87 -25.55
CA ILE B 301 4.64 3.07 -24.62
C ILE B 301 5.14 1.63 -24.73
N GLY B 302 5.42 1.01 -23.57
CA GLY B 302 5.96 -0.35 -23.55
C GLY B 302 7.21 -0.49 -24.40
N GLY B 303 8.03 0.56 -24.41
CA GLY B 303 9.24 0.60 -25.21
C GLY B 303 9.01 0.70 -26.71
N ARG B 304 7.76 0.93 -27.10
CA ARG B 304 7.39 0.96 -28.51
CA ARG B 304 7.37 0.94 -28.51
C ARG B 304 6.93 2.33 -28.95
N GLN B 305 7.06 2.60 -30.24
CA GLN B 305 6.63 3.88 -30.80
C GLN B 305 5.14 3.87 -31.12
N ALA B 306 4.40 4.78 -30.48
CA ALA B 306 2.99 5.01 -30.75
C ALA B 306 2.82 6.36 -31.42
N PRO B 307 2.53 6.36 -32.72
CA PRO B 307 2.40 7.61 -33.47
C PRO B 307 1.24 8.44 -32.94
N ILE B 308 1.48 9.74 -32.80
CA ILE B 308 0.44 10.70 -32.47
C ILE B 308 -0.52 10.74 -33.64
N VAL B 309 -1.82 10.75 -33.35
CA VAL B 309 -2.82 10.81 -34.42
C VAL B 309 -3.84 11.93 -34.19
N GLY B 310 -4.16 12.66 -35.25
CA GLY B 310 -4.99 13.85 -35.13
C GLY B 310 -4.16 14.99 -34.59
N LYS B 311 -4.71 16.19 -34.59
CA LYS B 311 -4.01 17.37 -34.08
C LYS B 311 -3.87 17.30 -32.57
N ILE B 312 -2.88 18.00 -32.03
CA ILE B 312 -2.68 18.06 -30.60
C ILE B 312 -3.61 19.14 -30.06
N CYS B 313 -4.36 18.83 -29.02
CA CYS B 313 -5.31 19.79 -28.49
C CYS B 313 -4.73 20.53 -27.30
N MSE B 314 -5.52 21.42 -26.73
CA MSE B 314 -5.06 22.22 -25.61
C MSE B 314 -4.67 21.38 -24.41
O MSE B 314 -3.64 21.65 -23.78
CB MSE B 314 -6.13 23.22 -25.20
CG MSE B 314 -5.53 24.44 -24.53
SE MSE B 314 -6.83 25.84 -24.27
CE MSE B 314 -7.02 25.69 -22.42
N ASP B 315 -5.46 20.36 -24.10
CA ASP B 315 -5.29 19.60 -22.86
C ASP B 315 -5.08 18.10 -23.06
N GLN B 316 -5.03 17.64 -24.30
CA GLN B 316 -4.98 16.20 -24.59
C GLN B 316 -4.52 15.97 -26.01
N LEU B 317 -4.14 14.73 -26.29
CA LEU B 317 -3.73 14.31 -27.61
C LEU B 317 -4.00 12.81 -27.73
N ALA B 318 -3.86 12.26 -28.92
CA ALA B 318 -4.12 10.85 -29.13
C ALA B 318 -2.94 10.12 -29.77
N VAL B 319 -2.73 8.86 -29.39
CA VAL B 319 -1.72 8.00 -30.03
C VAL B 319 -2.23 6.61 -30.44
N ASP B 320 -1.63 6.09 -31.51
CA ASP B 320 -2.01 4.79 -32.06
C ASP B 320 -1.27 3.65 -31.37
N VAL B 321 -1.98 2.83 -30.60
CA VAL B 321 -1.36 1.74 -29.86
C VAL B 321 -1.79 0.38 -30.40
N THR B 322 -2.23 0.36 -31.67
CA THR B 322 -2.70 -0.87 -32.32
C THR B 322 -1.69 -2.03 -32.24
N ASP B 323 -0.41 -1.73 -32.44
CA ASP B 323 0.61 -2.77 -32.50
C ASP B 323 1.24 -3.06 -31.15
N ILE B 324 0.74 -2.44 -30.08
CA ILE B 324 1.42 -2.50 -28.79
C ILE B 324 0.65 -3.30 -27.73
N PRO B 325 1.26 -4.39 -27.24
CA PRO B 325 0.64 -5.25 -26.24
C PRO B 325 0.64 -4.62 -24.84
N ASN B 326 -0.29 -5.09 -23.99
CA ASN B 326 -0.34 -4.72 -22.58
C ASN B 326 -0.47 -3.21 -22.35
N VAL B 327 -1.29 -2.56 -23.16
CA VAL B 327 -1.58 -1.15 -22.94
C VAL B 327 -2.97 -1.01 -22.31
N LYS B 328 -3.03 -0.36 -21.17
CA LYS B 328 -4.31 -0.13 -20.52
C LYS B 328 -4.36 1.28 -19.95
N THR B 329 -5.46 1.64 -19.32
CA THR B 329 -5.47 2.93 -18.65
C THR B 329 -4.44 2.83 -17.55
N GLY B 330 -3.70 3.92 -17.33
CA GLY B 330 -2.65 3.90 -16.33
C GLY B 330 -1.29 3.55 -16.89
N SER B 331 -1.25 3.05 -18.14
CA SER B 331 0.04 2.88 -18.81
C SER B 331 0.74 4.21 -18.98
N ILE B 332 2.05 4.20 -18.77
CA ILE B 332 2.87 5.41 -18.82
C ILE B 332 3.41 5.61 -20.24
N ALA B 333 3.11 6.78 -20.81
CA ALA B 333 3.65 7.17 -22.11
C ALA B 333 4.82 8.12 -21.88
N THR B 334 5.89 7.95 -22.65
CA THR B 334 7.06 8.81 -22.53
C THR B 334 7.13 9.76 -23.72
N LEU B 335 6.93 11.05 -23.48
CA LEU B 335 6.95 12.04 -24.56
C LEU B 335 8.35 12.59 -24.76
N ILE B 336 9.07 12.78 -23.66
CA ILE B 336 10.51 13.06 -23.69
C ILE B 336 11.14 12.13 -22.66
N GLY B 337 12.17 11.39 -23.08
CA GLY B 337 12.83 10.51 -22.13
C GLY B 337 13.19 9.16 -22.73
N LYS B 338 13.66 8.27 -21.88
CA LYS B 338 13.96 6.90 -22.29
C LYS B 338 12.83 5.94 -21.92
N ASP B 339 12.65 4.92 -22.75
CA ASP B 339 11.74 3.83 -22.42
C ASP B 339 12.35 2.55 -22.97
N GLY B 340 13.07 1.84 -22.12
CA GLY B 340 13.76 0.63 -22.53
C GLY B 340 14.84 0.98 -23.54
N LYS B 341 14.79 0.32 -24.69
CA LYS B 341 15.82 0.52 -25.71
C LYS B 341 15.58 1.79 -26.51
N GLU B 342 14.36 2.31 -26.42
CA GLU B 342 13.97 3.49 -27.17
C GLU B 342 14.17 4.79 -26.36
N GLU B 343 14.47 5.87 -27.07
CA GLU B 343 14.62 7.19 -26.43
C GLU B 343 14.10 8.31 -27.32
N ILE B 344 13.34 9.23 -26.71
CA ILE B 344 12.94 10.47 -27.35
C ILE B 344 13.60 11.64 -26.62
N THR B 345 14.59 12.27 -27.24
CA THR B 345 15.35 13.30 -26.55
C THR B 345 14.71 14.66 -26.72
N ALA B 346 14.99 15.57 -25.79
CA ALA B 346 14.47 16.94 -25.91
C ALA B 346 14.83 17.61 -27.24
N PRO B 347 16.11 17.50 -27.68
CA PRO B 347 16.43 18.17 -28.95
C PRO B 347 15.68 17.59 -30.13
N MSE B 348 15.39 16.29 -30.11
CA MSE B 348 14.60 15.65 -31.16
C MSE B 348 13.21 16.28 -31.23
O MSE B 348 12.76 16.68 -32.30
CB MSE B 348 14.47 14.13 -30.92
CG MSE B 348 15.69 13.29 -31.31
SE MSE B 348 15.63 11.49 -30.51
CE MSE B 348 13.99 10.84 -31.35
N VAL B 349 12.54 16.36 -30.09
CA VAL B 349 11.24 16.99 -30.01
C VAL B 349 11.27 18.46 -30.47
N ALA B 350 12.26 19.21 -29.98
CA ALA B 350 12.37 20.62 -30.34
C ALA B 350 12.52 20.74 -31.85
N GLU B 351 13.35 19.88 -32.41
CA GLU B 351 13.67 19.93 -33.83
C GLU B 351 12.44 19.71 -34.70
N SER B 352 11.66 18.67 -34.40
CA SER B 352 10.47 18.39 -35.17
C SER B 352 9.39 19.44 -34.96
N ALA B 353 9.45 20.15 -33.83
CA ALA B 353 8.57 21.31 -33.63
C ALA B 353 9.16 22.60 -34.21
N GLU B 354 10.18 22.46 -35.04
CA GLU B 354 10.86 23.60 -35.67
C GLU B 354 11.28 24.64 -34.65
N SER B 355 11.87 24.17 -33.56
CA SER B 355 12.25 25.03 -32.45
C SER B 355 13.63 24.59 -31.96
N ILE B 356 14.13 25.24 -30.92
CA ILE B 356 15.40 24.83 -30.32
C ILE B 356 15.11 24.28 -28.94
N THR B 357 16.06 23.53 -28.40
CA THR B 357 15.88 22.87 -27.12
C THR B 357 15.50 23.85 -26.01
N ASN B 358 16.16 25.00 -26.01
CA ASN B 358 15.95 26.02 -24.98
C ASN B 358 14.51 26.48 -24.89
N GLU B 359 13.90 26.70 -26.05
CA GLU B 359 12.50 27.15 -26.05
C GLU B 359 11.59 26.04 -25.54
N LEU B 360 11.84 24.82 -26.00
CA LEU B 360 10.97 23.68 -25.67
C LEU B 360 10.98 23.42 -24.16
N LEU B 361 12.17 23.44 -23.56
CA LEU B 361 12.28 23.15 -22.14
C LEU B 361 11.76 24.30 -21.28
N SER B 362 12.21 25.52 -21.58
CA SER B 362 11.81 26.67 -20.78
C SER B 362 10.32 27.00 -20.89
N ARG B 363 9.64 26.45 -21.89
CA ARG B 363 8.20 26.66 -22.03
C ARG B 363 7.34 25.48 -21.59
N MSE B 364 7.91 24.59 -20.79
CA MSE B 364 7.12 23.51 -20.20
C MSE B 364 6.08 24.18 -19.34
O MSE B 364 6.37 25.15 -18.63
CB MSE B 364 8.00 22.58 -19.37
CG MSE B 364 8.86 21.64 -20.21
SE MSE B 364 7.76 20.25 -21.07
CE MSE B 364 8.25 20.54 -22.94
N GLY B 365 4.85 23.69 -19.40
CA GLY B 365 3.74 24.36 -18.74
C GLY B 365 3.84 24.32 -17.24
N HIS B 366 3.35 25.38 -16.61
CA HIS B 366 3.34 25.47 -15.17
C HIS B 366 2.42 24.42 -14.56
N ARG B 367 1.49 23.93 -15.37
CA ARG B 367 0.48 22.97 -14.94
C ARG B 367 1.07 21.58 -14.64
N LEU B 368 2.26 21.32 -15.17
CA LEU B 368 2.88 20.00 -15.04
C LEU B 368 3.48 19.79 -13.66
N ASN B 369 3.05 18.75 -12.96
CA ASN B 369 3.72 18.41 -11.70
C ASN B 369 5.15 17.95 -11.95
N ILE B 370 6.03 18.22 -10.99
CA ILE B 370 7.42 17.81 -11.12
C ILE B 370 7.72 16.84 -10.01
N ILE B 371 8.31 15.70 -10.36
CA ILE B 371 8.71 14.73 -9.34
C ILE B 371 10.13 14.23 -9.53
N ARG B 372 10.75 13.90 -8.40
CA ARG B 372 12.12 13.40 -8.35
C ARG B 372 12.30 11.99 -8.90
N ARG B 373 13.46 11.76 -9.50
CA ARG B 373 13.92 10.43 -9.83
C ARG B 373 15.46 10.40 -9.72
N ALA C 2 14.69 -30.26 8.45
CA ALA C 2 14.24 -29.12 9.24
C ALA C 2 13.25 -29.55 10.33
N ASP C 3 12.79 -30.80 10.25
CA ASP C 3 11.74 -31.28 11.13
C ASP C 3 12.09 -31.30 12.63
N THR C 4 13.37 -31.45 12.95
CA THR C 4 13.76 -31.66 14.35
C THR C 4 14.58 -30.51 14.96
N ASP C 5 14.48 -29.31 14.41
CA ASP C 5 15.32 -28.20 14.87
C ASP C 5 14.76 -27.49 16.10
N ARG C 6 13.45 -27.60 16.29
CA ARG C 6 12.78 -26.85 17.34
C ARG C 6 12.19 -27.80 18.38
N ALA C 7 10.91 -28.12 18.21
CA ALA C 7 10.24 -29.13 19.03
C ALA C 7 9.53 -30.10 18.09
N TYR C 8 9.34 -31.34 18.55
CA TYR C 8 8.79 -32.40 17.70
C TYR C 8 8.29 -33.62 18.48
N LEU C 9 7.37 -34.35 17.85
CA LEU C 9 6.90 -35.62 18.38
C LEU C 9 7.63 -36.75 17.70
N GLU C 10 8.03 -37.76 18.48
CA GLU C 10 8.58 -39.00 17.90
C GLU C 10 7.59 -40.12 18.07
N ILE C 11 7.31 -40.82 16.96
CA ILE C 11 6.34 -41.90 16.96
C ILE C 11 7.05 -43.23 16.73
N ASN C 12 7.15 -44.03 17.78
CA ASN C 12 7.87 -45.29 17.67
C ASN C 12 6.96 -46.37 17.06
N LEU C 13 7.14 -46.62 15.76
CA LEU C 13 6.28 -47.54 15.03
C LEU C 13 6.48 -49.01 15.44
N ASN C 14 7.68 -49.34 15.90
CA ASN C 14 7.93 -50.66 16.45
C ASN C 14 7.13 -50.89 17.72
N ASN C 15 7.02 -49.86 18.56
CA ASN C 15 6.20 -50.00 19.76
C ASN C 15 4.72 -50.14 19.42
N LEU C 16 4.29 -49.41 18.39
CA LEU C 16 2.91 -49.45 17.96
C LEU C 16 2.56 -50.86 17.48
N GLU C 17 3.41 -51.40 16.61
CA GLU C 17 3.25 -52.74 16.09
C GLU C 17 3.19 -53.74 17.25
N HIS C 18 4.11 -53.59 18.20
CA HIS C 18 4.13 -54.46 19.37
C HIS C 18 2.82 -54.41 20.13
N ASN C 19 2.32 -53.19 20.33
CA ASN C 19 1.03 -53.01 21.00
C ASN C 19 -0.10 -53.72 20.26
N VAL C 20 -0.09 -53.63 18.94
CA VAL C 20 -1.13 -54.27 18.15
C VAL C 20 -1.14 -55.78 18.38
N ASN C 21 0.02 -56.42 18.22
CA ASN C 21 0.12 -57.86 18.45
C ASN C 21 -0.24 -58.24 19.87
N THR C 22 0.18 -57.41 20.83
CA THR C 22 -0.09 -57.68 22.25
C THR C 22 -1.58 -57.67 22.54
N LEU C 23 -2.26 -56.64 22.03
CA LEU C 23 -3.69 -56.49 22.23
C LEU C 23 -4.44 -57.54 21.42
N GLN C 24 -4.00 -57.80 20.19
CA GLN C 24 -4.63 -58.84 19.36
C GLN C 24 -4.57 -60.18 20.09
N LYS C 25 -3.41 -60.49 20.65
CA LYS C 25 -3.21 -61.74 21.35
C LYS C 25 -4.10 -61.86 22.59
N ALA C 26 -4.29 -60.74 23.29
CA ALA C 26 -5.04 -60.74 24.55
C ALA C 26 -6.54 -60.79 24.29
N MSE C 27 -6.92 -60.46 23.06
CA MSE C 27 -8.29 -60.55 22.59
C MSE C 27 -8.70 -61.99 22.31
O MSE C 27 -7.85 -62.85 22.02
CB MSE C 27 -8.39 -59.80 21.28
CG MSE C 27 -9.16 -58.53 21.32
SE MSE C 27 -8.87 -57.74 19.58
CE MSE C 27 -7.60 -56.42 20.17
N SER C 28 -10.01 -62.26 22.35
CA SER C 28 -10.51 -63.58 21.97
CA SER C 28 -10.55 -63.56 21.95
C SER C 28 -10.20 -63.81 20.49
N PRO C 29 -10.05 -65.09 20.09
CA PRO C 29 -9.69 -65.40 18.71
C PRO C 29 -10.59 -64.73 17.66
N LYS C 30 -11.87 -64.60 17.98
CA LYS C 30 -12.83 -64.11 17.01
C LYS C 30 -13.00 -62.59 17.10
N CYS C 31 -12.41 -61.97 18.13
CA CYS C 31 -12.51 -60.52 18.32
C CYS C 31 -11.49 -59.77 17.48
N GLU C 32 -11.93 -58.71 16.82
CA GLU C 32 -11.07 -57.91 15.96
C GLU C 32 -10.71 -56.56 16.59
N LEU C 33 -9.47 -56.13 16.41
CA LEU C 33 -9.01 -54.84 16.94
C LEU C 33 -9.59 -53.72 16.09
N MSE C 34 -10.38 -52.84 16.72
CA MSE C 34 -10.80 -51.62 16.04
C MSE C 34 -9.98 -50.42 16.54
O MSE C 34 -10.17 -49.93 17.67
CB MSE C 34 -12.30 -51.34 16.23
CG MSE C 34 -12.76 -50.12 15.45
SE MSE C 34 -14.69 -49.71 15.56
CE MSE C 34 -14.81 -49.75 17.40
N ALA C 35 -9.04 -49.97 15.71
CA ALA C 35 -8.13 -48.92 16.15
C ALA C 35 -8.84 -47.55 16.15
N VAL C 36 -8.89 -46.93 17.33
CA VAL C 36 -9.52 -45.63 17.48
C VAL C 36 -8.47 -44.56 17.15
N VAL C 37 -8.63 -43.91 16.00
CA VAL C 37 -7.68 -42.92 15.51
C VAL C 37 -8.28 -41.50 15.47
N LYS C 38 -9.24 -41.23 16.33
CA LYS C 38 -9.86 -39.90 16.36
C LYS C 38 -8.88 -38.83 16.92
N ALA C 39 -9.14 -37.57 16.56
CA ALA C 39 -8.32 -36.46 17.04
C ALA C 39 -6.85 -36.66 16.72
N GLU C 40 -6.52 -36.74 15.42
CA GLU C 40 -5.15 -36.91 14.94
C GLU C 40 -4.49 -38.13 15.59
N ALA C 41 -5.24 -39.23 15.64
CA ALA C 41 -4.80 -40.45 16.29
C ALA C 41 -4.31 -40.16 17.70
N TYR C 42 -5.18 -39.59 18.52
CA TYR C 42 -4.81 -39.17 19.88
C TYR C 42 -3.53 -38.32 19.88
N GLY C 43 -3.37 -37.47 18.87
CA GLY C 43 -2.21 -36.59 18.80
C GLY C 43 -0.98 -37.20 18.14
N HIS C 44 -1.05 -38.49 17.79
CA HIS C 44 0.09 -39.19 17.23
C HIS C 44 0.28 -38.97 15.73
N GLY C 45 -0.69 -38.33 15.08
CA GLY C 45 -0.65 -38.17 13.63
C GLY C 45 -1.54 -39.18 12.94
N MSE C 46 -2.62 -38.71 12.34
CA MSE C 46 -3.58 -39.65 11.79
C MSE C 46 -3.03 -40.33 10.54
O MSE C 46 -3.20 -41.53 10.38
CB MSE C 46 -4.95 -39.00 11.55
CG MSE C 46 -6.13 -39.96 11.82
SE MSE C 46 -7.74 -39.08 11.25
CE MSE C 46 -8.16 -38.16 12.90
N TYR C 47 -2.37 -39.57 9.68
CA TYR C 47 -1.80 -40.19 8.49
C TYR C 47 -0.75 -41.22 8.88
N GLU C 48 0.16 -40.82 9.75
CA GLU C 48 1.26 -41.70 10.16
C GLU C 48 0.78 -43.03 10.76
N VAL C 49 -0.07 -42.92 11.77
CA VAL C 49 -0.56 -44.09 12.49
C VAL C 49 -1.44 -44.97 11.62
N THR C 50 -2.49 -44.39 11.07
CA THR C 50 -3.48 -45.16 10.33
C THR C 50 -2.92 -45.89 9.13
N THR C 51 -2.08 -45.22 8.33
CA THR C 51 -1.49 -45.91 7.18
C THR C 51 -0.59 -47.04 7.64
N TYR C 52 0.13 -46.84 8.76
CA TYR C 52 0.96 -47.91 9.29
C TYR C 52 0.13 -49.09 9.81
N LEU C 53 -0.91 -48.80 10.58
CA LEU C 53 -1.77 -49.86 11.11
C LEU C 53 -2.34 -50.72 9.99
N GLU C 54 -2.69 -50.09 8.88
CA GLU C 54 -3.25 -50.81 7.75
C GLU C 54 -2.17 -51.67 7.11
N GLN C 55 -0.96 -51.13 7.05
CA GLN C 55 0.19 -51.84 6.50
C GLN C 55 0.47 -53.12 7.29
N ILE C 56 0.27 -53.09 8.61
CA ILE C 56 0.54 -54.29 9.42
C ILE C 56 -0.73 -55.10 9.70
N GLY C 57 -1.81 -54.84 8.97
CA GLY C 57 -2.95 -55.72 9.02
C GLY C 57 -4.19 -55.26 9.77
N VAL C 58 -4.14 -54.10 10.42
CA VAL C 58 -5.35 -53.63 11.09
C VAL C 58 -6.37 -53.29 10.01
N SER C 59 -7.63 -53.68 10.20
CA SER C 59 -8.60 -53.52 9.14
C SER C 59 -9.94 -52.99 9.63
N SER C 60 -9.92 -52.33 10.78
CA SER C 60 -11.10 -51.67 11.31
C SER C 60 -10.68 -50.43 12.10
N PHE C 61 -11.30 -49.28 11.78
CA PHE C 61 -10.97 -48.01 12.42
C PHE C 61 -12.20 -47.27 12.91
N ALA C 62 -12.01 -46.48 13.95
CA ALA C 62 -13.08 -45.64 14.44
C ALA C 62 -12.58 -44.20 14.56
N VAL C 63 -13.40 -43.25 14.10
CA VAL C 63 -13.10 -41.83 14.16
C VAL C 63 -14.26 -41.11 14.82
N ALA C 64 -14.07 -39.83 15.17
CA ALA C 64 -15.14 -39.09 15.83
C ALA C 64 -16.14 -38.50 14.86
N THR C 65 -15.68 -38.08 13.68
CA THR C 65 -16.54 -37.27 12.81
C THR C 65 -16.43 -37.74 11.37
N ILE C 66 -17.42 -37.39 10.56
CA ILE C 66 -17.35 -37.73 9.15
C ILE C 66 -16.11 -37.17 8.45
N ASP C 67 -15.72 -35.94 8.81
CA ASP C 67 -14.56 -35.31 8.18
C ASP C 67 -13.25 -36.06 8.47
N GLU C 68 -13.09 -36.57 9.68
CA GLU C 68 -11.93 -37.42 9.99
C GLU C 68 -11.93 -38.64 9.09
N GLY C 69 -13.11 -39.24 8.91
CA GLY C 69 -13.26 -40.40 8.07
C GLY C 69 -12.90 -40.14 6.62
N ILE C 70 -13.36 -39.03 6.07
CA ILE C 70 -13.08 -38.67 4.68
C ILE C 70 -11.57 -38.43 4.50
N ARG C 71 -10.96 -37.86 5.52
CA ARG C 71 -9.53 -37.62 5.50
CA ARG C 71 -9.52 -37.62 5.49
C ARG C 71 -8.78 -38.94 5.33
N LEU C 72 -9.27 -39.96 6.03
CA LEU C 72 -8.67 -41.28 5.97
C LEU C 72 -8.78 -41.86 4.57
N ARG C 73 -9.95 -41.71 3.95
CA ARG C 73 -10.15 -42.24 2.60
C ARG C 73 -9.23 -41.54 1.61
N LYS C 74 -8.98 -40.25 1.86
CA LYS C 74 -8.09 -39.48 1.01
C LYS C 74 -6.64 -39.92 1.19
N TYR C 75 -6.31 -40.40 2.39
CA TYR C 75 -5.00 -41.01 2.64
C TYR C 75 -4.91 -42.36 1.96
N GLY C 76 -6.05 -42.86 1.48
CA GLY C 76 -6.12 -44.14 0.79
C GLY C 76 -6.43 -45.32 1.70
N ILE C 77 -6.89 -45.05 2.91
CA ILE C 77 -7.33 -46.10 3.83
C ILE C 77 -8.53 -46.81 3.24
N SER C 78 -8.44 -48.12 3.07
CA SER C 78 -9.53 -48.87 2.42
C SER C 78 -10.33 -49.75 3.38
N SER C 79 -9.89 -49.85 4.63
CA SER C 79 -10.59 -50.65 5.62
C SER C 79 -11.88 -49.96 6.07
N GLU C 80 -12.72 -50.71 6.78
CA GLU C 80 -13.95 -50.16 7.32
C GLU C 80 -13.64 -49.10 8.38
N ILE C 81 -14.48 -48.08 8.43
CA ILE C 81 -14.29 -46.95 9.32
C ILE C 81 -15.61 -46.58 9.99
N LEU C 82 -15.65 -46.60 11.31
CA LEU C 82 -16.87 -46.25 12.03
C LEU C 82 -16.77 -44.82 12.55
N ILE C 83 -17.79 -44.02 12.26
CA ILE C 83 -17.92 -42.70 12.85
C ILE C 83 -18.71 -42.77 14.15
N LEU C 84 -18.04 -42.46 15.26
CA LEU C 84 -18.61 -42.64 16.59
C LEU C 84 -19.64 -41.58 16.96
N GLY C 85 -19.71 -40.51 16.19
CA GLY C 85 -20.53 -39.37 16.55
C GLY C 85 -21.64 -39.07 15.57
N TYR C 86 -22.49 -38.10 15.93
CA TYR C 86 -23.55 -37.63 15.06
C TYR C 86 -23.00 -37.14 13.73
N THR C 87 -23.56 -37.58 12.61
CA THR C 87 -23.30 -36.91 11.35
C THR C 87 -24.60 -36.31 10.87
N SER C 88 -24.55 -35.05 10.44
CA SER C 88 -25.73 -34.40 9.88
C SER C 88 -26.29 -35.20 8.69
N PRO C 89 -27.59 -35.53 8.74
CA PRO C 89 -28.20 -36.36 7.69
C PRO C 89 -28.05 -35.74 6.33
N SER C 90 -27.86 -34.41 6.30
CA SER C 90 -27.64 -33.71 5.05
C SER C 90 -26.37 -34.17 4.35
N ARG C 91 -25.49 -34.85 5.09
CA ARG C 91 -24.28 -35.36 4.46
C ARG C 91 -24.32 -36.87 4.24
N ALA C 92 -25.53 -37.43 4.15
CA ALA C 92 -25.68 -38.87 3.92
C ALA C 92 -25.00 -39.28 2.63
N LYS C 93 -25.02 -38.37 1.65
CA LYS C 93 -24.41 -38.62 0.35
C LYS C 93 -22.93 -38.95 0.48
N GLU C 94 -22.26 -38.24 1.38
CA GLU C 94 -20.82 -38.47 1.61
C GLU C 94 -20.54 -39.76 2.38
N LEU C 95 -21.41 -40.08 3.34
CA LEU C 95 -21.33 -41.35 4.06
C LEU C 95 -21.39 -42.50 3.08
N CYS C 96 -22.29 -42.38 2.11
CA CYS C 96 -22.44 -43.37 1.05
C CYS C 96 -21.21 -43.38 0.14
N LYS C 97 -20.85 -42.22 -0.42
CA LYS C 97 -19.72 -42.13 -1.35
C LYS C 97 -18.36 -42.55 -0.76
N TYR C 98 -18.04 -42.07 0.43
CA TYR C 98 -16.79 -42.45 1.06
C TYR C 98 -16.88 -43.77 1.87
N GLU C 99 -18.04 -44.42 1.78
CA GLU C 99 -18.27 -45.72 2.42
C GLU C 99 -17.95 -45.73 3.91
N LEU C 100 -18.55 -44.80 4.63
CA LEU C 100 -18.34 -44.69 6.07
C LEU C 100 -19.48 -45.29 6.87
N THR C 101 -19.14 -45.94 7.97
CA THR C 101 -20.15 -46.55 8.81
C THR C 101 -20.61 -45.54 9.85
N GLN C 102 -21.89 -45.22 9.86
CA GLN C 102 -22.45 -44.26 10.78
C GLN C 102 -22.99 -44.86 12.08
N THR C 103 -22.61 -44.30 13.21
CA THR C 103 -23.31 -44.57 14.46
C THR C 103 -24.75 -43.99 14.43
N LEU C 104 -25.72 -44.84 14.75
CA LEU C 104 -27.11 -44.41 14.90
C LEU C 104 -27.34 -44.02 16.36
N ILE C 105 -27.56 -42.72 16.59
CA ILE C 105 -27.59 -42.20 17.95
C ILE C 105 -28.96 -42.28 18.61
N ASP C 106 -30.01 -42.34 17.79
CA ASP C 106 -31.35 -42.73 18.25
C ASP C 106 -32.27 -43.00 17.06
N TYR C 107 -33.52 -43.39 17.33
CA TYR C 107 -34.43 -43.73 16.26
C TYR C 107 -34.77 -42.56 15.35
N ARG C 108 -35.25 -41.48 15.95
CA ARG C 108 -35.47 -40.21 15.26
C ARG C 108 -34.33 -39.93 14.27
N TYR C 109 -33.10 -39.94 14.76
CA TYR C 109 -31.94 -39.73 13.88
C TYR C 109 -31.86 -40.74 12.75
N SER C 110 -32.04 -42.01 13.08
CA SER C 110 -31.92 -43.08 12.09
C SER C 110 -33.00 -42.90 11.05
N LEU C 111 -34.18 -42.49 11.50
CA LEU C 111 -35.32 -42.27 10.62
C LEU C 111 -34.99 -41.12 9.66
N LEU C 112 -34.35 -40.08 10.20
CA LEU C 112 -33.96 -38.93 9.38
C LEU C 112 -32.86 -39.29 8.40
N LEU C 113 -31.89 -40.08 8.87
CA LEU C 113 -30.82 -40.54 8.01
C LEU C 113 -31.40 -41.41 6.89
N ASN C 114 -32.39 -42.24 7.23
CA ASN C 114 -33.00 -43.08 6.23
C ASN C 114 -33.67 -42.28 5.12
N LYS C 115 -34.32 -41.18 5.47
CA LYS C 115 -35.12 -40.48 4.48
C LYS C 115 -34.28 -39.76 3.42
N GLN C 116 -32.97 -39.70 3.62
CA GLN C 116 -32.08 -39.12 2.62
C GLN C 116 -32.00 -40.03 1.39
N GLY C 117 -32.38 -41.30 1.55
CA GLY C 117 -32.48 -42.21 0.43
C GLY C 117 -31.17 -42.83 -0.02
N TYR C 118 -30.13 -42.72 0.81
CA TYR C 118 -28.82 -43.24 0.47
C TYR C 118 -28.52 -44.51 1.25
N ASP C 119 -28.04 -45.53 0.54
CA ASP C 119 -27.63 -46.79 1.17
C ASP C 119 -26.39 -46.61 2.04
N ILE C 120 -26.57 -46.84 3.34
CA ILE C 120 -25.54 -46.53 4.32
C ILE C 120 -25.40 -47.66 5.33
N LYS C 121 -24.16 -47.99 5.68
CA LYS C 121 -23.88 -49.00 6.70
C LYS C 121 -23.88 -48.31 8.07
N ALA C 122 -24.48 -48.93 9.08
CA ALA C 122 -24.54 -48.28 10.39
C ALA C 122 -24.27 -49.22 11.57
N HIS C 123 -23.91 -48.65 12.72
CA HIS C 123 -23.89 -49.38 13.99
C HIS C 123 -24.85 -48.72 14.94
N ILE C 124 -25.67 -49.52 15.60
CA ILE C 124 -26.63 -49.01 16.56
C ILE C 124 -25.95 -48.78 17.89
N LYS C 125 -26.05 -47.58 18.44
CA LYS C 125 -25.45 -47.34 19.74
C LYS C 125 -26.51 -47.42 20.83
N ILE C 126 -26.23 -48.19 21.86
CA ILE C 126 -27.18 -48.32 22.96
C ILE C 126 -26.69 -47.56 24.17
N ASP C 127 -27.54 -46.70 24.72
CA ASP C 127 -27.21 -46.02 25.97
C ASP C 127 -27.51 -46.96 27.14
N THR C 128 -26.48 -47.34 27.87
CA THR C 128 -26.65 -48.25 28.99
C THR C 128 -26.27 -47.61 30.34
N GLY C 129 -26.17 -46.28 30.36
CA GLY C 129 -25.79 -45.60 31.58
C GLY C 129 -24.97 -44.33 31.41
N MSE C 130 -24.28 -44.19 30.29
CA MSE C 130 -23.53 -42.97 30.01
CA MSE C 130 -23.54 -42.97 29.99
C MSE C 130 -24.49 -41.79 29.85
O MSE C 130 -24.16 -40.66 30.21
CB MSE C 130 -22.64 -43.13 28.79
CB MSE C 130 -22.70 -43.13 28.71
CG MSE C 130 -21.55 -42.06 28.68
CG MSE C 130 -21.32 -43.75 28.92
SE MSE C 130 -20.13 -42.55 27.44
SE MSE C 130 -20.01 -42.50 29.72
CE MSE C 130 -21.18 -42.68 25.82
CE MSE C 130 -19.54 -41.49 28.13
N HIS C 131 -25.69 -42.06 29.32
CA HIS C 131 -26.71 -41.02 29.15
C HIS C 131 -26.23 -39.83 28.33
N ARG C 132 -25.46 -40.12 27.29
CA ARG C 132 -25.15 -39.14 26.28
C ARG C 132 -25.86 -39.54 25.00
N LEU C 133 -25.12 -40.07 24.03
CA LEU C 133 -25.72 -40.56 22.80
C LEU C 133 -26.25 -41.98 22.97
N GLY C 134 -27.26 -42.35 22.18
CA GLY C 134 -27.73 -43.73 22.15
C GLY C 134 -29.22 -43.96 22.37
N PHE C 135 -29.69 -45.12 21.92
CA PHE C 135 -31.06 -45.56 22.18
C PHE C 135 -31.12 -45.97 23.64
N SER C 136 -32.24 -45.72 24.31
CA SER C 136 -32.42 -46.20 25.66
CA SER C 136 -32.45 -46.21 25.67
C SER C 136 -32.73 -47.71 25.69
N THR C 137 -32.33 -48.39 26.77
CA THR C 137 -32.60 -49.80 26.94
C THR C 137 -34.07 -50.01 27.31
N GLU C 138 -34.79 -48.91 27.51
CA GLU C 138 -36.22 -49.01 27.80
C GLU C 138 -37.02 -48.96 26.50
N ASP C 139 -36.38 -48.51 25.42
CA ASP C 139 -37.07 -48.30 24.16
C ASP C 139 -36.82 -49.42 23.17
N LYS C 140 -37.19 -50.64 23.56
CA LYS C 140 -36.87 -51.86 22.83
C LYS C 140 -37.47 -51.87 21.43
N ASP C 141 -38.70 -51.40 21.31
CA ASP C 141 -39.38 -51.37 20.02
C ASP C 141 -38.71 -50.43 19.02
N LYS C 142 -38.22 -49.31 19.52
CA LYS C 142 -37.50 -48.38 18.67
C LYS C 142 -36.22 -49.04 18.17
N ILE C 143 -35.47 -49.63 19.09
CA ILE C 143 -34.22 -50.34 18.74
C ILE C 143 -34.48 -51.39 17.67
N LEU C 144 -35.53 -52.17 17.89
CA LEU C 144 -35.96 -53.18 16.94
C LEU C 144 -36.31 -52.54 15.61
N ALA C 145 -37.08 -51.45 15.65
CA ALA C 145 -37.53 -50.79 14.44
C ALA C 145 -36.38 -50.21 13.60
N ALA C 146 -35.24 -49.95 14.23
CA ALA C 146 -34.09 -49.41 13.50
C ALA C 146 -33.46 -50.44 12.57
N PHE C 147 -33.78 -51.71 12.77
CA PHE C 147 -33.29 -52.75 11.88
C PHE C 147 -34.18 -52.86 10.64
N SER C 148 -35.26 -52.08 10.62
CA SER C 148 -36.24 -52.13 9.54
C SER C 148 -36.31 -50.82 8.74
N LEU C 149 -35.15 -50.24 8.46
CA LEU C 149 -35.07 -49.04 7.63
C LEU C 149 -34.40 -49.41 6.32
N LYS C 150 -35.10 -49.18 5.22
CA LYS C 150 -34.70 -49.69 3.91
C LYS C 150 -33.28 -49.28 3.48
N HIS C 151 -32.87 -48.06 3.79
CA HIS C 151 -31.55 -47.58 3.38
C HIS C 151 -30.45 -47.72 4.44
N ILE C 152 -30.77 -48.32 5.57
CA ILE C 152 -29.82 -48.44 6.67
C ILE C 152 -29.52 -49.89 7.02
N LYS C 153 -28.30 -50.32 6.70
CA LYS C 153 -27.88 -51.68 7.01
CA LYS C 153 -27.83 -51.67 6.97
C LYS C 153 -27.16 -51.71 8.34
N VAL C 154 -27.83 -52.26 9.35
CA VAL C 154 -27.23 -52.28 10.68
C VAL C 154 -26.19 -53.38 10.78
N ALA C 155 -24.91 -53.01 10.68
CA ALA C 155 -23.84 -54.01 10.70
C ALA C 155 -23.26 -54.21 12.09
N GLY C 156 -23.67 -53.38 13.04
CA GLY C 156 -23.17 -53.52 14.40
C GLY C 156 -24.09 -52.97 15.46
N ILE C 157 -23.88 -53.38 16.69
CA ILE C 157 -24.60 -52.78 17.80
C ILE C 157 -23.61 -52.67 18.94
N PHE C 158 -23.61 -51.51 19.63
CA PHE C 158 -22.59 -51.28 20.64
C PHE C 158 -23.02 -50.35 21.74
N THR C 159 -22.27 -50.40 22.84
CA THR C 159 -22.48 -49.46 23.93
C THR C 159 -21.13 -49.00 24.45
N HIS C 160 -21.17 -48.14 25.45
CA HIS C 160 -19.97 -47.57 26.00
C HIS C 160 -20.06 -47.68 27.51
N LEU C 161 -19.02 -48.24 28.13
CA LEU C 161 -19.00 -48.38 29.58
C LEU C 161 -18.49 -47.10 30.25
N CYS C 162 -19.06 -46.76 31.40
CA CYS C 162 -18.69 -45.52 32.10
C CYS C 162 -17.42 -45.67 32.94
N ALA C 163 -17.36 -46.73 33.72
CA ALA C 163 -16.34 -46.84 34.76
C ALA C 163 -15.50 -48.11 34.68
N ALA C 164 -15.20 -48.58 33.47
CA ALA C 164 -14.45 -49.82 33.30
C ALA C 164 -13.02 -49.70 33.85
N ASP C 165 -12.52 -48.47 33.91
CA ASP C 165 -11.15 -48.22 34.35
C ASP C 165 -10.95 -48.33 35.86
N SER C 166 -12.02 -48.65 36.59
CA SER C 166 -11.96 -48.71 38.04
C SER C 166 -12.15 -50.14 38.55
N LEU C 167 -11.26 -50.57 39.45
CA LEU C 167 -11.40 -51.88 40.07
C LEU C 167 -12.01 -51.78 41.46
N GLU C 168 -12.47 -50.58 41.82
CA GLU C 168 -13.21 -50.40 43.07
C GLU C 168 -14.58 -51.02 42.89
N GLU C 169 -15.10 -51.61 43.97
CA GLU C 169 -16.30 -52.43 43.91
C GLU C 169 -17.57 -51.70 43.42
N ASN C 170 -17.80 -50.51 43.96
N ASN C 170 -17.84 -50.51 43.96
CA ASN C 170 -18.94 -49.67 43.59
CA ASN C 170 -19.03 -49.77 43.54
C ASN C 170 -18.97 -49.30 42.10
C ASN C 170 -19.01 -49.36 42.07
N ASP C 171 -17.84 -49.48 41.42
CA ASP C 171 -17.72 -49.20 40.00
C ASP C 171 -17.84 -50.49 39.20
N VAL C 172 -17.21 -51.54 39.73
CA VAL C 172 -17.29 -52.87 39.15
C VAL C 172 -18.75 -53.28 39.10
N ALA C 173 -19.47 -52.99 40.19
CA ALA C 173 -20.88 -53.27 40.27
C ALA C 173 -21.65 -52.55 39.16
N PHE C 174 -21.34 -51.27 38.98
CA PHE C 174 -22.03 -50.45 37.99
C PHE C 174 -21.79 -50.94 36.57
N THR C 175 -20.56 -51.36 36.30
CA THR C 175 -20.16 -51.80 34.98
C THR C 175 -20.85 -53.13 34.61
N ASN C 176 -20.88 -54.06 35.57
CA ASN C 176 -21.56 -55.32 35.34
C ASN C 176 -23.04 -55.10 35.01
N LYS C 177 -23.65 -54.12 35.68
CA LYS C 177 -25.03 -53.75 35.38
C LYS C 177 -25.17 -53.17 33.97
N GLN C 178 -24.17 -52.41 33.53
CA GLN C 178 -24.13 -51.93 32.15
C GLN C 178 -24.05 -53.11 31.18
N ILE C 179 -23.20 -54.08 31.50
CA ILE C 179 -23.05 -55.25 30.64
C ILE C 179 -24.35 -56.04 30.61
N GLY C 180 -24.91 -56.28 31.79
CA GLY C 180 -26.18 -56.99 31.90
C GLY C 180 -27.29 -56.34 31.09
N SER C 181 -27.48 -55.04 31.27
CA SER C 181 -28.49 -54.28 30.55
C SER C 181 -28.33 -54.46 29.04
N PHE C 182 -27.08 -54.40 28.57
CA PHE C 182 -26.83 -54.48 27.14
C PHE C 182 -27.26 -55.83 26.57
N TYR C 183 -26.96 -56.91 27.30
CA TYR C 183 -27.30 -58.25 26.80
C TYR C 183 -28.78 -58.61 26.93
N LYS C 184 -29.50 -57.94 27.83
CA LYS C 184 -30.96 -58.08 27.91
C LYS C 184 -31.60 -57.44 26.68
N VAL C 185 -30.97 -56.40 26.14
CA VAL C 185 -31.45 -55.82 24.89
C VAL C 185 -31.23 -56.84 23.76
N LEU C 186 -30.03 -57.40 23.70
CA LEU C 186 -29.72 -58.42 22.70
C LEU C 186 -30.64 -59.65 22.86
N ASP C 187 -30.87 -60.08 24.10
CA ASP C 187 -31.74 -61.24 24.36
C ASP C 187 -33.14 -60.95 23.85
N TRP C 188 -33.63 -59.75 24.15
CA TRP C 188 -34.95 -59.31 23.72
C TRP C 188 -35.04 -59.22 22.20
N LEU C 189 -34.00 -58.65 21.58
CA LEU C 189 -33.92 -58.55 20.13
C LEU C 189 -33.98 -59.91 19.46
N LYS C 190 -33.15 -60.83 19.95
CA LYS C 190 -33.10 -62.20 19.43
C LYS C 190 -34.45 -62.88 19.54
N SER C 191 -35.08 -62.77 20.71
CA SER C 191 -36.35 -63.47 20.95
C SER C 191 -37.49 -62.86 20.14
N SER C 192 -37.14 -61.90 19.28
CA SER C 192 -38.07 -61.24 18.39
C SER C 192 -37.75 -61.56 16.94
N GLY C 193 -36.88 -62.55 16.72
CA GLY C 193 -36.62 -63.05 15.39
C GLY C 193 -35.44 -62.41 14.70
N LEU C 194 -34.77 -61.50 15.40
CA LEU C 194 -33.63 -60.79 14.86
C LEU C 194 -32.34 -61.56 15.08
N ASN C 195 -31.50 -61.60 14.04
CA ASN C 195 -30.12 -62.05 14.19
C ASN C 195 -29.22 -60.89 14.62
N ILE C 196 -28.62 -61.01 15.81
CA ILE C 196 -27.71 -59.99 16.32
C ILE C 196 -26.52 -59.81 15.38
N PRO C 197 -26.17 -58.55 15.06
CA PRO C 197 -25.03 -58.31 14.18
C PRO C 197 -23.74 -58.21 15.00
N LYS C 198 -22.68 -57.64 14.46
CA LYS C 198 -21.45 -57.55 15.26
C LYS C 198 -21.67 -56.69 16.52
N VAL C 199 -21.01 -57.10 17.60
CA VAL C 199 -21.21 -56.51 18.91
C VAL C 199 -19.87 -55.95 19.37
N HIS C 200 -19.86 -54.74 19.93
CA HIS C 200 -18.68 -54.28 20.67
C HIS C 200 -19.08 -53.52 21.92
N ILE C 201 -18.42 -53.85 23.03
CA ILE C 201 -18.74 -53.23 24.31
C ILE C 201 -17.52 -52.48 24.86
N GLN C 202 -16.34 -53.00 24.54
CA GLN C 202 -15.13 -52.61 25.24
C GLN C 202 -14.30 -51.52 24.58
N SER C 203 -13.83 -50.61 25.42
CA SER C 203 -12.69 -49.78 25.07
C SER C 203 -11.48 -50.41 25.72
N SER C 204 -10.38 -49.64 25.80
CA SER C 204 -9.13 -50.13 26.33
C SER C 204 -9.30 -50.77 27.69
N TYR C 205 -9.94 -50.08 28.63
CA TYR C 205 -10.07 -50.63 29.96
C TYR C 205 -11.13 -51.75 30.03
N GLY C 206 -12.01 -51.77 29.04
CA GLY C 206 -12.95 -52.86 28.90
C GLY C 206 -12.20 -54.16 28.71
N LEU C 207 -11.18 -54.14 27.85
CA LEU C 207 -10.30 -55.30 27.69
C LEU C 207 -9.50 -55.54 28.94
N LEU C 208 -8.82 -54.50 29.41
CA LEU C 208 -7.88 -54.68 30.52
C LEU C 208 -8.55 -55.17 31.82
N ASN C 209 -9.79 -54.75 32.06
CA ASN C 209 -10.45 -55.04 33.33
C ASN C 209 -11.66 -55.95 33.19
N TYR C 210 -12.09 -56.19 31.96
CA TYR C 210 -13.19 -57.13 31.73
C TYR C 210 -12.88 -58.02 30.52
N PRO C 211 -11.77 -58.78 30.59
CA PRO C 211 -11.35 -59.54 29.41
C PRO C 211 -12.20 -60.80 29.19
N GLU C 212 -13.01 -61.14 30.19
CA GLU C 212 -13.93 -62.27 30.06
C GLU C 212 -15.06 -61.98 29.08
N LEU C 213 -15.15 -60.74 28.60
CA LEU C 213 -16.13 -60.46 27.55
C LEU C 213 -15.71 -61.09 26.22
N GLU C 214 -16.69 -61.50 25.41
CA GLU C 214 -16.42 -61.97 24.06
C GLU C 214 -17.26 -61.19 23.07
N CYS C 215 -16.64 -60.26 22.36
CA CYS C 215 -17.36 -59.41 21.42
C CYS C 215 -16.72 -59.48 20.05
N ASP C 216 -17.26 -58.79 19.06
CA ASP C 216 -16.70 -58.85 17.71
C ASP C 216 -15.56 -57.86 17.44
N TYR C 217 -15.56 -56.74 18.16
CA TYR C 217 -14.48 -55.75 18.11
C TYR C 217 -14.14 -55.32 19.53
N ILE C 218 -12.91 -54.86 19.70
CA ILE C 218 -12.59 -54.00 20.83
C ILE C 218 -12.10 -52.65 20.30
N ARG C 219 -12.67 -51.56 20.83
CA ARG C 219 -12.31 -50.21 20.38
C ARG C 219 -11.08 -49.77 21.15
N VAL C 220 -9.92 -49.89 20.54
CA VAL C 220 -8.72 -49.57 21.30
C VAL C 220 -8.22 -48.16 21.05
N GLY C 221 -8.15 -47.39 22.14
CA GLY C 221 -7.59 -46.05 22.13
C GLY C 221 -6.27 -46.09 22.86
N VAL C 222 -6.26 -45.59 24.09
CA VAL C 222 -5.00 -45.37 24.83
C VAL C 222 -4.08 -46.59 24.83
N ALA C 223 -4.68 -47.78 24.88
CA ALA C 223 -3.87 -48.99 24.97
C ALA C 223 -3.06 -49.20 23.70
N LEU C 224 -3.67 -48.89 22.56
CA LEU C 224 -2.99 -48.97 21.27
C LEU C 224 -1.74 -48.11 21.27
N TYR C 225 -1.85 -46.92 21.88
CA TYR C 225 -0.74 -45.96 21.94
C TYR C 225 0.23 -46.25 23.07
N GLY C 226 0.00 -47.36 23.77
CA GLY C 226 0.98 -47.86 24.72
C GLY C 226 0.92 -47.16 26.06
N VAL C 227 -0.19 -46.48 26.32
CA VAL C 227 -0.31 -45.69 27.54
C VAL C 227 -1.60 -45.98 28.30
N LEU C 228 -1.59 -45.65 29.59
CA LEU C 228 -2.78 -45.76 30.44
C LEU C 228 -3.26 -44.35 30.77
N SER C 229 -4.46 -44.25 31.33
CA SER C 229 -5.07 -42.94 31.56
C SER C 229 -4.54 -42.26 32.84
N SER C 230 -4.17 -43.09 33.81
CA SER C 230 -3.51 -42.62 35.03
C SER C 230 -2.31 -43.51 35.35
N THR C 231 -1.37 -43.00 36.15
CA THR C 231 -0.16 -43.77 36.49
C THR C 231 -0.50 -44.81 37.54
N ASN C 232 -1.55 -44.52 38.32
CA ASN C 232 -1.98 -45.40 39.40
C ASN C 232 -3.07 -46.39 39.00
N ASP C 233 -3.19 -46.66 37.71
CA ASP C 233 -4.16 -47.65 37.22
C ASP C 233 -3.60 -49.07 37.19
N LYS C 234 -4.09 -49.91 38.09
CA LYS C 234 -3.76 -51.33 38.10
C LYS C 234 -4.87 -52.09 37.39
N THR C 235 -4.52 -52.84 36.35
CA THR C 235 -5.54 -53.54 35.59
C THR C 235 -5.48 -55.04 35.84
N LYS C 236 -6.50 -55.75 35.38
CA LYS C 236 -6.54 -57.20 35.54
C LYS C 236 -5.55 -57.90 34.60
N LEU C 237 -5.45 -57.44 33.36
CA LEU C 237 -4.59 -58.10 32.38
C LEU C 237 -3.10 -57.78 32.48
N GLU C 238 -2.77 -56.57 32.93
CA GLU C 238 -1.38 -56.13 33.04
C GLU C 238 -0.56 -56.47 31.79
N LEU C 239 -0.95 -55.94 30.65
CA LEU C 239 -0.23 -56.22 29.40
C LEU C 239 1.11 -55.46 29.31
N ASP C 240 2.01 -55.96 28.48
CA ASP C 240 3.25 -55.25 28.19
C ASP C 240 2.98 -54.28 27.04
N LEU C 241 2.62 -53.06 27.39
CA LEU C 241 2.39 -52.02 26.39
C LEU C 241 3.57 -51.04 26.39
N ARG C 242 3.97 -50.61 25.20
CA ARG C 242 5.12 -49.71 25.07
C ARG C 242 4.68 -48.40 24.41
N PRO C 243 4.85 -47.29 25.15
CA PRO C 243 4.40 -45.95 24.73
C PRO C 243 4.87 -45.63 23.32
N VAL C 244 3.97 -45.16 22.46
CA VAL C 244 4.35 -44.86 21.09
C VAL C 244 4.94 -43.45 20.92
N LEU C 245 4.42 -42.50 21.69
CA LEU C 245 4.79 -41.09 21.50
C LEU C 245 5.84 -40.60 22.48
N SER C 246 6.86 -39.90 21.94
CA SER C 246 7.74 -39.04 22.73
C SER C 246 7.66 -37.59 22.26
N LEU C 247 7.83 -36.66 23.19
CA LEU C 247 7.86 -35.22 22.88
C LEU C 247 9.24 -34.65 23.19
N LYS C 248 9.91 -34.12 22.15
CA LYS C 248 11.27 -33.63 22.28
C LYS C 248 11.39 -32.16 21.89
N ALA C 249 12.39 -31.47 22.44
CA ALA C 249 12.76 -30.13 21.98
C ALA C 249 14.26 -29.89 22.15
N LYS C 250 14.85 -29.09 21.26
CA LYS C 250 16.28 -28.79 21.29
C LYS C 250 16.55 -27.55 22.11
N VAL C 251 17.63 -27.56 22.88
CA VAL C 251 18.06 -26.37 23.61
C VAL C 251 18.52 -25.32 22.62
N VAL C 252 17.89 -24.15 22.64
CA VAL C 252 18.29 -23.09 21.72
C VAL C 252 19.13 -22.01 22.37
N LEU C 253 19.08 -21.92 23.71
CA LEU C 253 19.90 -20.91 24.40
C LEU C 253 20.21 -21.38 25.82
N ILE C 254 21.40 -21.04 26.30
CA ILE C 254 21.75 -21.23 27.70
C ILE C 254 22.25 -19.90 28.24
N ARG C 255 21.85 -19.56 29.45
CA ARG C 255 22.30 -18.35 30.08
C ARG C 255 22.49 -18.59 31.56
N LYS C 256 23.32 -17.78 32.20
CA LYS C 256 23.50 -17.84 33.63
C LYS C 256 22.55 -16.81 34.23
N ILE C 257 21.99 -17.10 35.40
CA ILE C 257 21.30 -16.06 36.14
C ILE C 257 21.85 -16.06 37.56
N LYS C 258 21.91 -14.89 38.16
CA LYS C 258 22.53 -14.74 39.47
C LYS C 258 21.57 -15.24 40.54
N GLN C 259 22.12 -15.53 41.72
CA GLN C 259 21.28 -15.83 42.87
C GLN C 259 20.41 -14.61 43.17
N GLY C 260 19.14 -14.85 43.45
CA GLY C 260 18.20 -13.78 43.72
C GLY C 260 17.37 -13.42 42.51
N GLU C 261 17.87 -13.74 41.33
CA GLU C 261 17.15 -13.46 40.09
C GLU C 261 16.08 -14.51 39.78
N SER C 262 15.12 -14.13 38.96
CA SER C 262 14.07 -15.04 38.52
C SER C 262 14.05 -15.17 37.00
N VAL C 263 13.04 -15.85 36.47
CA VAL C 263 12.84 -15.95 35.04
C VAL C 263 11.39 -15.54 34.78
N GLY C 264 11.19 -14.55 33.91
CA GLY C 264 9.86 -14.02 33.66
C GLY C 264 9.33 -13.22 34.83
N TYR C 265 10.22 -12.87 35.75
CA TYR C 265 9.88 -12.21 37.02
C TYR C 265 8.75 -12.95 37.74
N SER C 266 8.96 -14.24 37.95
CA SER C 266 7.93 -15.09 38.56
C SER C 266 7.95 -14.96 40.07
N ARG C 267 6.78 -14.79 40.66
CA ARG C 267 6.65 -14.73 42.11
C ARG C 267 6.84 -16.13 42.70
N ALA C 268 6.86 -17.13 41.82
CA ALA C 268 6.95 -18.52 42.23
C ALA C 268 8.39 -19.07 42.18
N PHE C 269 9.19 -18.60 41.22
CA PHE C 269 10.60 -19.01 41.14
C PHE C 269 11.58 -17.89 41.41
N THR C 270 12.51 -18.14 42.33
CA THR C 270 13.59 -17.20 42.58
C THR C 270 14.87 -17.98 42.89
N ALA C 271 15.93 -17.68 42.15
CA ALA C 271 17.16 -18.47 42.20
C ALA C 271 17.75 -18.61 43.59
N THR C 272 17.81 -19.85 44.07
CA THR C 272 18.41 -20.15 45.38
C THR C 272 19.92 -19.96 45.34
N ARG C 273 20.49 -20.10 44.14
CA ARG C 273 21.92 -19.93 43.93
C ARG C 273 22.12 -19.54 42.46
N ASP C 274 23.35 -19.20 42.09
CA ASP C 274 23.66 -18.93 40.69
C ASP C 274 23.25 -20.16 39.89
N SER C 275 22.54 -19.95 38.81
CA SER C 275 21.93 -21.07 38.10
C SER C 275 22.17 -20.95 36.61
N LEU C 276 22.13 -22.08 35.93
CA LEU C 276 22.19 -22.06 34.48
C LEU C 276 20.87 -22.53 33.90
N ILE C 277 20.32 -21.72 33.01
CA ILE C 277 19.00 -21.94 32.45
C ILE C 277 19.11 -22.30 30.98
N ALA C 278 18.38 -23.31 30.56
CA ALA C 278 18.34 -23.68 29.15
C ALA C 278 16.98 -23.29 28.58
N ILE C 279 16.98 -22.69 27.40
CA ILE C 279 15.72 -22.30 26.78
C ILE C 279 15.29 -23.33 25.74
N LEU C 280 14.04 -23.79 25.88
CA LEU C 280 13.41 -24.72 24.94
C LEU C 280 12.30 -24.02 24.16
N PRO C 281 12.34 -24.17 22.83
CA PRO C 281 11.42 -23.49 21.93
C PRO C 281 10.12 -24.27 21.82
N ILE C 282 9.49 -24.55 22.95
CA ILE C 282 8.18 -25.16 22.98
C ILE C 282 7.35 -24.55 24.10
N GLY C 283 6.06 -24.31 23.86
CA GLY C 283 5.21 -23.72 24.88
C GLY C 283 3.79 -24.26 24.86
N TYR C 284 2.86 -23.53 25.48
CA TYR C 284 1.49 -24.02 25.56
C TYR C 284 0.74 -24.02 24.24
N ALA C 285 1.14 -23.20 23.27
CA ALA C 285 0.46 -23.25 21.98
C ALA C 285 0.82 -24.53 21.22
N ASP C 286 1.89 -25.20 21.64
CA ASP C 286 2.30 -26.50 21.07
C ASP C 286 1.63 -27.65 21.80
N GLY C 287 0.88 -27.33 22.85
CA GLY C 287 0.09 -28.33 23.54
C GLY C 287 0.74 -28.82 24.81
N PHE C 288 1.83 -28.17 25.22
CA PHE C 288 2.43 -28.49 26.50
C PHE C 288 1.81 -27.58 27.56
N PRO C 289 0.98 -28.16 28.43
CA PRO C 289 0.09 -27.41 29.34
C PRO C 289 0.78 -26.34 30.18
N ARG C 290 0.18 -25.15 30.16
CA ARG C 290 0.68 -24.01 30.90
C ARG C 290 0.68 -24.29 32.40
N ASN C 291 -0.28 -25.08 32.88
CA ASN C 291 -0.37 -25.31 34.31
C ASN C 291 0.72 -26.26 34.86
N LEU C 292 1.64 -26.65 33.98
CA LEU C 292 2.85 -27.34 34.41
C LEU C 292 3.92 -26.31 34.80
N SER C 293 3.51 -25.05 35.01
CA SER C 293 4.45 -23.97 35.33
C SER C 293 4.90 -24.09 36.78
N ASN C 296 6.14 -28.96 40.14
CA ASN C 296 7.22 -29.93 40.29
C ASN C 296 7.62 -30.61 38.98
N SER C 297 7.16 -30.05 37.85
CA SER C 297 7.41 -30.62 36.54
C SER C 297 8.83 -30.40 36.06
N TYR C 298 9.33 -31.31 35.22
CA TYR C 298 10.72 -31.27 34.78
C TYR C 298 10.84 -31.91 33.40
N VAL C 299 12.00 -31.74 32.77
CA VAL C 299 12.26 -32.43 31.51
C VAL C 299 13.53 -33.25 31.69
N LEU C 300 13.79 -34.17 30.77
CA LEU C 300 15.02 -34.95 30.84
C LEU C 300 16.05 -34.47 29.83
N ILE C 301 17.25 -34.18 30.33
CA ILE C 301 18.38 -33.80 29.51
C ILE C 301 19.57 -34.57 30.05
N GLY C 302 20.32 -35.24 29.17
CA GLY C 302 21.41 -36.06 29.63
C GLY C 302 20.99 -37.13 30.64
N GLY C 303 19.72 -37.55 30.55
CA GLY C 303 19.23 -38.58 31.46
C GLY C 303 18.97 -38.07 32.86
N ARG C 304 19.10 -36.76 33.03
CA ARG C 304 18.88 -36.13 34.33
CA ARG C 304 18.89 -36.12 34.32
C ARG C 304 17.67 -35.23 34.26
N GLN C 305 17.09 -34.95 35.43
CA GLN C 305 15.91 -34.08 35.52
C GLN C 305 16.29 -32.61 35.53
N ALA C 306 15.68 -31.82 34.65
CA ALA C 306 15.87 -30.37 34.65
C ALA C 306 14.50 -29.74 34.91
N PRO C 307 14.32 -29.14 36.10
CA PRO C 307 13.01 -28.59 36.45
C PRO C 307 12.66 -27.45 35.53
N ILE C 308 11.39 -27.37 35.15
CA ILE C 308 10.89 -26.19 34.48
C ILE C 308 10.92 -25.05 35.50
N VAL C 309 11.39 -23.88 35.09
CA VAL C 309 11.44 -22.76 36.01
C VAL C 309 10.73 -21.58 35.37
N GLY C 310 9.94 -20.88 36.18
CA GLY C 310 9.14 -19.79 35.66
C GLY C 310 7.96 -20.30 34.84
N LYS C 311 7.04 -19.41 34.51
CA LYS C 311 5.83 -19.79 33.80
C LYS C 311 6.19 -20.26 32.39
N ILE C 312 5.40 -21.21 31.88
CA ILE C 312 5.51 -21.65 30.50
C ILE C 312 4.87 -20.61 29.61
N CYS C 313 5.59 -20.19 28.57
CA CYS C 313 5.06 -19.18 27.67
C CYS C 313 4.40 -19.82 26.46
N MSE C 314 3.91 -19.00 25.55
CA MSE C 314 3.18 -19.48 24.38
C MSE C 314 4.03 -20.37 23.47
O MSE C 314 3.53 -21.33 22.89
CB MSE C 314 2.59 -18.33 23.57
CG MSE C 314 1.76 -18.82 22.39
SE MSE C 314 0.73 -17.47 21.42
CE MSE C 314 -0.37 -16.88 22.89
N ASP C 315 5.33 -20.05 23.33
CA ASP C 315 6.16 -20.77 22.37
C ASP C 315 7.53 -21.16 22.92
N GLN C 316 7.72 -21.01 24.23
CA GLN C 316 9.00 -21.33 24.83
C GLN C 316 8.82 -21.57 26.32
N LEU C 317 9.82 -22.18 26.94
CA LEU C 317 9.84 -22.36 28.37
C LEU C 317 11.29 -22.47 28.81
N ALA C 318 11.52 -22.51 30.12
CA ALA C 318 12.88 -22.58 30.65
C ALA C 318 13.03 -23.68 31.68
N VAL C 319 14.16 -24.38 31.62
CA VAL C 319 14.49 -25.40 32.60
C VAL C 319 15.87 -25.15 33.23
N ASP C 320 16.02 -25.58 34.48
CA ASP C 320 17.25 -25.39 35.22
C ASP C 320 18.24 -26.53 34.92
N VAL C 321 19.35 -26.22 34.25
CA VAL C 321 20.33 -27.25 33.93
C VAL C 321 21.61 -27.13 34.75
N THR C 322 21.54 -26.39 35.86
CA THR C 322 22.71 -26.11 36.70
C THR C 322 23.53 -27.36 37.05
N ASP C 323 22.85 -28.45 37.34
CA ASP C 323 23.53 -29.64 37.85
C ASP C 323 23.79 -30.67 36.77
N ILE C 324 23.60 -30.31 35.51
CA ILE C 324 23.69 -31.31 34.46
C ILE C 324 24.84 -31.01 33.50
N PRO C 325 25.86 -31.87 33.49
CA PRO C 325 27.00 -31.63 32.60
C PRO C 325 26.66 -31.96 31.15
N ASN C 326 27.49 -31.46 30.23
CA ASN C 326 27.40 -31.80 28.82
C ASN C 326 26.09 -31.34 28.16
N VAL C 327 25.60 -30.18 28.61
CA VAL C 327 24.40 -29.58 28.02
C VAL C 327 24.85 -28.45 27.14
N LYS C 328 24.38 -28.42 25.90
CA LYS C 328 24.81 -27.37 24.98
C LYS C 328 23.66 -26.97 24.08
N THR C 329 23.84 -25.94 23.27
CA THR C 329 22.79 -25.63 22.33
C THR C 329 22.74 -26.83 21.39
N GLY C 330 21.52 -27.28 21.09
CA GLY C 330 21.36 -28.45 20.25
C GLY C 330 21.11 -29.71 21.05
N SER C 331 21.33 -29.64 22.36
CA SER C 331 21.02 -30.76 23.25
C SER C 331 19.53 -31.07 23.20
N ILE C 332 19.19 -32.35 23.24
CA ILE C 332 17.80 -32.79 23.15
C ILE C 332 17.17 -32.95 24.52
N ALA C 333 16.11 -32.19 24.79
CA ALA C 333 15.34 -32.39 26.00
C ALA C 333 14.14 -33.31 25.72
N THR C 334 13.85 -34.20 26.65
CA THR C 334 12.67 -35.06 26.52
C THR C 334 11.62 -34.60 27.52
N LEU C 335 10.49 -34.12 27.01
CA LEU C 335 9.40 -33.67 27.88
C LEU C 335 8.42 -34.83 28.15
N ILE C 336 8.26 -35.70 27.16
CA ILE C 336 7.58 -36.97 27.36
C ILE C 336 8.39 -38.07 26.67
N GLY C 337 8.79 -39.08 27.44
CA GLY C 337 9.51 -40.20 26.86
C GLY C 337 10.62 -40.66 27.79
N LYS C 338 11.50 -41.49 27.28
CA LYS C 338 12.59 -41.98 28.11
C LYS C 338 13.95 -41.47 27.64
N ASP C 339 14.85 -41.27 28.59
CA ASP C 339 16.16 -40.75 28.31
C ASP C 339 17.12 -41.57 29.14
N GLY C 340 17.70 -42.59 28.52
CA GLY C 340 18.49 -43.58 29.25
C GLY C 340 17.64 -44.26 30.30
N LYS C 341 18.09 -44.22 31.55
CA LYS C 341 17.43 -44.90 32.66
C LYS C 341 16.20 -44.18 33.22
N GLU C 342 16.05 -42.91 32.87
CA GLU C 342 14.91 -42.13 33.35
C GLU C 342 13.79 -42.12 32.31
N GLU C 343 12.56 -41.97 32.78
CA GLU C 343 11.42 -41.80 31.88
C GLU C 343 10.36 -40.87 32.47
N ILE C 344 9.82 -39.98 31.64
CA ILE C 344 8.66 -39.20 32.02
C ILE C 344 7.57 -39.69 31.10
N THR C 345 6.61 -40.41 31.66
CA THR C 345 5.52 -40.95 30.87
C THR C 345 4.41 -39.91 30.69
N ALA C 346 3.62 -40.09 29.65
CA ALA C 346 2.44 -39.26 29.43
C ALA C 346 1.50 -39.19 30.65
N PRO C 347 1.20 -40.33 31.29
CA PRO C 347 0.38 -40.24 32.52
C PRO C 347 0.98 -39.35 33.63
N MSE C 348 2.29 -39.40 33.82
CA MSE C 348 2.93 -38.60 34.86
C MSE C 348 2.77 -37.11 34.56
O MSE C 348 2.44 -36.31 35.44
CB MSE C 348 4.42 -38.95 34.97
CG MSE C 348 4.72 -40.35 35.49
SE MSE C 348 6.60 -40.87 35.20
CE MSE C 348 7.46 -39.70 36.52
N VAL C 349 3.03 -36.74 33.31
CA VAL C 349 2.83 -35.37 32.86
C VAL C 349 1.37 -34.98 33.04
N ALA C 350 0.45 -35.87 32.64
CA ALA C 350 -0.96 -35.56 32.74
C ALA C 350 -1.40 -35.41 34.18
N GLU C 351 -0.80 -36.18 35.09
CA GLU C 351 -1.15 -36.03 36.50
C GLU C 351 -0.64 -34.70 37.03
N SER C 352 0.55 -34.29 36.58
CA SER C 352 1.11 -33.00 36.97
C SER C 352 0.24 -31.87 36.45
N ALA C 353 -0.32 -32.07 35.26
CA ALA C 353 -1.15 -31.06 34.63
C ALA C 353 -2.58 -31.15 35.14
N GLU C 354 -2.77 -31.92 36.21
CA GLU C 354 -4.08 -32.23 36.76
C GLU C 354 -5.08 -32.59 35.66
N SER C 355 -4.64 -33.44 34.74
CA SER C 355 -5.44 -33.83 33.60
C SER C 355 -5.41 -35.36 33.51
N ILE C 356 -5.76 -35.90 32.34
CA ILE C 356 -5.62 -37.33 32.09
C ILE C 356 -4.83 -37.47 30.81
N THR C 357 -4.27 -38.65 30.62
CA THR C 357 -3.42 -38.91 29.47
C THR C 357 -4.13 -38.56 28.15
N ASN C 358 -5.41 -38.85 28.10
CA ASN C 358 -6.20 -38.68 26.88
C ASN C 358 -6.22 -37.22 26.41
N GLU C 359 -6.37 -36.30 27.35
CA GLU C 359 -6.37 -34.87 27.01
C GLU C 359 -4.97 -34.43 26.59
N LEU C 360 -3.98 -34.84 27.37
CA LEU C 360 -2.61 -34.42 27.11
C LEU C 360 -2.19 -34.77 25.69
N LEU C 361 -2.42 -36.02 25.29
CA LEU C 361 -1.94 -36.48 24.01
C LEU C 361 -2.77 -35.94 22.86
N SER C 362 -4.09 -35.99 22.99
CA SER C 362 -4.93 -35.55 21.90
C SER C 362 -4.88 -34.02 21.69
N ARG C 363 -4.39 -33.29 22.69
CA ARG C 363 -4.24 -31.83 22.50
C ARG C 363 -2.82 -31.39 22.12
N MSE C 364 -1.98 -32.36 21.72
CA MSE C 364 -0.68 -32.01 21.18
C MSE C 364 -0.92 -31.02 20.04
O MSE C 364 -1.83 -31.20 19.21
CB MSE C 364 0.05 -33.25 20.69
CG MSE C 364 0.63 -34.09 21.82
SE MSE C 364 2.15 -33.25 22.72
CE MSE C 364 1.36 -32.82 24.45
N GLY C 365 -0.13 -29.95 20.02
CA GLY C 365 -0.33 -28.87 19.06
C GLY C 365 -0.07 -29.26 17.62
N HIS C 366 -0.86 -28.70 16.72
CA HIS C 366 -0.72 -28.94 15.29
C HIS C 366 0.62 -28.44 14.76
N ARG C 367 1.26 -27.54 15.51
CA ARG C 367 2.52 -26.94 15.09
C ARG C 367 3.72 -27.90 15.22
N LEU C 368 3.63 -28.84 16.15
CA LEU C 368 4.67 -29.87 16.33
C LEU C 368 4.84 -30.78 15.11
N ASN C 369 6.08 -30.92 14.64
CA ASN C 369 6.38 -31.88 13.57
C ASN C 369 6.34 -33.31 14.10
N ILE C 370 5.94 -34.24 13.23
CA ILE C 370 5.87 -35.64 13.62
C ILE C 370 6.92 -36.46 12.88
N ILE C 371 7.78 -37.13 13.64
CA ILE C 371 8.86 -37.92 13.04
C ILE C 371 8.70 -39.39 13.43
N ARG C 372 8.71 -40.27 12.43
CA ARG C 372 8.60 -41.70 12.69
C ARG C 372 9.94 -42.29 13.08
N ARG C 373 9.92 -43.22 14.03
CA ARG C 373 11.12 -43.94 14.46
C ARG C 373 10.90 -45.46 14.52
N ALA D 2 -22.61 -26.56 6.62
CA ALA D 2 -21.48 -27.43 6.29
C ALA D 2 -20.38 -27.28 7.34
N ASP D 3 -19.62 -26.20 7.23
CA ASP D 3 -18.62 -25.86 8.23
C ASP D 3 -19.25 -25.55 9.59
N THR D 4 -20.57 -25.34 9.58
CA THR D 4 -21.29 -25.00 10.80
C THR D 4 -22.13 -26.15 11.35
N ASP D 5 -21.93 -27.36 10.84
CA ASP D 5 -22.72 -28.50 11.27
C ASP D 5 -22.39 -28.96 12.69
N ARG D 6 -21.11 -28.94 13.05
CA ARG D 6 -20.68 -29.53 14.31
C ARG D 6 -20.20 -28.47 15.32
N ALA D 7 -18.99 -27.98 15.13
CA ALA D 7 -18.41 -27.00 16.03
C ALA D 7 -17.51 -26.09 15.23
N TYR D 8 -17.53 -24.79 15.54
CA TYR D 8 -16.82 -23.85 14.69
C TYR D 8 -16.45 -22.55 15.40
N LEU D 9 -15.45 -21.86 14.85
CA LEU D 9 -15.08 -20.53 15.29
C LEU D 9 -15.64 -19.52 14.31
N GLU D 10 -16.17 -18.42 14.86
CA GLU D 10 -16.63 -17.30 14.07
C GLU D 10 -15.68 -16.15 14.33
N ILE D 11 -15.10 -15.64 13.25
CA ILE D 11 -14.14 -14.53 13.33
C ILE D 11 -14.86 -13.26 12.84
N ASN D 12 -15.01 -12.29 13.73
CA ASN D 12 -15.64 -11.02 13.39
C ASN D 12 -14.60 -10.03 12.87
N LEU D 13 -14.42 -10.00 11.56
CA LEU D 13 -13.41 -9.13 10.96
C LEU D 13 -13.74 -7.63 11.15
N ASN D 14 -15.01 -7.29 11.36
CA ASN D 14 -15.33 -5.89 11.66
C ASN D 14 -14.71 -5.46 12.97
N ASN D 15 -14.79 -6.33 13.98
CA ASN D 15 -14.23 -6.00 15.28
C ASN D 15 -12.72 -5.91 15.23
N LEU D 16 -12.12 -6.75 14.39
CA LEU D 16 -10.68 -6.78 14.22
C LEU D 16 -10.21 -5.43 13.66
N GLU D 17 -10.88 -5.01 12.60
CA GLU D 17 -10.65 -3.68 12.01
C GLU D 17 -10.83 -2.57 13.04
N HIS D 18 -11.95 -2.57 13.76
CA HIS D 18 -12.16 -1.63 14.85
C HIS D 18 -10.98 -1.63 15.83
N ASN D 19 -10.48 -2.82 16.14
CA ASN D 19 -9.36 -2.92 17.08
C ASN D 19 -8.10 -2.32 16.51
N VAL D 20 -7.86 -2.55 15.22
CA VAL D 20 -6.66 -1.99 14.57
C VAL D 20 -6.70 -0.47 14.64
N ASN D 21 -7.83 0.12 14.26
CA ASN D 21 -7.98 1.56 14.30
C ASN D 21 -7.85 2.12 15.71
N THR D 22 -8.49 1.44 16.68
CA THR D 22 -8.47 1.89 18.07
C THR D 22 -7.05 1.91 18.62
N LEU D 23 -6.34 0.80 18.43
CA LEU D 23 -4.95 0.71 18.88
C LEU D 23 -4.09 1.77 18.22
N GLN D 24 -4.23 1.89 16.90
CA GLN D 24 -3.51 2.91 16.14
C GLN D 24 -3.69 4.32 16.72
N LYS D 25 -4.92 4.70 17.06
CA LYS D 25 -5.18 6.04 17.59
C LYS D 25 -4.41 6.34 18.87
N ALA D 26 -4.10 5.30 19.64
CA ALA D 26 -3.43 5.53 20.92
C ALA D 26 -1.90 5.50 20.77
N MSE D 27 -1.46 5.44 19.51
CA MSE D 27 -0.04 5.22 19.18
C MSE D 27 0.56 6.50 18.61
O MSE D 27 -0.11 7.24 17.91
CB MSE D 27 0.00 4.16 18.08
CG MSE D 27 1.17 3.24 18.11
SE MSE D 27 0.75 1.64 17.07
CE MSE D 27 -0.41 0.78 18.35
N SER D 28 1.84 6.72 18.91
CA SER D 28 2.57 7.84 18.37
C SER D 28 2.50 7.84 16.83
N PRO D 29 2.60 9.02 16.21
CA PRO D 29 2.52 9.09 14.74
C PRO D 29 3.62 8.30 14.04
N LYS D 30 4.77 8.15 14.68
CA LYS D 30 5.84 7.42 14.04
C LYS D 30 5.77 5.94 14.39
N CYS D 31 4.97 5.60 15.40
CA CYS D 31 4.91 4.22 15.87
C CYS D 31 3.98 3.37 15.02
N GLU D 32 4.46 2.17 14.67
CA GLU D 32 3.72 1.29 13.77
C GLU D 32 3.19 0.03 14.48
N LEU D 33 1.97 -0.37 14.14
CA LEU D 33 1.37 -1.58 14.70
C LEU D 33 2.04 -2.81 14.10
N MSE D 34 2.64 -3.62 14.96
CA MSE D 34 3.15 -4.89 14.51
C MSE D 34 2.21 -6.00 15.00
O MSE D 34 2.12 -6.31 16.19
CB MSE D 34 4.59 -5.13 14.99
CG MSE D 34 5.12 -6.48 14.50
SE MSE D 34 6.97 -6.83 14.99
CE MSE D 34 6.77 -6.76 16.79
N ALA D 35 1.48 -6.57 14.05
CA ALA D 35 0.42 -7.52 14.42
C ALA D 35 1.04 -8.88 14.71
N VAL D 36 0.83 -9.36 15.94
CA VAL D 36 1.41 -10.64 16.37
C VAL D 36 0.44 -11.75 15.97
N VAL D 37 0.80 -12.52 14.94
CA VAL D 37 -0.07 -13.52 14.35
C VAL D 37 0.44 -14.97 14.54
N LYS D 38 1.30 -15.15 15.54
CA LYS D 38 1.88 -16.44 15.83
C LYS D 38 0.79 -17.38 16.36
N ALA D 39 1.02 -18.68 16.28
CA ALA D 39 0.08 -19.68 16.78
C ALA D 39 -1.31 -19.57 16.14
N GLU D 40 -1.34 -19.61 14.80
CA GLU D 40 -2.56 -19.50 14.02
C GLU D 40 -3.31 -18.23 14.35
N ALA D 41 -2.55 -17.14 14.46
CA ALA D 41 -3.07 -15.86 14.91
C ALA D 41 -3.82 -16.01 16.22
N TYR D 42 -3.14 -16.56 17.25
CA TYR D 42 -3.79 -16.78 18.55
C TYR D 42 -5.08 -17.60 18.42
N GLY D 43 -5.10 -18.54 17.46
CA GLY D 43 -6.25 -19.42 17.28
C GLY D 43 -7.39 -18.86 16.44
N HIS D 44 -7.19 -17.67 15.85
CA HIS D 44 -8.21 -17.02 15.04
C HIS D 44 -8.12 -17.41 13.56
N GLY D 45 -7.04 -18.10 13.22
CA GLY D 45 -6.83 -18.50 11.84
C GLY D 45 -5.83 -17.57 11.18
N MSE D 46 -4.62 -18.07 10.96
CA MSE D 46 -3.58 -17.21 10.41
C MSE D 46 -3.88 -16.69 9.00
O MSE D 46 -3.63 -15.52 8.71
CB MSE D 46 -2.18 -17.83 10.51
CG MSE D 46 -1.12 -16.74 10.84
SE MSE D 46 0.59 -17.41 11.10
CE MSE D 46 0.96 -18.18 9.36
N TYR D 47 -4.42 -17.53 8.12
CA TYR D 47 -4.75 -17.05 6.78
C TYR D 47 -5.82 -15.96 6.83
N GLU D 48 -6.84 -16.16 7.65
CA GLU D 48 -8.01 -15.29 7.64
C GLU D 48 -7.61 -13.93 8.18
N VAL D 49 -6.91 -13.97 9.31
CA VAL D 49 -6.49 -12.77 9.99
C VAL D 49 -5.41 -11.96 9.26
N THR D 50 -4.36 -12.62 8.79
N THR D 50 -4.35 -12.62 8.82
CA THR D 50 -3.21 -11.90 8.24
CA THR D 50 -3.22 -11.90 8.23
C THR D 50 -3.53 -11.27 6.89
C THR D 50 -3.57 -11.25 6.91
N THR D 51 -4.29 -11.98 6.06
CA THR D 51 -4.66 -11.44 4.75
C THR D 51 -5.58 -10.22 4.88
N TYR D 52 -6.51 -10.28 5.83
CA TYR D 52 -7.37 -9.14 6.12
C TYR D 52 -6.59 -7.95 6.68
N LEU D 53 -5.70 -8.21 7.65
CA LEU D 53 -4.92 -7.14 8.27
C LEU D 53 -4.11 -6.38 7.22
N GLU D 54 -3.41 -7.11 6.36
CA GLU D 54 -2.62 -6.44 5.33
C GLU D 54 -3.55 -5.65 4.41
N GLN D 55 -4.71 -6.23 4.14
CA GLN D 55 -5.72 -5.60 3.27
C GLN D 55 -6.21 -4.26 3.83
N ILE D 56 -6.32 -4.15 5.15
CA ILE D 56 -6.70 -2.89 5.78
C ILE D 56 -5.50 -2.05 6.25
N GLY D 57 -4.32 -2.29 5.68
CA GLY D 57 -3.20 -1.37 5.89
C GLY D 57 -2.10 -1.77 6.86
N VAL D 58 -2.33 -2.79 7.67
CA VAL D 58 -1.28 -3.25 8.58
C VAL D 58 -0.08 -3.70 7.76
N SER D 59 1.11 -3.23 8.11
CA SER D 59 2.29 -3.44 7.28
C SER D 59 3.44 -4.08 8.06
N SER D 60 3.14 -4.58 9.24
CA SER D 60 4.13 -5.27 10.05
C SER D 60 3.53 -6.45 10.81
N PHE D 61 4.23 -7.59 10.75
CA PHE D 61 3.76 -8.82 11.38
C PHE D 61 4.85 -9.51 12.18
N ALA D 62 4.45 -10.14 13.28
CA ALA D 62 5.35 -10.99 14.08
C ALA D 62 4.83 -12.44 14.16
N VAL D 63 5.74 -13.40 13.95
CA VAL D 63 5.40 -14.82 14.08
C VAL D 63 6.36 -15.50 15.02
N ALA D 64 6.07 -16.74 15.40
CA ALA D 64 6.95 -17.45 16.34
C ALA D 64 8.08 -18.18 15.63
N THR D 65 7.85 -18.59 14.38
CA THR D 65 8.79 -19.48 13.70
C THR D 65 8.92 -19.13 12.23
N ILE D 66 9.98 -19.62 11.59
CA ILE D 66 10.21 -19.38 10.18
C ILE D 66 9.13 -20.02 9.30
N ASP D 67 8.62 -21.16 9.73
CA ASP D 67 7.60 -21.83 8.93
C ASP D 67 6.29 -21.04 8.91
N GLU D 68 5.93 -20.44 10.03
CA GLU D 68 4.80 -19.51 10.06
C GLU D 68 5.05 -18.35 9.10
N GLY D 69 6.30 -17.90 9.05
CA GLY D 69 6.67 -16.75 8.23
C GLY D 69 6.62 -17.08 6.74
N ILE D 70 7.09 -18.27 6.40
CA ILE D 70 7.07 -18.73 5.00
C ILE D 70 5.61 -18.89 4.54
N ARG D 71 4.79 -19.43 5.43
CA ARG D 71 3.36 -19.59 5.16
C ARG D 71 2.71 -18.25 4.82
N LEU D 72 3.07 -17.21 5.56
CA LEU D 72 2.53 -15.87 5.30
C LEU D 72 2.90 -15.46 3.88
N ARG D 73 4.15 -15.68 3.52
CA ARG D 73 4.62 -15.37 2.17
C ARG D 73 3.83 -16.16 1.14
N LYS D 74 3.58 -17.43 1.43
CA LYS D 74 2.78 -18.28 0.55
C LYS D 74 1.37 -17.73 0.37
N TYR D 75 0.80 -17.18 1.45
CA TYR D 75 -0.50 -16.51 1.37
C TYR D 75 -0.43 -15.21 0.59
N GLY D 76 0.79 -14.68 0.36
CA GLY D 76 0.97 -13.48 -0.41
C GLY D 76 1.18 -12.20 0.40
N ILE D 77 1.37 -12.37 1.71
CA ILE D 77 1.69 -11.25 2.56
C ILE D 77 3.04 -10.68 2.11
N SER D 78 3.08 -9.38 1.84
CA SER D 78 4.30 -8.76 1.34
C SER D 78 4.86 -7.77 2.35
N SER D 79 4.17 -7.59 3.47
CA SER D 79 4.65 -6.71 4.51
C SER D 79 5.83 -7.34 5.25
N GLU D 80 6.55 -6.55 6.03
CA GLU D 80 7.64 -7.07 6.83
C GLU D 80 7.14 -8.08 7.87
N ILE D 81 7.95 -9.11 8.10
CA ILE D 81 7.63 -10.13 9.07
C ILE D 81 8.84 -10.36 9.98
N LEU D 82 8.61 -10.26 11.29
CA LEU D 82 9.62 -10.60 12.28
C LEU D 82 9.41 -11.99 12.90
N ILE D 83 10.44 -12.81 12.85
CA ILE D 83 10.42 -14.11 13.54
C ILE D 83 10.94 -13.90 14.96
N LEU D 84 10.08 -14.12 15.96
CA LEU D 84 10.41 -13.77 17.34
C LEU D 84 11.31 -14.77 18.05
N GLY D 85 11.43 -15.97 17.49
CA GLY D 85 12.15 -17.02 18.18
C GLY D 85 13.31 -17.57 17.38
N TYR D 86 13.96 -18.58 17.94
CA TYR D 86 15.10 -19.23 17.29
C TYR D 86 14.76 -19.72 15.90
N THR D 87 15.64 -19.47 14.94
CA THR D 87 15.55 -20.16 13.66
C THR D 87 16.89 -20.83 13.44
N SER D 88 16.85 -22.11 13.06
CA SER D 88 18.08 -22.83 12.76
C SER D 88 18.88 -22.11 11.67
N PRO D 89 20.16 -21.84 11.95
CA PRO D 89 21.00 -21.18 10.94
C PRO D 89 21.11 -22.01 9.65
N SER D 90 20.82 -23.30 9.74
CA SER D 90 20.79 -24.14 8.55
C SER D 90 19.71 -23.68 7.55
N ARG D 91 18.78 -22.86 8.02
CA ARG D 91 17.74 -22.36 7.13
C ARG D 91 17.97 -20.90 6.71
N ALA D 92 19.22 -20.47 6.74
CA ALA D 92 19.55 -19.08 6.40
C ALA D 92 19.14 -18.71 4.98
N LYS D 93 19.25 -19.64 4.05
CA LYS D 93 18.88 -19.38 2.66
C LYS D 93 17.39 -19.03 2.54
N GLU D 94 16.57 -19.69 3.35
CA GLU D 94 15.14 -19.44 3.36
C GLU D 94 14.81 -18.09 4.01
N LEU D 95 15.56 -17.70 5.05
CA LEU D 95 15.37 -16.39 5.66
C LEU D 95 15.63 -15.31 4.61
N CYS D 96 16.69 -15.51 3.84
CA CYS D 96 17.07 -14.58 2.79
C CYS D 96 16.02 -14.56 1.68
N LYS D 97 15.69 -15.73 1.15
CA LYS D 97 14.76 -15.84 0.04
C LYS D 97 13.40 -15.22 0.32
N TYR D 98 12.86 -15.53 1.50
CA TYR D 98 11.50 -15.11 1.85
C TYR D 98 11.48 -13.73 2.55
N GLU D 99 12.64 -13.09 2.57
CA GLU D 99 12.80 -11.77 3.18
C GLU D 99 12.18 -11.74 4.57
N LEU D 100 12.61 -12.65 5.42
CA LEU D 100 12.09 -12.73 6.75
C LEU D 100 13.10 -12.13 7.71
N THR D 101 12.59 -11.35 8.66
CA THR D 101 13.44 -10.69 9.63
C THR D 101 13.60 -11.60 10.83
N GLN D 102 14.84 -11.91 11.17
CA GLN D 102 15.14 -12.88 12.23
C GLN D 102 15.52 -12.20 13.54
N THR D 103 14.97 -12.67 14.64
CA THR D 103 15.47 -12.22 15.95
C THR D 103 16.87 -12.78 16.22
N LEU D 104 17.79 -11.91 16.64
CA LEU D 104 19.10 -12.34 17.10
C LEU D 104 18.96 -12.61 18.60
N ILE D 105 19.03 -13.88 18.99
CA ILE D 105 18.69 -14.25 20.37
C ILE D 105 19.87 -14.20 21.32
N ASP D 106 21.07 -14.34 20.79
CA ASP D 106 22.29 -13.99 21.52
C ASP D 106 23.52 -13.88 20.60
N TYR D 107 24.67 -13.49 21.16
CA TYR D 107 25.86 -13.27 20.36
C TYR D 107 26.28 -14.52 19.60
N ARG D 108 26.34 -15.65 20.31
CA ARG D 108 26.75 -16.92 19.73
C ARG D 108 25.87 -17.26 18.54
N TYR D 109 24.56 -17.17 18.75
CA TYR D 109 23.63 -17.40 17.67
C TYR D 109 23.91 -16.48 16.48
N SER D 110 24.14 -15.20 16.76
CA SER D 110 24.40 -14.24 15.70
C SER D 110 25.62 -14.59 14.87
N LEU D 111 26.71 -14.94 15.53
CA LEU D 111 27.94 -15.31 14.81
C LEU D 111 27.67 -16.48 13.90
N LEU D 112 26.95 -17.46 14.43
CA LEU D 112 26.64 -18.63 13.65
C LEU D 112 25.80 -18.26 12.42
N LEU D 113 24.75 -17.46 12.62
CA LEU D 113 23.85 -17.11 11.53
C LEU D 113 24.62 -16.39 10.42
N ASN D 114 25.48 -15.44 10.83
CA ASN D 114 26.33 -14.69 9.90
C ASN D 114 27.23 -15.60 9.08
N LYS D 115 27.75 -16.64 9.73
CA LYS D 115 28.63 -17.61 9.10
C LYS D 115 27.99 -18.32 7.91
N GLN D 116 26.64 -18.34 7.87
CA GLN D 116 25.96 -19.08 6.81
C GLN D 116 26.17 -18.43 5.46
N GLY D 117 26.46 -17.13 5.46
CA GLY D 117 26.84 -16.44 4.24
C GLY D 117 25.72 -15.74 3.49
N TYR D 118 24.50 -15.80 4.02
CA TYR D 118 23.38 -15.13 3.37
C TYR D 118 23.04 -13.80 4.04
N ASP D 119 22.81 -12.78 3.22
CA ASP D 119 22.40 -11.48 3.75
C ASP D 119 21.00 -11.57 4.33
N ILE D 120 20.92 -11.29 5.62
CA ILE D 120 19.67 -11.46 6.34
C ILE D 120 19.36 -10.20 7.13
N LYS D 121 18.10 -9.79 7.14
CA LYS D 121 17.71 -8.66 7.96
C LYS D 121 17.35 -9.18 9.35
N ALA D 122 17.69 -8.43 10.39
CA ALA D 122 17.50 -8.92 11.75
C ALA D 122 17.10 -7.82 12.72
N HIS D 123 16.47 -8.22 13.82
CA HIS D 123 16.29 -7.36 14.98
C HIS D 123 17.01 -8.00 16.14
N ILE D 124 17.83 -7.22 16.84
CA ILE D 124 18.55 -7.75 17.98
C ILE D 124 17.68 -7.67 19.23
N LYS D 125 17.68 -8.73 20.01
CA LYS D 125 16.87 -8.75 21.20
C LYS D 125 17.73 -8.57 22.42
N ILE D 126 17.27 -7.75 23.34
CA ILE D 126 18.03 -7.46 24.55
C ILE D 126 17.28 -8.04 25.72
N ASP D 127 17.96 -8.80 26.57
CA ASP D 127 17.36 -9.29 27.81
C ASP D 127 17.48 -8.23 28.88
N THR D 128 16.35 -7.64 29.26
CA THR D 128 16.36 -6.58 30.25
C THR D 128 15.77 -7.04 31.58
N GLY D 129 15.66 -8.36 31.77
CA GLY D 129 15.17 -8.90 33.04
C GLY D 129 14.31 -10.14 32.91
N MSE D 130 13.79 -10.40 31.71
CA MSE D 130 13.01 -11.61 31.46
C MSE D 130 13.86 -12.86 31.67
O MSE D 130 13.37 -13.89 32.16
CB MSE D 130 12.44 -11.58 30.05
CG MSE D 130 11.82 -12.88 29.58
SE MSE D 130 10.10 -12.56 28.76
CE MSE D 130 9.25 -11.94 30.38
N HIS D 131 15.14 -12.77 31.30
CA HIS D 131 16.10 -13.87 31.43
C HIS D 131 15.68 -15.11 30.66
N ARG D 132 15.08 -14.90 29.49
CA ARG D 132 14.86 -15.98 28.55
C ARG D 132 15.78 -15.78 27.35
N LEU D 133 15.26 -15.19 26.27
CA LEU D 133 16.09 -14.90 25.10
C LEU D 133 16.71 -13.50 25.17
N GLY D 134 17.83 -13.32 24.47
CA GLY D 134 18.37 -11.98 24.26
C GLY D 134 19.79 -11.79 24.76
N PHE D 135 20.49 -10.82 24.18
CA PHE D 135 21.79 -10.38 24.67
C PHE D 135 21.59 -9.76 26.04
N SER D 136 22.53 -9.98 26.94
CA SER D 136 22.51 -9.37 28.26
C SER D 136 22.91 -7.89 28.19
N THR D 137 22.37 -7.06 29.08
CA THR D 137 22.68 -5.63 29.06
C THR D 137 24.12 -5.34 29.50
N GLU D 138 24.73 -6.28 30.23
CA GLU D 138 26.08 -6.04 30.71
C GLU D 138 27.11 -6.46 29.67
N ASP D 139 26.64 -7.10 28.61
CA ASP D 139 27.53 -7.54 27.53
C ASP D 139 27.45 -6.55 26.38
N LYS D 140 27.78 -5.29 26.67
CA LYS D 140 27.59 -4.22 25.69
C LYS D 140 28.43 -4.43 24.42
N ASP D 141 29.59 -5.06 24.57
CA ASP D 141 30.50 -5.23 23.44
C ASP D 141 30.01 -6.28 22.44
N LYS D 142 29.44 -7.36 22.95
CA LYS D 142 28.74 -8.33 22.12
C LYS D 142 27.55 -7.68 21.37
N ILE D 143 26.76 -6.89 22.09
CA ILE D 143 25.68 -6.13 21.45
C ILE D 143 26.25 -5.29 20.31
N LEU D 144 27.24 -4.45 20.63
CA LEU D 144 27.87 -3.61 19.62
C LEU D 144 28.46 -4.43 18.45
N ALA D 145 29.13 -5.54 18.78
CA ALA D 145 29.74 -6.40 17.76
C ALA D 145 28.73 -6.92 16.74
N ALA D 146 27.52 -7.20 17.21
CA ALA D 146 26.45 -7.73 16.36
C ALA D 146 26.03 -6.76 15.25
N PHE D 147 26.33 -5.47 15.43
CA PHE D 147 26.05 -4.49 14.39
C PHE D 147 27.15 -4.45 13.33
N SER D 148 28.20 -5.23 13.55
CA SER D 148 29.30 -5.29 12.60
C SER D 148 29.46 -6.68 11.97
N LEU D 149 28.36 -7.37 11.76
CA LEU D 149 28.40 -8.67 11.08
C LEU D 149 28.05 -8.50 9.61
N LYS D 150 28.97 -8.91 8.76
CA LYS D 150 28.93 -8.72 7.31
C LYS D 150 27.59 -9.06 6.65
N HIS D 151 26.97 -10.16 7.07
CA HIS D 151 25.75 -10.64 6.42
C HIS D 151 24.47 -10.41 7.23
N ILE D 152 24.61 -9.74 8.36
CA ILE D 152 23.47 -9.47 9.22
C ILE D 152 23.21 -7.98 9.24
N LYS D 153 22.05 -7.58 8.73
CA LYS D 153 21.67 -6.18 8.71
C LYS D 153 20.68 -5.93 9.83
N VAL D 154 21.15 -5.38 10.93
CA VAL D 154 20.28 -5.09 12.06
C VAL D 154 19.38 -3.87 11.83
N ALA D 155 18.10 -4.11 11.63
CA ALA D 155 17.15 -3.07 11.31
C ALA D 155 16.29 -2.71 12.51
N GLY D 156 16.57 -3.34 13.64
CA GLY D 156 15.82 -3.03 14.84
C GLY D 156 16.42 -3.63 16.08
N ILE D 157 15.93 -3.17 17.23
CA ILE D 157 16.39 -3.69 18.50
C ILE D 157 15.21 -3.69 19.45
N PHE D 158 15.06 -4.75 20.23
CA PHE D 158 13.92 -4.82 21.11
C PHE D 158 14.15 -5.57 22.40
N THR D 159 13.21 -5.42 23.33
CA THR D 159 13.15 -6.22 24.55
C THR D 159 11.72 -6.58 24.92
N HIS D 160 11.56 -7.41 25.94
CA HIS D 160 10.23 -7.83 26.39
C HIS D 160 10.06 -7.47 27.86
N LEU D 161 8.88 -6.95 28.19
CA LEU D 161 8.61 -6.50 29.55
C LEU D 161 7.93 -7.62 30.31
N CYS D 162 8.36 -7.82 31.56
CA CYS D 162 7.88 -8.96 32.33
C CYS D 162 6.47 -8.77 32.87
N ALA D 163 6.15 -7.55 33.27
CA ALA D 163 4.95 -7.35 34.07
C ALA D 163 4.31 -6.01 33.83
N ALA D 164 4.18 -5.64 32.55
CA ALA D 164 3.51 -4.40 32.20
C ALA D 164 2.04 -4.43 32.58
N ASP D 165 1.54 -5.65 32.82
CA ASP D 165 0.12 -5.90 33.10
C ASP D 165 -0.25 -5.69 34.57
N SER D 166 0.73 -5.42 35.43
CA SER D 166 0.42 -5.19 36.83
C SER D 166 0.76 -3.77 37.26
N LEU D 167 -0.08 -3.21 38.13
CA LEU D 167 0.15 -1.88 38.67
C LEU D 167 0.55 -1.97 40.13
N GLU D 168 0.89 -3.18 40.56
CA GLU D 168 1.49 -3.38 41.87
C GLU D 168 2.89 -2.76 41.88
N GLU D 169 3.22 -2.06 42.97
CA GLU D 169 4.40 -1.22 43.05
C GLU D 169 5.71 -1.89 42.65
N ASN D 170 5.92 -3.13 43.09
CA ASN D 170 7.14 -3.86 42.75
C ASN D 170 7.23 -4.24 41.27
N ASP D 171 6.09 -4.58 40.69
CA ASP D 171 6.04 -4.86 39.26
C ASP D 171 6.29 -3.59 38.45
N VAL D 172 5.68 -2.50 38.91
CA VAL D 172 5.92 -1.19 38.32
C VAL D 172 7.40 -0.87 38.41
N ALA D 173 7.94 -1.00 39.62
CA ALA D 173 9.36 -0.78 39.86
C ALA D 173 10.25 -1.59 38.92
N PHE D 174 9.91 -2.87 38.75
CA PHE D 174 10.67 -3.75 37.89
C PHE D 174 10.59 -3.30 36.44
N THR D 175 9.37 -2.94 36.02
CA THR D 175 9.14 -2.59 34.62
C THR D 175 9.94 -1.35 34.27
N ASN D 176 9.92 -0.38 35.17
CA ASN D 176 10.66 0.86 34.94
C ASN D 176 12.17 0.61 34.88
N LYS D 177 12.64 -0.29 35.73
CA LYS D 177 14.04 -0.70 35.71
C LYS D 177 14.43 -1.38 34.39
N GLN D 178 13.56 -2.26 33.88
CA GLN D 178 13.76 -2.86 32.56
C GLN D 178 13.86 -1.78 31.47
N ILE D 179 12.92 -0.84 31.50
CA ILE D 179 12.91 0.24 30.52
C ILE D 179 14.19 1.09 30.61
N GLY D 180 14.56 1.47 31.82
CA GLY D 180 15.77 2.25 32.06
C GLY D 180 17.01 1.51 31.57
N SER D 181 17.03 0.20 31.77
CA SER D 181 18.16 -0.62 31.34
C SER D 181 18.29 -0.64 29.83
N PHE D 182 17.16 -0.71 29.15
CA PHE D 182 17.15 -0.75 27.69
C PHE D 182 17.76 0.52 27.13
N TYR D 183 17.35 1.66 27.68
CA TYR D 183 17.82 2.96 27.19
C TYR D 183 19.29 3.22 27.55
N LYS D 184 19.74 2.65 28.66
CA LYS D 184 21.17 2.68 28.98
C LYS D 184 21.98 2.01 27.87
N VAL D 185 21.49 0.88 27.37
CA VAL D 185 22.16 0.21 26.27
C VAL D 185 22.14 1.08 25.03
N LEU D 186 20.97 1.63 24.71
CA LEU D 186 20.85 2.53 23.58
C LEU D 186 21.83 3.70 23.67
N ASP D 187 21.92 4.32 24.85
CA ASP D 187 22.79 5.46 25.07
C ASP D 187 24.27 5.08 24.93
N TRP D 188 24.63 3.94 25.50
CA TRP D 188 25.99 3.45 25.39
C TRP D 188 26.31 3.20 23.92
N LEU D 189 25.38 2.58 23.20
CA LEU D 189 25.55 2.35 21.77
C LEU D 189 25.71 3.65 20.98
N LYS D 190 24.88 4.64 21.29
CA LYS D 190 24.97 5.92 20.59
C LYS D 190 26.38 6.50 20.77
N SER D 191 26.86 6.47 22.01
CA SER D 191 28.21 6.97 22.34
C SER D 191 29.28 6.34 21.46
N SER D 192 29.06 5.09 21.08
CA SER D 192 29.99 4.38 20.22
C SER D 192 29.91 4.84 18.77
N GLY D 193 28.96 5.72 18.47
CA GLY D 193 28.83 6.25 17.13
C GLY D 193 27.76 5.55 16.30
N LEU D 194 27.10 4.57 16.92
CA LEU D 194 26.08 3.81 16.22
C LEU D 194 24.79 4.60 16.03
N ASN D 195 24.27 4.60 14.81
CA ASN D 195 22.93 5.11 14.54
C ASN D 195 21.91 4.05 14.97
N ILE D 196 21.23 4.34 16.08
CA ILE D 196 20.26 3.41 16.65
C ILE D 196 19.12 3.15 15.67
N PRO D 197 18.82 1.87 15.39
CA PRO D 197 17.74 1.50 14.45
C PRO D 197 16.36 1.55 15.11
N LYS D 198 15.34 1.03 14.43
CA LYS D 198 13.99 1.03 14.99
C LYS D 198 13.94 0.25 16.31
N VAL D 199 13.14 0.73 17.25
CA VAL D 199 13.09 0.20 18.60
C VAL D 199 11.69 -0.25 18.93
N HIS D 200 11.55 -1.36 19.66
CA HIS D 200 10.25 -1.73 20.24
C HIS D 200 10.37 -2.42 21.60
N ILE D 201 9.50 -2.05 22.52
CA ILE D 201 9.60 -2.48 23.92
C ILE D 201 8.28 -3.09 24.38
N GLN D 202 7.19 -2.65 23.76
CA GLN D 202 5.85 -2.90 24.28
C GLN D 202 5.09 -3.99 23.58
N SER D 203 4.40 -4.78 24.38
CA SER D 203 3.32 -5.60 23.88
C SER D 203 2.03 -4.90 24.26
N SER D 204 0.92 -5.63 24.21
CA SER D 204 -0.41 -5.07 24.48
C SER D 204 -0.45 -4.28 25.78
N TYR D 205 -0.01 -4.87 26.88
CA TYR D 205 -0.11 -4.15 28.15
C TYR D 205 0.95 -3.05 28.27
N GLY D 206 2.02 -3.15 27.47
CA GLY D 206 2.98 -2.07 27.35
C GLY D 206 2.32 -0.81 26.82
N LEU D 207 1.45 -0.98 25.82
CA LEU D 207 0.69 0.15 25.27
C LEU D 207 -0.35 0.64 26.27
N LEU D 208 -1.05 -0.29 26.90
CA LEU D 208 -2.16 0.07 27.78
C LEU D 208 -1.72 0.72 29.09
N ASN D 209 -0.60 0.26 29.64
CA ASN D 209 -0.17 0.73 30.95
C ASN D 209 1.05 1.63 30.92
N TYR D 210 1.72 1.67 29.77
CA TYR D 210 2.90 2.51 29.63
C TYR D 210 2.79 3.32 28.34
N PRO D 211 1.66 4.05 28.17
CA PRO D 211 1.44 4.73 26.91
C PRO D 211 2.45 5.84 26.70
N GLU D 212 3.06 6.30 27.78
CA GLU D 212 4.09 7.37 27.68
C GLU D 212 5.32 6.94 26.88
N LEU D 213 5.59 5.64 26.80
CA LEU D 213 6.71 5.15 26.01
C LEU D 213 6.50 5.49 24.55
N GLU D 214 7.57 5.83 23.85
N GLU D 214 7.58 5.80 23.84
CA GLU D 214 7.46 6.08 22.42
CA GLU D 214 7.49 6.10 22.43
C GLU D 214 8.52 5.30 21.65
C GLU D 214 8.52 5.31 21.63
N CYS D 215 8.07 4.31 20.88
CA CYS D 215 8.97 3.48 20.10
C CYS D 215 8.51 3.40 18.66
N ASP D 216 9.17 2.56 17.87
CA ASP D 216 8.83 2.46 16.45
C ASP D 216 7.79 1.38 16.13
N TYR D 217 7.60 0.44 17.06
CA TYR D 217 6.53 -0.55 16.94
C TYR D 217 5.94 -0.86 18.29
N ILE D 218 4.68 -1.26 18.26
CA ILE D 218 4.11 -1.98 19.38
C ILE D 218 3.68 -3.35 18.85
N ARG D 219 4.06 -4.40 19.58
CA ARG D 219 3.73 -5.76 19.18
C ARG D 219 2.40 -6.09 19.82
N VAL D 220 1.32 -6.03 19.05
CA VAL D 220 0.02 -6.29 19.65
CA VAL D 220 0.00 -6.28 19.63
C VAL D 220 -0.49 -7.73 19.41
N GLY D 221 -0.70 -8.43 20.52
CA GLY D 221 -1.28 -9.75 20.50
C GLY D 221 -2.71 -9.64 21.00
N VAL D 222 -2.92 -9.92 22.28
CA VAL D 222 -4.25 -10.05 22.84
C VAL D 222 -5.16 -8.88 22.55
N ALA D 223 -4.63 -7.66 22.69
CA ALA D 223 -5.43 -6.47 22.48
C ALA D 223 -5.94 -6.42 21.04
N LEU D 224 -5.09 -6.83 20.09
CA LEU D 224 -5.52 -6.91 18.70
C LEU D 224 -6.81 -7.75 18.55
N TYR D 225 -6.86 -8.87 19.26
CA TYR D 225 -7.99 -9.80 19.12
C TYR D 225 -9.17 -9.40 20.00
N GLY D 226 -9.05 -8.23 20.62
CA GLY D 226 -10.15 -7.63 21.35
C GLY D 226 -10.39 -8.29 22.67
N VAL D 227 -9.35 -8.90 23.22
CA VAL D 227 -9.46 -9.48 24.54
C VAL D 227 -8.29 -9.04 25.40
N LEU D 228 -8.50 -9.11 26.71
CA LEU D 228 -7.41 -8.91 27.65
C LEU D 228 -7.07 -10.27 28.23
N SER D 229 -5.89 -10.38 28.87
CA SER D 229 -5.38 -11.66 29.36
C SER D 229 -6.24 -12.21 30.50
N SER D 230 -6.93 -11.30 31.17
CA SER D 230 -7.81 -11.63 32.28
C SER D 230 -8.95 -10.62 32.42
N THR D 231 -9.81 -10.84 33.40
CA THR D 231 -10.98 -10.00 33.64
C THR D 231 -10.66 -8.92 34.65
N ASN D 232 -11.11 -7.70 34.37
CA ASN D 232 -10.77 -6.50 35.15
C ASN D 232 -9.30 -6.39 35.57
N ASP D 233 -8.45 -6.00 34.63
CA ASP D 233 -7.08 -5.66 34.93
C ASP D 233 -6.86 -4.17 34.69
N LYS D 234 -7.62 -3.34 35.41
CA LYS D 234 -7.65 -1.88 35.26
C LYS D 234 -6.35 -1.27 34.71
N THR D 235 -6.45 -0.64 33.54
CA THR D 235 -5.29 -0.09 32.84
C THR D 235 -5.32 1.44 32.77
N LYS D 236 -4.18 2.03 32.42
CA LYS D 236 -4.07 3.48 32.28
C LYS D 236 -4.99 3.98 31.16
N LEU D 237 -4.74 3.53 29.94
CA LEU D 237 -5.67 3.77 28.86
C LEU D 237 -6.78 2.74 29.03
N GLU D 238 -7.99 3.06 28.61
CA GLU D 238 -9.07 2.09 28.58
C GLU D 238 -9.71 2.07 27.21
N LEU D 239 -9.13 1.28 26.32
CA LEU D 239 -9.54 1.31 24.92
C LEU D 239 -10.85 0.58 24.72
N ASP D 240 -11.57 0.96 23.66
CA ASP D 240 -12.82 0.31 23.30
C ASP D 240 -12.49 -0.85 22.37
N LEU D 241 -12.13 -1.98 22.97
CA LEU D 241 -11.71 -3.15 22.21
C LEU D 241 -12.86 -4.14 22.07
N ARG D 242 -12.97 -4.75 20.89
CA ARG D 242 -14.11 -5.64 20.66
C ARG D 242 -13.69 -7.07 20.27
N PRO D 243 -14.21 -8.06 20.98
CA PRO D 243 -13.76 -9.45 20.84
C PRO D 243 -13.95 -9.93 19.41
N VAL D 244 -12.92 -10.52 18.83
CA VAL D 244 -12.96 -11.00 17.46
C VAL D 244 -13.53 -12.45 17.35
N LEU D 245 -13.24 -13.29 18.35
CA LEU D 245 -13.51 -14.73 18.23
C LEU D 245 -14.71 -15.15 19.03
N SER D 246 -15.58 -15.92 18.39
CA SER D 246 -16.63 -16.61 19.11
CA SER D 246 -16.66 -16.62 19.07
C SER D 246 -16.52 -18.10 18.81
N LEU D 247 -16.89 -18.92 19.80
CA LEU D 247 -16.83 -20.37 19.63
C LEU D 247 -18.24 -20.96 19.69
N LYS D 248 -18.61 -21.77 18.69
CA LYS D 248 -19.99 -22.26 18.57
C LYS D 248 -20.07 -23.77 18.33
N ALA D 249 -21.15 -24.37 18.79
CA ALA D 249 -21.43 -25.80 18.54
C ALA D 249 -22.93 -26.01 18.46
N LYS D 250 -23.34 -26.99 17.67
CA LYS D 250 -24.78 -27.26 17.50
C LYS D 250 -25.25 -28.48 18.26
N VAL D 251 -26.41 -28.36 18.91
CA VAL D 251 -26.96 -29.47 19.69
C VAL D 251 -27.33 -30.67 18.79
N VAL D 252 -26.86 -31.86 19.17
CA VAL D 252 -27.11 -33.07 18.37
C VAL D 252 -28.12 -34.04 18.97
N LEU D 253 -28.52 -33.79 20.22
CA LEU D 253 -29.42 -34.68 20.94
C LEU D 253 -29.84 -34.04 22.26
N ILE D 254 -31.09 -34.26 22.65
CA ILE D 254 -31.53 -33.80 23.96
C ILE D 254 -32.08 -35.04 24.64
N ARG D 255 -31.95 -35.10 25.96
CA ARG D 255 -32.29 -36.31 26.69
C ARG D 255 -32.77 -35.95 28.09
N LYS D 256 -33.84 -36.61 28.53
CA LYS D 256 -34.38 -36.40 29.87
C LYS D 256 -33.61 -37.23 30.90
N ILE D 257 -33.38 -36.64 32.08
CA ILE D 257 -32.62 -37.30 33.14
C ILE D 257 -33.40 -37.22 34.45
N LYS D 258 -33.70 -38.38 35.03
CA LYS D 258 -34.43 -38.46 36.30
C LYS D 258 -33.54 -38.02 37.47
N GLN D 259 -34.17 -37.49 38.52
CA GLN D 259 -33.46 -37.12 39.74
C GLN D 259 -32.67 -38.30 40.29
N GLY D 260 -31.38 -38.11 40.49
CA GLY D 260 -30.52 -39.15 41.06
C GLY D 260 -29.82 -39.98 40.00
N GLU D 261 -30.22 -39.81 38.75
CA GLU D 261 -29.49 -40.43 37.65
C GLU D 261 -28.23 -39.63 37.38
N SER D 262 -27.38 -40.13 36.49
CA SER D 262 -26.09 -39.49 36.26
C SER D 262 -25.80 -39.37 34.77
N VAL D 263 -24.87 -38.47 34.43
CA VAL D 263 -24.36 -38.40 33.06
C VAL D 263 -22.88 -38.76 33.07
N GLY D 264 -22.51 -39.75 32.29
CA GLY D 264 -21.17 -40.31 32.36
C GLY D 264 -21.01 -41.02 33.69
N TYR D 265 -19.89 -40.76 34.36
CA TYR D 265 -19.44 -41.51 35.53
C TYR D 265 -19.85 -40.90 36.87
N PHE D 269 -21.56 -36.23 37.60
CA PHE D 269 -22.81 -35.47 37.68
C PHE D 269 -23.97 -36.30 38.21
N THR D 270 -24.68 -35.76 39.19
CA THR D 270 -25.87 -36.41 39.72
C THR D 270 -27.01 -35.38 39.79
N ALA D 271 -28.04 -35.62 39.00
CA ALA D 271 -29.19 -34.73 38.95
C ALA D 271 -29.87 -34.58 40.31
N THR D 272 -29.93 -33.35 40.79
CA THR D 272 -30.59 -33.05 42.06
C THR D 272 -32.08 -32.82 41.83
N ARG D 273 -32.47 -32.84 40.56
CA ARG D 273 -33.86 -32.74 40.14
C ARG D 273 -33.96 -33.40 38.77
N ASP D 274 -35.18 -33.71 38.33
CA ASP D 274 -35.40 -34.16 36.96
C ASP D 274 -34.87 -33.09 36.01
N SER D 275 -34.08 -33.50 35.03
CA SER D 275 -33.34 -32.53 34.24
C SER D 275 -33.43 -32.79 32.75
N LEU D 276 -33.14 -31.77 31.95
CA LEU D 276 -32.96 -31.94 30.51
C LEU D 276 -31.50 -31.71 30.17
N ILE D 277 -30.96 -32.58 29.32
CA ILE D 277 -29.55 -32.54 28.95
C ILE D 277 -29.40 -32.38 27.46
N ALA D 278 -28.52 -31.47 27.04
CA ALA D 278 -28.23 -31.30 25.62
C ALA D 278 -26.82 -31.77 25.32
N ILE D 279 -26.67 -32.56 24.27
CA ILE D 279 -25.35 -33.04 23.86
C ILE D 279 -24.79 -32.14 22.77
N LEU D 280 -23.58 -31.64 23.02
CA LEU D 280 -22.81 -30.82 22.07
C LEU D 280 -21.56 -31.59 21.59
N PRO D 281 -21.34 -31.61 20.26
CA PRO D 281 -20.29 -32.37 19.58
C PRO D 281 -18.99 -31.59 19.55
N ILE D 282 -18.58 -31.09 20.70
CA ILE D 282 -17.26 -30.49 20.84
C ILE D 282 -16.65 -31.00 22.13
N GLY D 283 -15.35 -31.26 22.13
CA GLY D 283 -14.71 -31.75 23.33
C GLY D 283 -13.34 -31.13 23.55
N TYR D 284 -12.58 -31.69 24.48
CA TYR D 284 -11.26 -31.12 24.78
C TYR D 284 -10.27 -31.21 23.62
N ALA D 285 -10.42 -32.21 22.75
CA ALA D 285 -9.56 -32.29 21.57
C ALA D 285 -9.81 -31.14 20.61
N ASP D 286 -10.99 -30.52 20.71
CA ASP D 286 -11.25 -29.30 19.94
C ASP D 286 -10.68 -28.06 20.65
N GLY D 287 -10.01 -28.29 21.77
CA GLY D 287 -9.37 -27.22 22.49
C GLY D 287 -10.28 -26.55 23.50
N PHE D 288 -11.46 -27.11 23.71
CA PHE D 288 -12.29 -26.64 24.82
C PHE D 288 -11.91 -27.41 26.09
N PRO D 289 -11.23 -26.73 27.03
CA PRO D 289 -10.51 -27.39 28.13
C PRO D 289 -11.32 -28.35 29.01
N ARG D 290 -10.73 -29.51 29.29
CA ARG D 290 -11.40 -30.52 30.10
C ARG D 290 -11.68 -30.01 31.50
N ASN D 291 -10.82 -29.13 32.01
CA ASN D 291 -11.04 -28.61 33.36
C ASN D 291 -12.24 -27.63 33.48
N LEU D 292 -13.01 -27.49 32.41
CA LEU D 292 -14.26 -26.74 32.51
C LEU D 292 -15.42 -27.68 32.84
N SER D 293 -15.08 -28.93 33.10
CA SER D 293 -16.05 -29.95 33.53
C SER D 293 -16.77 -29.57 34.80
N CYS D 294 -17.84 -30.29 35.11
CA CYS D 294 -18.55 -30.22 36.38
C CYS D 294 -18.90 -28.80 36.83
N GLY D 295 -19.62 -28.09 35.97
CA GLY D 295 -20.12 -26.77 36.30
C GLY D 295 -19.08 -25.67 36.41
N ASN D 296 -17.88 -25.91 35.90
CA ASN D 296 -16.85 -24.88 35.92
C ASN D 296 -17.02 -23.81 34.84
N SER D 297 -17.83 -24.11 33.82
CA SER D 297 -18.33 -23.11 32.91
C SER D 297 -19.77 -23.43 32.48
N TYR D 298 -20.31 -22.60 31.60
CA TYR D 298 -21.65 -22.80 31.03
C TYR D 298 -21.62 -22.33 29.58
N VAL D 299 -22.60 -22.73 28.80
CA VAL D 299 -22.71 -22.23 27.44
C VAL D 299 -23.97 -21.37 27.40
N LEU D 300 -24.12 -20.60 26.33
CA LEU D 300 -25.32 -19.83 26.12
C LEU D 300 -26.16 -20.48 25.04
N ILE D 301 -27.40 -20.77 25.38
CA ILE D 301 -28.34 -21.34 24.41
C ILE D 301 -29.64 -20.60 24.55
N GLY D 302 -30.16 -20.11 23.43
CA GLY D 302 -31.38 -19.33 23.43
C GLY D 302 -31.27 -18.13 24.34
N GLY D 303 -30.06 -17.61 24.46
CA GLY D 303 -29.83 -16.42 25.28
C GLY D 303 -29.69 -16.72 26.77
N ARG D 304 -29.70 -17.99 27.13
CA ARG D 304 -29.63 -18.33 28.55
C ARG D 304 -28.49 -19.28 28.90
N GLN D 305 -28.15 -19.31 30.18
CA GLN D 305 -26.98 -20.06 30.65
C GLN D 305 -27.28 -21.54 30.85
N ALA D 306 -26.46 -22.38 30.23
CA ALA D 306 -26.59 -23.82 30.38
C ALA D 306 -25.29 -24.41 30.93
N PRO D 307 -25.28 -24.68 32.24
CA PRO D 307 -24.12 -25.26 32.93
C PRO D 307 -23.60 -26.53 32.26
N ILE D 308 -22.28 -26.67 32.19
CA ILE D 308 -21.67 -27.91 31.73
C ILE D 308 -21.88 -28.97 32.81
N VAL D 309 -22.35 -30.15 32.40
CA VAL D 309 -22.65 -31.23 33.33
C VAL D 309 -21.72 -32.43 33.13
N GLY D 310 -21.19 -32.95 34.22
CA GLY D 310 -20.27 -34.07 34.15
C GLY D 310 -18.97 -33.74 33.45
N LYS D 311 -18.25 -34.78 33.04
CA LYS D 311 -16.94 -34.58 32.42
C LYS D 311 -17.03 -34.22 30.95
N ILE D 312 -16.23 -33.23 30.55
CA ILE D 312 -16.03 -32.97 29.13
C ILE D 312 -15.22 -34.12 28.52
N CYS D 313 -15.75 -34.71 27.45
CA CYS D 313 -15.12 -35.81 26.74
C CYS D 313 -14.21 -35.31 25.62
N MSE D 314 -13.53 -36.23 24.93
CA MSE D 314 -12.61 -35.83 23.86
C MSE D 314 -13.30 -35.11 22.71
O MSE D 314 -12.73 -34.21 22.10
CB MSE D 314 -11.85 -37.06 23.33
CG MSE D 314 -10.72 -36.70 22.37
SE MSE D 314 -9.61 -38.19 21.74
CE MSE D 314 -8.96 -38.83 23.45
N ASP D 315 -14.54 -35.50 22.42
CA ASP D 315 -15.16 -35.03 21.19
C ASP D 315 -16.55 -34.51 21.43
N GLN D 316 -16.97 -34.47 22.69
CA GLN D 316 -18.34 -34.10 22.99
C GLN D 316 -18.53 -33.75 24.46
N LEU D 317 -19.64 -33.10 24.77
CA LEU D 317 -19.95 -32.75 26.14
C LEU D 317 -21.46 -32.54 26.32
N ALA D 318 -21.89 -32.41 27.56
CA ALA D 318 -23.30 -32.26 27.89
C ALA D 318 -23.51 -31.00 28.71
N VAL D 319 -24.60 -30.29 28.42
CA VAL D 319 -24.96 -29.12 29.20
C VAL D 319 -26.38 -29.26 29.74
N ASP D 320 -26.64 -28.64 30.89
CA ASP D 320 -27.95 -28.71 31.52
C ASP D 320 -28.88 -27.65 30.95
N VAL D 321 -29.90 -28.09 30.21
CA VAL D 321 -30.88 -27.15 29.67
C VAL D 321 -32.25 -27.30 30.31
N THR D 322 -32.27 -27.75 31.57
CA THR D 322 -33.53 -27.98 32.29
C THR D 322 -34.39 -26.73 32.30
N ASP D 323 -33.76 -25.58 32.48
CA ASP D 323 -34.48 -24.31 32.58
C ASP D 323 -34.56 -23.60 31.25
N ILE D 324 -34.10 -24.26 30.19
CA ILE D 324 -34.21 -23.65 28.86
C ILE D 324 -35.15 -24.46 27.96
N PRO D 325 -36.46 -24.35 28.19
CA PRO D 325 -37.33 -24.58 27.04
C PRO D 325 -37.19 -23.38 26.08
N ASN D 326 -37.14 -23.62 24.78
CA ASN D 326 -37.32 -24.96 24.23
C ASN D 326 -36.20 -25.32 23.27
N VAL D 327 -35.07 -25.75 23.82
CA VAL D 327 -33.90 -26.09 23.01
C VAL D 327 -34.23 -27.25 22.06
N LYS D 328 -33.72 -27.17 20.84
CA LYS D 328 -33.98 -28.19 19.84
C LYS D 328 -32.66 -28.79 19.38
N THR D 329 -32.73 -29.95 18.74
CA THR D 329 -31.62 -30.44 17.95
C THR D 329 -31.36 -29.39 16.87
N GLY D 330 -30.12 -28.96 16.73
CA GLY D 330 -29.77 -27.94 15.74
C GLY D 330 -29.64 -26.54 16.31
N SER D 331 -30.12 -26.34 17.53
CA SER D 331 -29.94 -25.10 18.27
C SER D 331 -28.45 -24.80 18.40
N ILE D 332 -28.09 -23.52 18.31
CA ILE D 332 -26.69 -23.12 18.40
C ILE D 332 -26.29 -22.79 19.84
N ALA D 333 -25.23 -23.44 20.31
CA ALA D 333 -24.63 -23.13 21.60
C ALA D 333 -23.42 -22.21 21.46
N THR D 334 -23.37 -21.17 22.28
CA THR D 334 -22.22 -20.25 22.27
C THR D 334 -21.34 -20.57 23.47
N LEU D 335 -20.15 -21.08 23.22
CA LEU D 335 -19.24 -21.46 24.30
C LEU D 335 -18.32 -20.30 24.65
N ILE D 336 -17.98 -19.51 23.64
CA ILE D 336 -17.32 -18.23 23.83
C ILE D 336 -18.05 -17.27 22.92
N GLY D 337 -18.57 -16.20 23.50
CA GLY D 337 -19.16 -15.15 22.70
C GLY D 337 -20.44 -14.58 23.28
N LYS D 338 -21.21 -13.94 22.42
CA LYS D 338 -22.38 -13.19 22.85
C LYS D 338 -23.63 -13.84 22.32
N ASP D 339 -24.65 -13.91 23.16
CA ASP D 339 -25.93 -14.50 22.76
C ASP D 339 -27.01 -13.65 23.41
N GLY D 340 -27.64 -12.81 22.59
CA GLY D 340 -28.61 -11.84 23.07
C GLY D 340 -27.98 -10.88 24.07
N LYS D 341 -28.58 -10.78 25.25
CA LYS D 341 -28.06 -9.91 26.30
C LYS D 341 -26.83 -10.52 26.98
N GLU D 342 -26.78 -11.85 27.04
CA GLU D 342 -25.72 -12.55 27.74
C GLU D 342 -24.46 -12.68 26.89
N GLU D 343 -23.31 -12.68 27.55
CA GLU D 343 -22.04 -12.89 26.86
C GLU D 343 -21.08 -13.66 27.75
N ILE D 344 -20.44 -14.67 27.17
CA ILE D 344 -19.47 -15.45 27.91
C ILE D 344 -18.13 -15.24 27.22
N THR D 345 -17.30 -14.38 27.79
CA THR D 345 -16.11 -13.92 27.11
C THR D 345 -14.95 -14.85 27.30
N ALA D 346 -13.96 -14.75 26.41
CA ALA D 346 -12.73 -15.51 26.53
C ALA D 346 -12.03 -15.29 27.87
N PRO D 347 -11.89 -14.03 28.32
CA PRO D 347 -11.31 -13.86 29.65
C PRO D 347 -12.07 -14.57 30.77
N MSE D 348 -13.39 -14.63 30.68
CA MSE D 348 -14.19 -15.32 31.68
C MSE D 348 -13.94 -16.83 31.62
O MSE D 348 -13.71 -17.48 32.65
CB MSE D 348 -15.68 -15.02 31.51
CG MSE D 348 -16.03 -13.56 31.78
SE MSE D 348 -17.82 -13.03 31.17
CE MSE D 348 -18.91 -13.94 32.52
N VAL D 349 -13.99 -17.39 30.41
CA VAL D 349 -13.73 -18.82 30.23
C VAL D 349 -12.30 -19.16 30.66
N ALA D 350 -11.34 -18.32 30.25
CA ALA D 350 -9.96 -18.56 30.65
C ALA D 350 -9.82 -18.52 32.16
N GLU D 351 -10.54 -17.61 32.81
CA GLU D 351 -10.46 -17.51 34.26
C GLU D 351 -11.03 -18.76 34.92
N SER D 352 -12.13 -19.26 34.37
CA SER D 352 -12.72 -20.50 34.87
C SER D 352 -11.77 -21.66 34.70
N ALA D 353 -10.97 -21.62 33.63
CA ALA D 353 -10.04 -22.70 33.35
C ALA D 353 -8.72 -22.55 34.09
N GLU D 354 -8.64 -21.57 35.00
CA GLU D 354 -7.44 -21.32 35.79
C GLU D 354 -6.29 -20.95 34.84
N SER D 355 -6.66 -20.30 33.75
CA SER D 355 -5.74 -20.05 32.65
C SER D 355 -5.71 -18.57 32.31
N ILE D 356 -5.19 -18.26 31.13
CA ILE D 356 -5.21 -16.90 30.63
C ILE D 356 -5.72 -16.96 29.21
N THR D 357 -6.24 -15.83 28.75
CA THR D 357 -6.83 -15.73 27.44
C THR D 357 -5.89 -16.23 26.34
N ASN D 358 -4.61 -15.89 26.46
CA ASN D 358 -3.61 -16.30 25.48
C ASN D 358 -3.55 -17.83 25.27
N GLU D 359 -3.59 -18.56 26.37
CA GLU D 359 -3.58 -20.02 26.26
C GLU D 359 -4.90 -20.55 25.69
N LEU D 360 -6.02 -20.08 26.24
CA LEU D 360 -7.33 -20.54 25.80
C LEU D 360 -7.50 -20.44 24.28
N LEU D 361 -7.15 -19.28 23.74
CA LEU D 361 -7.34 -19.03 22.32
C LEU D 361 -6.28 -19.68 21.43
N SER D 362 -5.02 -19.65 21.84
CA SER D 362 -4.00 -20.21 20.97
C SER D 362 -4.10 -21.72 20.89
N ARG D 363 -4.77 -22.34 21.86
CA ARG D 363 -4.91 -23.79 21.87
C ARG D 363 -6.24 -24.23 21.27
N MSE D 364 -6.89 -23.35 20.54
CA MSE D 364 -8.09 -23.76 19.82
C MSE D 364 -7.68 -24.85 18.83
O MSE D 364 -6.69 -24.70 18.10
CB MSE D 364 -8.75 -22.55 19.15
CG MSE D 364 -9.46 -21.63 20.16
SE MSE D 364 -11.16 -22.42 20.80
CE MSE D 364 -10.97 -22.24 22.73
N GLY D 365 -8.42 -25.95 18.83
CA GLY D 365 -8.02 -27.15 18.10
C GLY D 365 -8.11 -26.99 16.61
N HIS D 366 -7.17 -27.59 15.89
CA HIS D 366 -7.12 -27.53 14.44
C HIS D 366 -8.38 -28.10 13.81
N ARG D 367 -9.08 -28.95 14.56
CA ARG D 367 -10.27 -29.64 14.06
C ARG D 367 -11.46 -28.70 13.83
N LEU D 368 -11.50 -27.58 14.55
CA LEU D 368 -12.58 -26.61 14.41
C LEU D 368 -12.53 -25.93 13.05
N ASN D 369 -13.69 -25.75 12.43
CA ASN D 369 -13.79 -24.94 11.21
C ASN D 369 -13.88 -23.46 11.54
N ILE D 370 -13.30 -22.64 10.67
CA ILE D 370 -13.27 -21.20 10.88
C ILE D 370 -14.11 -20.47 9.82
N ILE D 371 -15.08 -19.70 10.27
CA ILE D 371 -15.87 -18.90 9.35
C ILE D 371 -15.81 -17.41 9.72
N ARG D 372 -15.91 -16.55 8.72
CA ARG D 372 -16.07 -15.12 8.94
C ARG D 372 -17.56 -14.82 8.95
N ARG D 373 -18.06 -14.26 10.05
CA ARG D 373 -19.49 -13.96 10.13
C ARG D 373 -19.90 -12.87 9.14
CL CL E . -12.94 14.86 -26.27
CL CL F . -18.45 24.20 -31.12
S SO4 G . -13.66 27.45 -27.51
O1 SO4 G . -13.64 26.17 -26.79
O2 SO4 G . -14.86 28.19 -27.14
O3 SO4 G . -12.46 28.20 -27.13
O4 SO4 G . -13.63 27.20 -28.94
CL CL H . 22.41 41.07 -23.19
CL CL I . 29.12 30.78 -25.00
S SO4 J . 23.31 28.13 -22.29
O1 SO4 J . 24.31 27.44 -21.47
O2 SO4 J . 22.02 27.45 -22.12
O3 SO4 J . 23.22 29.53 -21.88
O4 SO4 J . 23.71 28.06 -23.70
CL CL K . -14.34 -49.69 28.32
S SO4 L . -9.85 -45.56 25.14
O1 SO4 L . -8.78 -44.65 24.77
O2 SO4 L . -9.48 -46.91 24.70
O3 SO4 L . -10.05 -45.46 26.59
O4 SO4 L . -11.10 -45.21 24.46
CL CL M . -30.54 -21.53 17.56
CL CL N . 4.21 -5.31 27.37
CL CL O . 12.20 -13.73 25.79
S SO4 P . 0.47 -9.82 23.96
O1 SO4 P . -0.50 -10.82 23.52
O2 SO4 P . 0.24 -8.56 23.24
O3 SO4 P . 0.34 -9.59 25.40
O4 SO4 P . 1.81 -10.34 23.65
#